data_7E5Z
#
_entry.id   7E5Z
#
_cell.length_a   1.00
_cell.length_b   1.00
_cell.length_c   1.00
_cell.angle_alpha   90.00
_cell.angle_beta   90.00
_cell.angle_gamma   90.00
#
_symmetry.space_group_name_H-M   'P 1'
#
loop_
_entity.id
_entity.type
_entity.pdbx_description
1 polymer 'Formate dehydrogenase'
2 polymer 'Tungsten-containing formate dehydrogenase beta subunit'
3 non-polymer 'TUNGSTEN ION'
4 non-polymer '2-AMINO-5,6-DIMERCAPTO-7-METHYL-3,7,8A,9-TETRAHYDRO-8-OXA-1,3,9,10-TETRAAZA-ANTHRACEN-4-ONE GUANOSINE DINUCLEOTIDE'
5 non-polymer 'FE2/S2 (INORGANIC) CLUSTER'
6 non-polymer 'IRON/SULFUR CLUSTER'
7 non-polymer 'FLAVIN MONONUCLEOTIDE'
#
loop_
_entity_poly.entity_id
_entity_poly.type
_entity_poly.pdbx_seq_one_letter_code
_entity_poly.pdbx_strand_id
1 'polypeptide(L)'
;MSNGPEPHGNKIEQPEIRADERQDAGGPANGAPSTSGGAYSQGAKSGGQAAPDPSGSYGIKDAPVAPATIAFEFDGQQVE
AQPGETIWAVAKRLGTHIPHLCHKPDPGYRPDGNCRACMVEIEGERVLAASCKRTPAIGMKVKSATERATKARAMVLELL
VADQPERATSHDPSSHFWVQADVLDVTESRFPAAERWTSDVSHPAMSVNLDACIQCNLCVRACREVQVNDVIGMAYRAAG
SKVVFDFDDPMGGSTCVACGECVQACPTGALMPAAYLDANQTRTVYPDREVKSLCPYCGVGCQVSYKVKDERIVYAEGVN
GPANQNRLCVKGRFGFDYVHHPHRLTVPLIRLENVPKDANDQVDPANPWTHFREATWEEALDRAAGGLKAIRDTNGRKAL
AGFGSAKGSNEEAYLFQKLVRLGFGTNNVDHCTRLCHASSVAALMEGLNSGAVTAPFSAALDAEVIVVIGANPTVNHPVA
ATFLKNAVKQRGAKLIIMDPRRQTLSRHAYRHLAFRPGSDVAMLNAMLNVIVTEGLYDEQYIAGYTENFEALREKIVDFT
PEKMASVCGIDAETLREVARLYARAKSSLIFWGMGVSQHVHGTDNSRCLIALALITGQIGRPGTGLHPLRGQNNVQGASD
AGLIPMVYPDYQSVEKDAVRELFEEFWGQSLDPQKGLTVVEIMRAIHAGEIRGMFVEGENPAMSDPDLNHARHALAMLDH
LVVQDLFLTETAFHADVVLPASAFAEKAGTFTNTDRRVQIAQPVVAPPGDARQDWWIIQELARRLDLDWNYGGPADIFAE
MAQVMPSLNNITWERLEREGAVTYPVDAPDQPGNEIIFYAGFPTESGRAKIVPAAIVPPDEVPDDEFPMVLSTGRVLEHW
HTGSMTRRAGVLDALEPEAVAFMAPKELYRLGLRPGGSMRLETRRGAVVLKVRSDRDVPIGMIFMPFCYAEAAANLLTNP
ALDPLGKIPEFKFCAARVVPAEAAPMAAEHHHHHH
;
A
2 'polypeptide(L)'
;MSEASGTVRSFAHPGRGRNVARAVPKGRQVDPHAKVEIEELLGTRPRQRDLLIEHLHLIQDTYGQISADHLAALADEMSL
AFAEVFETATFYAHFDVVKEGEADIPRLTIRVCDSITCAMFGADELLETLQRELASDAVRVVRAPCVGLCDHAPAVEVGH
NFLHRADLASVRAAVEAEDTHAHIPTYVDYDAYRAGGGYATLERLRSGELPVDDVLKVLDDGGLRGLGGAGFPTGRKWRS
VRGEPGPRLMAVNGDEGEPGTFKDQLYLNTDPHRFLEGMLIGAHVVEAADVYIYLRDEYPISREILAREIAKLPEGGTRI
HLRRGAGAYICGEESSLIESLEGKRGLPRHKPPFPFQVGLFNRPTLINNIETLFWVRDLIERGAEWWKSHGRNGRVGLRS
YSVSGRVKEPGVKLAPAGLTIQELIDEYCGGISDGHSFAAYLPGGASGGILPASMNDIPLDFGTLEKYGCFIGSAAVVIL
SDQDDVRGAALNLMKFFEDESCGQCTPCRSGTQKARMLMENGVWDTDLLGELAQCMRDASICGLGQAASNPVSTVIKYFP
DLFPEPRAVAAE
;
B
#
loop_
_chem_comp.id
_chem_comp.type
_chem_comp.name
_chem_comp.formula
FES non-polymer 'FE2/S2 (INORGANIC) CLUSTER' 'Fe2 S2'
FMN non-polymer 'FLAVIN MONONUCLEOTIDE' 'C17 H21 N4 O9 P'
MGD non-polymer '2-AMINO-5,6-DIMERCAPTO-7-METHYL-3,7,8A,9-TETRAHYDRO-8-OXA-1,3,9,10-TETRAAZA-ANTHRACEN-4-ONE GUANOSINE DINUCLEOTIDE' 'C20 H26 N10 O13 P2 S2'
SF4 non-polymer 'IRON/SULFUR CLUSTER' 'Fe4 S4'
W non-polymer 'TUNGSTEN ION' 'W 6'
#
# COMPACT_ATOMS: atom_id res chain seq x y z
N ILE A 70 16.92 -5.22 -26.57
CA ILE A 70 15.73 -5.44 -27.38
C ILE A 70 15.61 -4.37 -28.46
N ALA A 71 15.25 -4.80 -29.66
CA ALA A 71 15.10 -3.92 -30.81
C ALA A 71 13.63 -3.82 -31.17
N PHE A 72 13.16 -2.60 -31.39
CA PHE A 72 11.75 -2.38 -31.71
C PHE A 72 11.60 -0.98 -32.28
N GLU A 73 10.79 -0.86 -33.33
CA GLU A 73 10.62 0.41 -34.01
C GLU A 73 9.78 1.36 -33.18
N PHE A 74 9.91 2.66 -33.47
CA PHE A 74 9.20 3.68 -32.70
C PHE A 74 9.15 4.95 -33.54
N ASP A 75 7.94 5.45 -33.80
CA ASP A 75 7.74 6.70 -34.51
C ASP A 75 8.52 6.74 -35.81
N GLY A 76 8.75 5.57 -36.40
CA GLY A 76 9.48 5.46 -37.65
C GLY A 76 10.96 5.18 -37.52
N GLN A 77 11.42 4.77 -36.34
CA GLN A 77 12.82 4.47 -36.09
C GLN A 77 12.98 2.98 -35.86
N GLN A 78 14.22 2.57 -35.59
CA GLN A 78 14.58 1.17 -35.34
C GLN A 78 15.42 1.07 -34.07
N VAL A 79 14.94 1.71 -33.01
CA VAL A 79 15.72 1.99 -31.81
C VAL A 79 15.81 0.77 -30.91
N GLU A 80 16.70 0.84 -29.92
CA GLU A 80 16.91 -0.21 -28.93
C GLU A 80 16.42 0.25 -27.56
N ALA A 81 16.09 -0.73 -26.72
CA ALA A 81 15.66 -0.46 -25.36
C ALA A 81 16.20 -1.52 -24.43
N GLN A 82 16.45 -1.12 -23.18
CA GLN A 82 16.89 -2.03 -22.13
C GLN A 82 15.66 -2.76 -21.60
N PRO A 83 15.84 -3.70 -20.67
CA PRO A 83 14.71 -4.47 -20.17
C PRO A 83 13.96 -3.76 -19.05
N GLY A 84 12.71 -4.16 -18.85
CA GLY A 84 11.85 -3.48 -17.91
C GLY A 84 11.61 -2.03 -18.25
N GLU A 85 11.92 -1.62 -19.48
CA GLU A 85 11.76 -0.23 -19.91
C GLU A 85 10.42 -0.10 -20.61
N THR A 86 9.37 0.13 -19.82
CA THR A 86 8.08 0.47 -20.38
C THR A 86 8.24 1.62 -21.37
N ILE A 87 7.41 1.60 -22.41
CA ILE A 87 7.61 2.50 -23.56
C ILE A 87 7.87 3.91 -23.08
N TRP A 88 7.05 4.39 -22.14
CA TRP A 88 7.21 5.74 -21.62
C TRP A 88 8.66 6.08 -21.32
N ALA A 89 9.34 5.22 -20.56
CA ALA A 89 10.72 5.50 -20.19
C ALA A 89 11.62 5.57 -21.41
N VAL A 90 11.34 4.76 -22.43
CA VAL A 90 12.16 4.81 -23.64
C VAL A 90 12.01 6.17 -24.31
N ALA A 91 10.77 6.64 -24.45
CA ALA A 91 10.55 7.96 -25.04
C ALA A 91 11.26 9.04 -24.23
N LYS A 92 11.12 9.01 -22.91
CA LYS A 92 11.80 10.01 -22.08
C LYS A 92 13.30 9.99 -22.34
N ARG A 93 13.94 8.84 -22.13
CA ARG A 93 15.34 8.67 -22.45
C ARG A 93 15.68 9.18 -23.84
N LEU A 94 14.72 9.10 -24.77
CA LEU A 94 14.97 9.46 -26.16
C LEU A 94 14.58 10.91 -26.48
N GLY A 95 13.67 11.49 -25.71
CA GLY A 95 13.26 12.87 -25.94
C GLY A 95 11.99 13.02 -26.76
N THR A 96 10.96 12.28 -26.38
CA THR A 96 9.64 12.34 -27.02
C THR A 96 8.56 12.37 -25.94
N HIS A 97 8.78 13.21 -24.93
CA HIS A 97 7.93 13.25 -23.76
C HIS A 97 6.45 13.25 -24.13
N ILE A 98 5.66 12.56 -23.31
CA ILE A 98 4.21 12.49 -23.46
C ILE A 98 3.59 12.48 -22.09
N PRO A 99 2.32 12.84 -21.98
CA PRO A 99 1.72 13.01 -20.65
C PRO A 99 1.33 11.69 -20.01
N HIS A 100 1.48 11.63 -18.70
CA HIS A 100 1.10 10.46 -17.92
C HIS A 100 -0.03 10.81 -16.96
N LEU A 101 0.20 11.80 -16.10
CA LEU A 101 -0.72 12.26 -15.07
C LEU A 101 -0.86 11.28 -13.91
N CYS A 102 -1.16 10.01 -14.20
CA CYS A 102 -1.36 9.00 -13.17
C CYS A 102 -0.17 8.08 -12.95
N HIS A 103 0.99 8.37 -13.53
CA HIS A 103 2.17 7.53 -13.38
C HIS A 103 3.33 8.34 -12.80
N LYS A 104 3.58 8.19 -11.50
CA LYS A 104 4.66 8.94 -10.88
C LYS A 104 5.98 8.19 -11.09
N PRO A 105 6.85 8.68 -11.98
CA PRO A 105 8.08 7.93 -12.30
C PRO A 105 9.06 7.77 -11.16
N ASP A 106 8.90 8.51 -10.07
CA ASP A 106 9.88 8.47 -9.00
C ASP A 106 10.02 7.05 -8.47
N PRO A 107 11.23 6.60 -8.15
CA PRO A 107 11.40 5.23 -7.63
C PRO A 107 10.59 5.04 -6.35
N GLY A 108 9.90 3.90 -6.28
CA GLY A 108 9.13 3.55 -5.10
C GLY A 108 7.69 3.21 -5.41
N TYR A 109 7.17 3.74 -6.51
CA TYR A 109 5.77 3.62 -6.85
C TYR A 109 5.56 2.49 -7.86
N ARG A 110 4.31 2.36 -8.33
CA ARG A 110 3.90 1.32 -9.24
C ARG A 110 2.78 1.87 -10.12
N PRO A 111 2.78 1.57 -11.42
CA PRO A 111 1.71 2.05 -12.28
C PRO A 111 0.45 1.20 -12.14
N ASP A 112 -0.68 1.83 -12.50
CA ASP A 112 -1.99 1.18 -12.40
C ASP A 112 -2.84 1.32 -13.65
N GLY A 113 -2.60 2.31 -14.49
CA GLY A 113 -3.34 2.43 -15.73
C GLY A 113 -4.81 2.79 -15.58
N ASN A 114 -5.10 3.93 -14.97
CA ASN A 114 -6.46 4.41 -14.78
C ASN A 114 -6.77 5.65 -15.62
N CYS A 115 -5.89 6.64 -15.60
CA CYS A 115 -6.14 7.89 -16.33
C CYS A 115 -6.25 7.65 -17.83
N ARG A 116 -5.45 6.74 -18.37
CA ARG A 116 -5.47 6.41 -19.79
C ARG A 116 -5.14 7.63 -20.64
N ALA A 117 -4.16 8.42 -20.20
CA ALA A 117 -3.70 9.59 -20.93
C ALA A 117 -2.36 9.37 -21.60
N CYS A 118 -1.75 8.21 -21.41
CA CYS A 118 -0.44 7.87 -21.97
C CYS A 118 -0.58 6.82 -23.07
N MET A 119 -1.62 6.93 -23.87
CA MET A 119 -1.98 5.89 -24.82
C MET A 119 -1.24 6.06 -26.14
N VAL A 120 -0.99 4.93 -26.79
CA VAL A 120 -0.27 4.85 -28.05
C VAL A 120 -0.92 3.77 -28.90
N GLU A 121 -0.37 3.57 -30.11
CA GLU A 121 -0.85 2.57 -31.04
C GLU A 121 0.27 1.60 -31.36
N ILE A 122 -0.11 0.37 -31.69
CA ILE A 122 0.84 -0.68 -32.04
C ILE A 122 0.21 -1.58 -33.10
N GLU A 123 1.03 -1.97 -34.07
CA GLU A 123 0.54 -2.79 -35.18
C GLU A 123 0.17 -4.17 -34.66
N GLY A 124 -1.11 -4.50 -34.71
CA GLY A 124 -1.58 -5.84 -34.37
C GLY A 124 -2.80 -5.84 -33.49
N GLU A 125 -2.93 -4.86 -32.61
CA GLU A 125 -4.08 -4.76 -31.74
C GLU A 125 -5.16 -3.90 -32.38
N ARG A 126 -6.38 -4.02 -31.84
CA ARG A 126 -7.53 -3.26 -32.33
C ARG A 126 -7.98 -2.19 -31.35
N VAL A 127 -7.53 -2.25 -30.10
CA VAL A 127 -7.85 -1.25 -29.08
C VAL A 127 -6.56 -0.57 -28.66
N LEU A 128 -6.60 0.75 -28.50
CA LEU A 128 -5.42 1.47 -28.09
C LEU A 128 -4.88 0.91 -26.78
N ALA A 129 -3.61 1.16 -26.53
CA ALA A 129 -2.91 0.59 -25.38
C ALA A 129 -2.42 1.71 -24.46
N ALA A 130 -1.66 1.31 -23.45
CA ALA A 130 -1.04 2.23 -22.52
C ALA A 130 0.48 2.14 -22.63
N SER A 131 1.14 3.19 -22.16
CA SER A 131 2.58 3.31 -22.28
C SER A 131 3.32 3.11 -20.96
N CYS A 132 2.63 3.25 -19.83
CA CYS A 132 3.27 3.11 -18.53
C CYS A 132 3.24 1.68 -18.01
N LYS A 133 2.33 0.84 -18.51
CA LYS A 133 2.16 -0.52 -18.01
C LYS A 133 2.64 -1.60 -18.95
N ARG A 134 2.95 -1.27 -20.20
CA ARG A 134 3.37 -2.27 -21.18
C ARG A 134 4.89 -2.26 -21.34
N THR A 135 5.37 -3.09 -22.27
CA THR A 135 6.78 -3.29 -22.51
C THR A 135 7.03 -3.56 -23.99
N PRO A 136 8.15 -3.09 -24.54
CA PRO A 136 8.41 -3.27 -25.97
C PRO A 136 9.06 -4.61 -26.32
N ALA A 137 8.25 -5.65 -26.49
CA ALA A 137 8.78 -6.94 -26.89
C ALA A 137 9.33 -6.85 -28.31
N ILE A 138 9.87 -7.97 -28.80
CA ILE A 138 10.54 -7.98 -30.09
C ILE A 138 9.52 -7.80 -31.22
N GLY A 139 9.96 -7.12 -32.28
CA GLY A 139 9.16 -6.95 -33.48
C GLY A 139 8.14 -5.83 -33.38
N MET A 140 7.66 -5.56 -32.18
CA MET A 140 6.62 -4.57 -31.99
C MET A 140 7.06 -3.22 -32.54
N LYS A 141 6.08 -2.36 -32.80
CA LYS A 141 6.36 -1.00 -33.25
C LYS A 141 5.29 -0.08 -32.68
N VAL A 142 5.72 0.99 -32.01
CA VAL A 142 4.83 1.89 -31.33
C VAL A 142 4.58 3.10 -32.21
N LYS A 143 3.48 3.80 -31.92
CA LYS A 143 3.12 5.00 -32.69
C LYS A 143 2.45 5.99 -31.76
N SER A 144 2.97 7.21 -31.72
CA SER A 144 2.38 8.30 -30.96
C SER A 144 1.91 9.45 -31.84
N ALA A 145 2.73 9.85 -32.81
CA ALA A 145 2.40 10.97 -33.70
C ALA A 145 1.37 10.49 -34.72
N THR A 146 0.14 10.31 -34.24
CA THR A 146 -0.97 9.86 -35.07
C THR A 146 -2.22 10.63 -34.64
N GLU A 147 -3.38 10.16 -35.09
CA GLU A 147 -4.64 10.85 -34.86
C GLU A 147 -5.45 10.27 -33.72
N ARG A 148 -5.67 8.95 -33.74
CA ARG A 148 -6.50 8.30 -32.73
C ARG A 148 -6.02 8.63 -31.32
N ALA A 149 -4.71 8.46 -31.08
CA ALA A 149 -4.18 8.65 -29.74
C ALA A 149 -4.34 10.09 -29.27
N THR A 150 -4.00 11.05 -30.14
CA THR A 150 -4.12 12.45 -29.76
C THR A 150 -5.57 12.80 -29.46
N LYS A 151 -6.51 12.33 -30.28
CA LYS A 151 -7.92 12.61 -30.03
C LYS A 151 -8.35 12.03 -28.69
N ALA A 152 -7.95 10.79 -28.40
CA ALA A 152 -8.32 10.18 -27.13
C ALA A 152 -7.79 10.97 -25.95
N ARG A 153 -6.50 11.33 -25.98
CA ARG A 153 -5.91 12.11 -24.91
C ARG A 153 -6.66 13.43 -24.73
N ALA A 154 -6.90 14.14 -25.82
CA ALA A 154 -7.58 15.43 -25.74
C ALA A 154 -8.97 15.27 -25.13
N MET A 155 -9.68 14.21 -25.49
CA MET A 155 -11.01 14.00 -24.95
C MET A 155 -10.96 13.73 -23.46
N VAL A 156 -10.03 12.88 -23.02
CA VAL A 156 -9.89 12.61 -21.59
C VAL A 156 -9.64 13.91 -20.85
N LEU A 157 -8.72 14.73 -21.35
CA LEU A 157 -8.40 15.99 -20.69
C LEU A 157 -9.60 16.92 -20.68
N GLU A 158 -10.38 16.93 -21.76
CA GLU A 158 -11.58 17.76 -21.79
C GLU A 158 -12.55 17.35 -20.70
N LEU A 159 -12.78 16.04 -20.55
CA LEU A 159 -13.64 15.58 -19.45
C LEU A 159 -13.11 16.07 -18.10
N LEU A 160 -11.84 15.78 -17.83
CA LEU A 160 -11.26 16.15 -16.54
C LEU A 160 -11.45 17.63 -16.25
N VAL A 161 -11.00 18.50 -17.17
CA VAL A 161 -11.14 19.93 -16.94
C VAL A 161 -12.60 20.37 -16.94
N ALA A 162 -13.49 19.57 -17.49
CA ALA A 162 -14.92 19.88 -17.38
C ALA A 162 -15.39 19.67 -15.95
N ASP A 163 -14.88 18.64 -15.27
CA ASP A 163 -15.19 18.40 -13.87
C ASP A 163 -14.22 19.09 -12.93
N GLN A 164 -13.57 20.16 -13.38
CA GLN A 164 -12.55 20.86 -12.63
C GLN A 164 -12.94 22.32 -12.41
N PRO A 165 -12.40 22.97 -11.38
CA PRO A 165 -12.65 24.42 -11.20
C PRO A 165 -11.88 25.28 -12.19
N GLU A 166 -11.94 26.59 -12.01
CA GLU A 166 -11.23 27.53 -12.89
C GLU A 166 -9.80 27.67 -12.42
N ARG A 167 -8.85 27.26 -13.27
CA ARG A 167 -7.44 27.35 -12.91
C ARG A 167 -7.01 28.77 -12.60
N ALA A 168 -7.81 29.77 -12.97
CA ALA A 168 -7.44 31.16 -12.72
C ALA A 168 -7.09 31.37 -11.26
N THR A 169 -7.98 30.97 -10.35
CA THR A 169 -7.76 31.10 -8.91
C THR A 169 -8.36 29.87 -8.25
N SER A 170 -7.53 28.86 -8.02
CA SER A 170 -7.95 27.63 -7.38
C SER A 170 -6.78 27.08 -6.58
N HIS A 171 -6.90 25.82 -6.17
CA HIS A 171 -5.86 25.19 -5.36
C HIS A 171 -4.73 24.72 -6.28
N ASP A 172 -3.53 25.26 -6.06
CA ASP A 172 -2.37 24.89 -6.86
C ASP A 172 -2.64 25.21 -8.33
N PRO A 173 -2.73 26.48 -8.70
CA PRO A 173 -2.94 26.80 -10.12
C PRO A 173 -1.77 26.39 -10.99
N SER A 174 -0.54 26.44 -10.47
CA SER A 174 0.64 26.02 -11.19
C SER A 174 0.98 24.58 -10.77
N SER A 175 0.31 23.64 -11.41
CA SER A 175 0.39 22.24 -11.00
C SER A 175 0.79 21.32 -12.15
N HIS A 176 0.72 20.02 -11.91
CA HIS A 176 1.07 19.02 -12.91
C HIS A 176 -0.07 18.84 -13.92
N PHE A 177 -1.30 18.80 -13.44
CA PHE A 177 -2.44 18.58 -14.31
C PHE A 177 -2.57 19.69 -15.34
N TRP A 178 -2.50 20.94 -14.90
CA TRP A 178 -2.63 22.06 -15.82
C TRP A 178 -1.47 22.11 -16.80
N VAL A 179 -0.28 21.69 -16.38
CA VAL A 179 0.85 21.64 -17.31
C VAL A 179 0.59 20.61 -18.41
N GLN A 180 0.29 19.38 -18.01
CA GLN A 180 0.02 18.34 -19.01
C GLN A 180 -1.19 18.69 -19.86
N ALA A 181 -2.09 19.54 -19.37
CA ALA A 181 -3.18 20.02 -20.19
C ALA A 181 -2.67 21.01 -21.23
N ASP A 182 -1.95 22.04 -20.79
CA ASP A 182 -1.35 22.99 -21.70
C ASP A 182 -0.48 22.30 -22.75
N VAL A 183 0.00 21.09 -22.47
CA VAL A 183 0.76 20.36 -23.47
C VAL A 183 -0.17 19.87 -24.58
N LEU A 184 -1.29 19.27 -24.20
CA LEU A 184 -2.28 18.79 -25.17
C LEU A 184 -3.16 19.90 -25.73
N ASP A 185 -2.83 21.15 -25.46
CA ASP A 185 -3.54 22.31 -26.03
C ASP A 185 -5.03 22.25 -25.70
N VAL A 186 -5.33 22.33 -24.41
CA VAL A 186 -6.71 22.40 -23.94
C VAL A 186 -6.79 23.48 -22.86
N THR A 187 -7.79 24.35 -22.97
CA THR A 187 -8.02 25.42 -22.01
C THR A 187 -9.32 25.26 -21.26
N GLU A 188 -10.41 25.02 -21.98
CA GLU A 188 -11.72 24.76 -21.37
C GLU A 188 -12.27 23.44 -21.89
N SER A 189 -13.52 23.14 -21.54
CA SER A 189 -14.18 21.93 -22.01
C SER A 189 -15.54 22.30 -22.57
N ARG A 190 -16.23 21.29 -23.10
CA ARG A 190 -17.55 21.47 -23.68
C ARG A 190 -18.62 20.66 -22.97
N PHE A 191 -18.26 19.93 -21.92
CA PHE A 191 -19.18 19.16 -21.11
C PHE A 191 -19.56 19.92 -19.86
N PRO A 192 -20.63 19.50 -19.18
CA PRO A 192 -21.07 20.21 -17.96
C PRO A 192 -20.38 19.72 -16.69
N ALA A 193 -20.76 20.29 -15.55
CA ALA A 193 -20.16 19.96 -14.27
C ALA A 193 -20.93 18.81 -13.60
N ALA A 194 -20.63 18.57 -12.32
CA ALA A 194 -21.19 17.42 -11.61
C ALA A 194 -21.77 17.74 -10.24
N GLU A 195 -21.56 18.95 -9.70
CA GLU A 195 -22.09 19.33 -8.39
C GLU A 195 -21.56 18.39 -7.30
N ARG A 196 -20.25 18.47 -7.10
CA ARG A 196 -19.52 17.52 -6.28
C ARG A 196 -19.70 17.86 -4.79
N TRP A 197 -18.90 17.20 -3.94
CA TRP A 197 -19.07 17.23 -2.50
C TRP A 197 -18.32 18.41 -1.88
N THR A 198 -18.30 18.46 -0.55
CA THR A 198 -17.75 19.55 0.23
C THR A 198 -16.34 19.21 0.72
N SER A 199 -15.80 20.06 1.59
CA SER A 199 -14.44 19.91 2.11
C SER A 199 -14.46 19.61 3.61
N ASP A 200 -13.30 19.21 4.10
CA ASP A 200 -13.09 18.97 5.53
C ASP A 200 -11.68 19.42 5.90
N VAL A 201 -11.57 20.22 6.96
CA VAL A 201 -10.28 20.77 7.37
C VAL A 201 -10.02 20.37 8.82
N SER A 202 -10.52 19.20 9.22
CA SER A 202 -10.36 18.75 10.59
C SER A 202 -8.89 18.70 11.00
N HIS A 203 -8.04 18.16 10.14
CA HIS A 203 -6.63 18.04 10.48
C HIS A 203 -5.93 19.38 10.30
N PRO A 204 -5.05 19.78 11.23
CA PRO A 204 -4.50 21.15 11.19
C PRO A 204 -3.59 21.41 9.99
N ALA A 205 -2.61 20.54 9.78
CA ALA A 205 -1.60 20.81 8.76
C ALA A 205 -2.20 20.68 7.37
N MET A 206 -2.83 19.55 7.07
CA MET A 206 -3.35 19.30 5.75
C MET A 206 -4.59 20.15 5.49
N SER A 207 -5.13 20.03 4.29
CA SER A 207 -6.39 20.69 3.94
C SER A 207 -7.00 19.93 2.78
N VAL A 208 -8.05 19.17 3.04
CA VAL A 208 -8.67 18.33 2.03
C VAL A 208 -9.90 19.04 1.48
N ASN A 209 -9.68 19.93 0.51
CA ASN A 209 -10.79 20.58 -0.19
C ASN A 209 -11.05 19.84 -1.50
N LEU A 210 -11.50 18.60 -1.32
CA LEU A 210 -11.40 17.57 -2.37
C LEU A 210 -12.50 17.80 -3.40
N ASP A 211 -12.23 18.74 -4.31
CA ASP A 211 -13.09 18.97 -5.46
C ASP A 211 -12.30 18.92 -6.76
N ALA A 212 -11.11 18.31 -6.74
CA ALA A 212 -10.26 18.19 -7.91
C ALA A 212 -9.70 16.78 -8.03
N CYS A 213 -10.39 15.80 -7.47
CA CYS A 213 -9.91 14.42 -7.49
C CYS A 213 -10.05 13.85 -8.90
N ILE A 214 -8.91 13.56 -9.52
CA ILE A 214 -8.87 12.95 -10.84
C ILE A 214 -8.82 11.43 -10.72
N GLN A 215 -9.08 10.91 -9.51
CA GLN A 215 -9.04 9.47 -9.25
C GLN A 215 -7.73 8.86 -9.75
N CYS A 216 -6.62 9.43 -9.30
CA CYS A 216 -5.30 8.99 -9.72
C CYS A 216 -4.70 7.95 -8.79
N ASN A 217 -5.31 7.73 -7.63
CA ASN A 217 -4.99 6.62 -6.74
C ASN A 217 -3.56 6.70 -6.20
N LEU A 218 -2.93 7.88 -6.20
CA LEU A 218 -1.57 7.96 -5.71
C LEU A 218 -1.54 8.11 -4.20
N CYS A 219 -2.51 8.85 -3.64
CA CYS A 219 -2.72 8.91 -2.20
C CYS A 219 -2.62 7.52 -1.60
N VAL A 220 -3.24 6.57 -2.29
CA VAL A 220 -3.33 5.20 -1.81
C VAL A 220 -1.98 4.50 -1.94
N ARG A 221 -1.41 4.48 -3.14
CA ARG A 221 -0.11 3.86 -3.31
C ARG A 221 0.93 4.47 -2.38
N ALA A 222 0.65 5.64 -1.81
CA ALA A 222 1.56 6.24 -0.84
C ALA A 222 1.22 5.85 0.58
N CYS A 223 -0.07 5.68 0.88
CA CYS A 223 -0.52 5.30 2.21
C CYS A 223 -0.98 3.87 2.30
N ARG A 224 -0.96 3.11 1.20
CA ARG A 224 -1.30 1.69 1.24
C ARG A 224 -0.23 0.80 0.63
N GLU A 225 0.87 1.35 0.14
CA GLU A 225 1.93 0.55 -0.49
C GLU A 225 3.35 0.93 -0.08
N VAL A 226 3.61 2.15 0.39
CA VAL A 226 4.97 2.56 0.71
C VAL A 226 5.15 2.99 2.16
N GLN A 227 4.46 4.05 2.56
CA GLN A 227 4.46 4.50 3.95
C GLN A 227 3.32 3.83 4.70
N VAL A 228 3.34 2.50 4.66
CA VAL A 228 2.21 1.67 5.01
C VAL A 228 1.66 2.05 6.38
N ASN A 229 0.43 2.54 6.41
CA ASN A 229 -0.34 2.68 7.62
C ASN A 229 -1.79 2.27 7.44
N ASP A 230 -2.21 1.91 6.23
CA ASP A 230 -3.52 1.31 5.97
C ASP A 230 -4.64 2.24 6.45
N VAL A 231 -4.73 3.40 5.81
CA VAL A 231 -5.71 4.41 6.19
C VAL A 231 -6.63 4.73 5.02
N ILE A 232 -6.05 5.10 3.88
CA ILE A 232 -6.83 5.60 2.77
C ILE A 232 -7.41 4.43 1.96
N GLY A 233 -8.52 4.69 1.28
CA GLY A 233 -9.12 3.74 0.37
C GLY A 233 -10.31 4.29 -0.37
N MET A 234 -10.50 3.86 -1.62
CA MET A 234 -11.65 4.26 -2.44
C MET A 234 -12.80 3.31 -2.17
N ALA A 235 -13.87 3.83 -1.57
CA ALA A 235 -14.93 3.02 -0.97
C ALA A 235 -16.29 3.42 -1.51
N TYR A 236 -16.40 3.58 -2.82
CA TYR A 236 -17.69 3.80 -3.47
C TYR A 236 -17.57 3.36 -4.92
N ARG A 237 -18.67 3.56 -5.67
CA ARG A 237 -18.72 3.16 -7.07
C ARG A 237 -18.31 4.35 -7.97
N ALA A 238 -18.46 4.17 -9.28
CA ALA A 238 -17.69 4.94 -10.24
C ALA A 238 -17.93 6.43 -10.06
N ALA A 239 -19.15 6.87 -10.29
CA ALA A 239 -19.45 8.30 -10.25
C ALA A 239 -19.21 8.86 -8.87
N GLY A 240 -19.81 8.25 -7.86
CA GLY A 240 -19.59 8.65 -6.49
C GLY A 240 -18.26 8.22 -5.93
N SER A 241 -17.40 7.61 -6.74
CA SER A 241 -16.10 7.18 -6.26
C SER A 241 -15.35 8.36 -5.67
N LYS A 242 -14.87 8.18 -4.45
CA LYS A 242 -14.11 9.21 -3.77
C LYS A 242 -12.99 8.53 -3.00
N VAL A 243 -12.23 9.34 -2.26
CA VAL A 243 -11.24 8.85 -1.32
C VAL A 243 -11.75 9.18 0.07
N VAL A 244 -11.61 8.23 0.98
CA VAL A 244 -12.14 8.38 2.34
C VAL A 244 -11.15 7.77 3.29
N PHE A 245 -11.06 8.37 4.48
CA PHE A 245 -10.31 7.80 5.57
C PHE A 245 -11.19 6.82 6.34
N ASP A 246 -10.66 6.29 7.43
CA ASP A 246 -11.34 5.23 8.16
C ASP A 246 -12.81 5.56 8.41
N PHE A 247 -13.70 4.77 7.81
CA PHE A 247 -15.13 4.87 8.05
C PHE A 247 -15.64 6.28 7.75
N ASP A 248 -15.23 6.83 6.61
CA ASP A 248 -15.72 8.12 6.14
C ASP A 248 -15.62 9.18 7.23
N ASP A 249 -14.53 9.14 7.98
CA ASP A 249 -14.31 10.09 9.06
C ASP A 249 -13.57 11.32 8.54
N PRO A 250 -13.65 12.44 9.26
CA PRO A 250 -13.09 13.70 8.74
C PRO A 250 -11.57 13.72 8.65
N MET A 251 -10.87 12.66 9.05
CA MET A 251 -9.43 12.55 9.00
C MET A 251 -8.74 13.45 10.01
N GLY A 252 -9.50 14.26 10.77
CA GLY A 252 -8.94 15.01 11.87
C GLY A 252 -8.70 14.17 13.11
N GLY A 253 -9.37 13.03 13.22
CA GLY A 253 -9.13 12.09 14.29
C GLY A 253 -8.95 10.70 13.73
N SER A 254 -8.65 10.63 12.44
CA SER A 254 -8.43 9.36 11.74
C SER A 254 -7.03 8.84 12.04
N THR A 255 -6.73 7.65 11.52
CA THR A 255 -5.44 7.03 11.76
C THR A 255 -4.28 7.74 11.05
N CYS A 256 -4.54 8.84 10.34
CA CYS A 256 -3.46 9.56 9.67
C CYS A 256 -2.42 10.02 10.69
N VAL A 257 -1.16 9.74 10.39
CA VAL A 257 -0.06 10.09 11.27
C VAL A 257 0.73 11.29 10.75
N ALA A 258 0.16 12.03 9.80
CA ALA A 258 0.84 13.18 9.21
C ALA A 258 2.12 12.75 8.51
N CYS A 259 2.08 11.58 7.88
CA CYS A 259 3.19 11.07 7.08
C CYS A 259 3.03 11.61 5.67
N GLY A 260 3.67 12.74 5.40
CA GLY A 260 3.40 13.46 4.18
C GLY A 260 3.99 12.80 2.96
N GLU A 261 3.47 11.63 2.60
CA GLU A 261 3.80 10.98 1.34
C GLU A 261 2.65 11.03 0.36
N CYS A 262 1.44 11.35 0.82
CA CYS A 262 0.29 11.55 -0.03
C CYS A 262 0.03 13.02 -0.30
N VAL A 263 0.68 13.91 0.44
CA VAL A 263 0.52 15.34 0.22
C VAL A 263 1.36 15.84 -0.95
N GLN A 264 2.45 15.15 -1.27
CA GLN A 264 3.31 15.51 -2.40
C GLN A 264 3.12 14.58 -3.59
N ALA A 265 2.07 13.76 -3.57
CA ALA A 265 1.74 12.88 -4.68
C ALA A 265 0.50 13.30 -5.43
N CYS A 266 -0.54 13.74 -4.73
CA CYS A 266 -1.70 14.27 -5.42
C CYS A 266 -1.24 15.44 -6.30
N PRO A 267 -1.27 15.28 -7.63
CA PRO A 267 -0.83 16.38 -8.48
C PRO A 267 -1.67 17.62 -8.31
N THR A 268 -2.99 17.48 -8.37
CA THR A 268 -3.88 18.61 -8.12
C THR A 268 -3.66 19.13 -6.70
N GLY A 269 -4.20 20.30 -6.43
CA GLY A 269 -4.07 20.90 -5.13
C GLY A 269 -5.11 20.47 -4.13
N ALA A 270 -5.83 19.40 -4.41
CA ALA A 270 -6.86 18.92 -3.49
C ALA A 270 -6.23 18.52 -2.17
N LEU A 271 -5.37 17.50 -2.20
CA LEU A 271 -4.70 17.00 -1.00
C LEU A 271 -3.44 17.85 -0.78
N MET A 272 -3.67 19.05 -0.26
CA MET A 272 -2.67 20.10 -0.16
C MET A 272 -2.47 20.51 1.30
N PRO A 273 -1.24 20.86 1.70
CA PRO A 273 -1.03 21.30 3.08
C PRO A 273 -1.60 22.67 3.34
N ALA A 274 -1.44 23.17 4.56
CA ALA A 274 -1.68 24.57 4.86
C ALA A 274 -0.42 25.36 4.53
N ALA A 275 -0.41 26.64 4.87
CA ALA A 275 0.70 27.57 4.63
C ALA A 275 0.89 27.85 3.14
N TYR A 276 0.11 27.23 2.26
CA TYR A 276 0.16 27.50 0.83
C TYR A 276 -1.16 28.07 0.32
N LEU A 277 -2.07 28.42 1.21
CA LEU A 277 -3.40 28.86 0.83
C LEU A 277 -4.04 29.52 2.05
N ASP A 278 -5.29 29.94 1.91
CA ASP A 278 -5.94 30.80 2.89
C ASP A 278 -7.39 30.34 3.04
N ALA A 279 -8.22 31.16 3.70
CA ALA A 279 -9.60 30.80 3.96
C ALA A 279 -10.33 30.45 2.67
N ASN A 280 -10.39 31.40 1.73
CA ASN A 280 -10.94 31.14 0.41
C ASN A 280 -9.91 30.29 -0.32
N GLN A 281 -9.92 29.01 0.03
CA GLN A 281 -8.82 28.09 -0.27
C GLN A 281 -8.32 28.25 -1.70
N THR A 282 -7.07 28.69 -1.82
CA THR A 282 -6.45 28.95 -3.11
C THR A 282 -4.98 29.29 -2.87
N ARG A 283 -4.12 28.86 -3.78
CA ARG A 283 -2.70 29.14 -3.65
C ARG A 283 -2.46 30.63 -3.45
N THR A 284 -1.42 30.97 -2.70
CA THR A 284 -1.09 32.36 -2.42
C THR A 284 0.40 32.62 -2.47
N VAL A 285 1.23 31.65 -2.85
CA VAL A 285 2.68 31.76 -2.68
C VAL A 285 3.35 30.80 -3.63
N TYR A 286 4.62 31.08 -3.94
CA TYR A 286 5.49 30.22 -4.73
C TYR A 286 6.72 29.92 -3.87
N PRO A 287 7.61 29.04 -4.30
CA PRO A 287 8.82 28.82 -3.51
C PRO A 287 9.78 29.98 -3.65
N ASP A 288 10.00 30.72 -2.57
CA ASP A 288 11.00 31.78 -2.55
C ASP A 288 12.36 31.22 -2.99
N ARG A 289 12.77 30.11 -2.39
CA ARG A 289 14.05 29.47 -2.70
C ARG A 289 14.00 28.08 -2.09
N GLU A 290 15.08 27.32 -2.28
CA GLU A 290 15.12 25.94 -1.85
C GLU A 290 16.52 25.56 -1.42
N VAL A 291 16.60 24.55 -0.56
CA VAL A 291 17.87 24.10 0.02
C VAL A 291 17.70 22.64 0.43
N LYS A 292 18.68 21.81 0.07
CA LYS A 292 18.62 20.38 0.37
C LYS A 292 19.42 20.08 1.64
N SER A 293 18.75 19.50 2.62
CA SER A 293 19.36 19.25 3.93
C SER A 293 18.70 18.00 4.52
N LEU A 294 18.88 17.79 5.82
CA LEU A 294 18.44 16.59 6.50
C LEU A 294 17.79 16.96 7.83
N CYS A 295 17.25 15.95 8.51
CA CYS A 295 16.38 16.17 9.65
C CYS A 295 17.14 15.94 10.94
N PRO A 296 17.22 16.90 11.86
CA PRO A 296 17.92 16.72 13.13
C PRO A 296 17.02 16.21 14.26
N TYR A 297 16.32 15.12 14.00
CA TYR A 297 15.46 14.54 15.03
C TYR A 297 15.69 13.06 15.26
N CYS A 298 16.00 12.30 14.20
CA CYS A 298 16.22 10.86 14.30
C CYS A 298 17.65 10.54 13.86
N GLY A 299 17.96 9.25 13.82
CA GLY A 299 19.30 8.83 13.45
C GLY A 299 19.33 8.06 12.16
N VAL A 300 18.54 8.51 11.19
CA VAL A 300 18.44 7.86 9.90
C VAL A 300 18.99 8.73 8.78
N GLY A 301 18.95 10.05 8.93
CA GLY A 301 19.47 10.92 7.90
C GLY A 301 18.46 11.17 6.79
N CYS A 302 17.20 11.38 7.13
CA CYS A 302 16.16 11.67 6.15
C CYS A 302 16.46 13.02 5.51
N GLN A 303 16.88 12.99 4.25
CA GLN A 303 17.14 14.23 3.52
C GLN A 303 15.85 15.04 3.37
N VAL A 304 16.00 16.30 3.02
CA VAL A 304 14.87 17.21 2.89
C VAL A 304 15.28 18.35 1.96
N SER A 305 14.29 19.04 1.41
CA SER A 305 14.51 20.24 0.60
C SER A 305 13.63 21.32 1.21
N TYR A 306 14.24 22.16 2.07
CA TYR A 306 13.46 23.08 2.87
C TYR A 306 12.86 24.18 2.00
N LYS A 307 11.57 24.43 2.19
CA LYS A 307 10.90 25.53 1.50
C LYS A 307 11.01 26.77 2.37
N VAL A 308 11.49 27.86 1.77
CA VAL A 308 11.82 29.05 2.51
C VAL A 308 11.05 30.24 1.95
N LYS A 309 10.79 31.19 2.83
CA LYS A 309 10.46 32.56 2.47
C LYS A 309 11.39 33.46 3.26
N ASP A 310 11.60 34.67 2.79
CA ASP A 310 12.55 35.58 3.42
C ASP A 310 12.34 35.60 4.93
N GLU A 311 13.33 35.12 5.68
CA GLU A 311 13.25 35.00 7.14
C GLU A 311 12.00 34.23 7.57
N ARG A 312 11.76 33.12 6.89
CA ARG A 312 10.64 32.23 7.22
C ARG A 312 10.86 30.88 6.56
N ILE A 313 10.67 29.81 7.33
CA ILE A 313 10.74 28.45 6.81
C ILE A 313 9.34 27.87 6.88
N VAL A 314 8.98 27.06 5.88
CA VAL A 314 7.58 26.70 5.67
C VAL A 314 7.33 25.22 5.81
N TYR A 315 7.94 24.43 4.93
CA TYR A 315 7.49 23.07 4.67
C TYR A 315 8.50 22.44 3.71
N ALA A 316 8.69 21.12 3.76
CA ALA A 316 9.71 20.43 2.94
C ALA A 316 9.16 19.19 2.23
N GLU A 317 9.97 18.66 1.30
CA GLU A 317 9.74 17.44 0.48
C GLU A 317 11.02 16.59 0.54
N GLY A 318 10.91 15.29 0.25
CA GLY A 318 12.07 14.36 0.32
C GLY A 318 12.84 14.32 -0.96
N VAL A 319 14.08 13.80 -0.93
CA VAL A 319 14.86 13.78 -2.16
C VAL A 319 15.35 12.36 -2.37
N ASN A 320 15.88 12.08 -3.55
CA ASN A 320 16.41 10.75 -3.84
C ASN A 320 17.68 10.53 -3.06
N GLY A 321 17.56 10.45 -1.74
CA GLY A 321 18.68 10.18 -0.86
C GLY A 321 18.84 8.70 -0.60
N PRO A 322 20.06 8.18 -0.76
CA PRO A 322 20.26 6.72 -0.64
C PRO A 322 19.88 6.16 0.74
N ALA A 323 19.54 7.01 1.70
CA ALA A 323 19.13 6.56 3.03
C ALA A 323 17.64 6.70 3.27
N ASN A 324 16.98 7.67 2.65
CA ASN A 324 15.58 7.96 2.90
C ASN A 324 14.67 7.43 1.79
N GLN A 325 15.01 7.73 0.53
CA GLN A 325 14.24 7.29 -0.63
C GLN A 325 12.86 7.93 -0.63
N ASN A 326 12.83 9.25 -0.46
CA ASN A 326 11.64 10.06 -0.71
C ASN A 326 10.48 9.67 0.20
N ARG A 327 10.74 9.67 1.51
CA ARG A 327 9.70 9.31 2.47
C ARG A 327 10.12 9.77 3.85
N LEU A 328 9.23 10.48 4.54
CA LEU A 328 9.55 11.13 5.80
C LEU A 328 8.46 10.83 6.83
N CYS A 329 8.59 11.44 7.99
CA CYS A 329 7.62 11.35 9.07
C CYS A 329 7.03 12.73 9.33
N VAL A 330 6.22 12.82 10.38
CA VAL A 330 5.56 14.09 10.71
C VAL A 330 6.56 15.23 10.76
N LYS A 331 7.78 14.94 11.20
CA LYS A 331 8.76 16.00 11.42
C LYS A 331 9.52 16.39 10.16
N GLY A 332 9.63 15.49 9.17
CA GLY A 332 10.15 15.91 7.89
C GLY A 332 9.23 16.86 7.16
N ARG A 333 7.95 16.88 7.53
CA ARG A 333 6.97 17.81 6.99
C ARG A 333 6.80 19.03 7.89
N PHE A 334 6.47 18.82 9.16
CA PHE A 334 6.08 19.92 10.02
C PHE A 334 6.79 19.85 11.37
N GLY A 335 6.39 20.69 12.32
CA GLY A 335 6.89 20.59 13.67
C GLY A 335 8.21 21.27 13.95
N PHE A 336 8.73 22.08 13.02
CA PHE A 336 9.98 22.78 13.25
C PHE A 336 9.78 24.22 13.70
N ASP A 337 8.70 24.49 14.43
CA ASP A 337 8.46 25.83 14.97
C ASP A 337 9.44 26.20 16.07
N TYR A 338 10.40 25.34 16.38
CA TYR A 338 11.41 25.66 17.39
C TYR A 338 12.48 26.59 16.84
N VAL A 339 12.84 26.43 15.56
CA VAL A 339 13.92 27.22 14.99
C VAL A 339 13.58 28.70 15.01
N HIS A 340 12.48 29.07 14.36
CA HIS A 340 12.03 30.46 14.35
C HIS A 340 11.17 30.79 15.55
N HIS A 341 11.12 29.91 16.54
CA HIS A 341 10.34 30.15 17.74
C HIS A 341 10.65 31.53 18.30
N PRO A 342 9.64 32.34 18.63
CA PRO A 342 9.91 33.73 19.01
C PRO A 342 10.79 33.85 20.25
N HIS A 343 10.40 33.23 21.35
CA HIS A 343 11.16 33.32 22.60
C HIS A 343 12.48 32.56 22.45
N ARG A 344 13.59 33.30 22.41
CA ARG A 344 14.89 32.71 22.11
C ARG A 344 15.95 33.54 22.82
N LEU A 345 17.21 33.30 22.46
CA LEU A 345 18.34 33.99 23.06
C LEU A 345 19.25 34.54 21.96
N THR A 346 19.76 35.76 22.18
CA THR A 346 20.68 36.36 21.22
C THR A 346 21.88 37.04 21.87
N VAL A 347 21.98 37.07 23.20
CA VAL A 347 23.09 37.72 23.87
C VAL A 347 23.33 37.06 25.23
N PRO A 348 24.49 37.24 25.84
CA PRO A 348 24.72 36.70 27.18
C PRO A 348 23.73 37.28 28.17
N LEU A 349 23.40 36.49 29.21
CA LEU A 349 22.34 36.88 30.12
C LEU A 349 22.70 36.67 31.58
N ILE A 350 23.97 36.44 31.91
CA ILE A 350 24.36 36.19 33.30
C ILE A 350 25.49 37.12 33.71
N PRO A 365 13.04 30.57 37.54
CA PRO A 365 13.05 31.85 36.82
C PRO A 365 12.16 31.83 35.59
N ALA A 366 11.48 32.95 35.32
CA ALA A 366 10.63 33.04 34.16
C ALA A 366 11.44 32.83 32.87
N ASN A 367 10.72 32.65 31.77
CA ASN A 367 11.40 32.43 30.49
C ASN A 367 12.13 33.68 30.02
N PRO A 368 11.48 34.84 29.91
CA PRO A 368 12.20 36.06 29.49
C PRO A 368 13.26 36.47 30.49
N TRP A 369 14.51 36.52 30.03
CA TRP A 369 15.61 36.94 30.89
C TRP A 369 15.26 38.22 31.64
N THR A 370 15.60 38.24 32.93
CA THR A 370 15.39 39.45 33.72
C THR A 370 16.51 39.74 34.72
N HIS A 371 17.64 39.05 34.66
CA HIS A 371 18.67 39.25 35.67
C HIS A 371 20.06 39.10 35.04
N PHE A 372 20.98 39.94 35.51
CA PHE A 372 22.40 39.85 35.16
C PHE A 372 22.60 39.68 33.66
N ARG A 373 21.92 40.51 32.88
CA ARG A 373 22.08 40.52 31.44
C ARG A 373 22.98 41.69 31.02
N GLU A 374 24.04 41.39 30.28
CA GLU A 374 24.98 42.40 29.79
C GLU A 374 25.41 41.99 28.39
N ALA A 375 24.71 42.51 27.39
CA ALA A 375 25.08 42.29 26.00
C ALA A 375 26.53 42.72 25.77
N THR A 376 27.35 41.77 25.33
CA THR A 376 28.78 42.02 25.13
C THR A 376 29.39 40.76 24.55
N TRP A 377 30.60 40.92 23.99
CA TRP A 377 31.29 39.79 23.39
C TRP A 377 32.77 39.69 23.75
N GLU A 378 33.33 40.66 24.47
CA GLU A 378 34.68 40.54 25.00
C GLU A 378 34.72 40.49 26.52
N GLU A 379 33.63 40.87 27.19
CA GLU A 379 33.56 40.79 28.64
C GLU A 379 33.24 39.37 29.09
N ALA A 380 32.12 38.84 28.62
CA ALA A 380 31.68 37.50 28.99
C ALA A 380 32.52 36.41 28.34
N LEU A 381 33.57 36.76 27.61
CA LEU A 381 34.57 35.79 27.15
C LEU A 381 35.86 35.89 27.94
N ASP A 382 36.22 37.08 28.41
CA ASP A 382 37.21 37.16 29.48
C ASP A 382 36.74 36.35 30.68
N ARG A 383 35.46 36.52 31.04
CA ARG A 383 34.89 35.87 32.20
C ARG A 383 34.76 34.36 32.02
N ALA A 384 35.19 33.83 30.88
CA ALA A 384 35.32 32.40 30.67
C ALA A 384 36.77 31.98 30.55
N ALA A 385 37.52 32.59 29.63
CA ALA A 385 38.92 32.21 29.45
C ALA A 385 39.72 32.44 30.72
N GLY A 386 39.73 33.69 31.21
CA GLY A 386 40.50 33.98 32.40
C GLY A 386 40.03 33.19 33.60
N GLY A 387 38.71 33.05 33.76
CA GLY A 387 38.20 32.30 34.89
C GLY A 387 38.68 30.85 34.89
N LEU A 388 38.50 30.16 33.77
CA LEU A 388 38.92 28.77 33.71
C LEU A 388 40.43 28.65 33.88
N LYS A 389 41.19 29.52 33.22
CA LYS A 389 42.65 29.43 33.32
C LYS A 389 43.11 29.64 34.76
N ALA A 390 42.52 30.62 35.45
CA ALA A 390 42.97 30.94 36.79
C ALA A 390 42.56 29.87 37.78
N ILE A 391 41.35 29.32 37.63
CA ILE A 391 40.94 28.27 38.55
C ILE A 391 41.72 26.99 38.28
N ARG A 392 42.10 26.75 37.02
CA ARG A 392 43.05 25.68 36.72
C ARG A 392 44.35 25.91 37.48
N ASP A 393 44.92 27.11 37.35
CA ASP A 393 46.18 27.41 38.01
C ASP A 393 46.09 27.17 39.51
N THR A 394 45.00 27.62 40.14
CA THR A 394 44.92 27.62 41.59
C THR A 394 44.45 26.28 42.16
N ASN A 395 43.75 25.46 41.38
CA ASN A 395 43.25 24.17 41.87
C ASN A 395 43.76 22.97 41.10
N GLY A 396 44.33 23.16 39.91
CA GLY A 396 44.90 22.07 39.14
C GLY A 396 44.04 21.73 37.93
N ARG A 397 44.50 20.70 37.21
CA ARG A 397 43.83 20.27 35.99
C ARG A 397 42.67 19.32 36.29
N LYS A 398 42.97 18.22 36.99
CA LYS A 398 41.91 17.27 37.32
C LYS A 398 40.78 17.94 38.08
N ALA A 399 41.07 19.01 38.82
CA ALA A 399 40.01 19.78 39.47
C ALA A 399 39.02 20.36 38.47
N LEU A 400 39.30 20.28 37.18
CA LEU A 400 38.37 20.69 36.14
C LEU A 400 37.63 19.48 35.59
N ALA A 401 36.52 19.74 34.91
CA ALA A 401 35.72 18.70 34.29
C ALA A 401 34.91 19.33 33.16
N GLY A 402 34.31 18.48 32.34
CA GLY A 402 33.53 18.97 31.22
C GLY A 402 32.55 17.97 30.64
N PHE A 403 31.29 18.39 30.51
CA PHE A 403 30.29 17.62 29.80
C PHE A 403 30.48 17.86 28.30
N GLY A 404 29.52 17.40 27.49
CA GLY A 404 29.58 17.61 26.06
C GLY A 404 28.22 17.44 25.43
N SER A 405 28.21 17.23 24.12
CA SER A 405 26.96 17.08 23.40
C SER A 405 27.26 16.72 21.95
N ALA A 406 26.26 16.11 21.30
CA ALA A 406 26.36 15.76 19.89
C ALA A 406 25.06 16.02 19.14
N LYS A 407 24.09 16.71 19.75
CA LYS A 407 22.77 16.83 19.15
C LYS A 407 22.82 17.39 17.73
N GLY A 408 23.77 18.28 17.44
CA GLY A 408 23.69 19.05 16.22
C GLY A 408 24.99 19.35 15.49
N SER A 409 26.06 18.61 15.76
CA SER A 409 27.28 18.84 15.00
C SER A 409 28.29 17.74 15.32
N ASN A 410 29.25 17.59 14.41
CA ASN A 410 30.34 16.62 14.55
C ASN A 410 31.69 17.29 14.68
N GLU A 411 32.05 18.15 13.72
CA GLU A 411 33.39 18.72 13.72
C GLU A 411 33.67 19.54 14.96
N GLU A 412 32.63 20.07 15.61
CA GLU A 412 32.84 20.81 16.85
C GLU A 412 33.36 19.89 17.94
N ALA A 413 32.92 18.63 17.96
CA ALA A 413 33.33 17.72 19.01
C ALA A 413 34.84 17.48 18.96
N TYR A 414 35.37 17.22 17.75
CA TYR A 414 36.81 17.10 17.55
C TYR A 414 37.52 18.21 18.30
N LEU A 415 36.98 19.42 18.18
CA LEU A 415 37.55 20.57 18.85
C LEU A 415 37.07 20.72 20.27
N PHE A 416 35.80 20.38 20.54
CA PHE A 416 35.33 20.45 21.91
C PHE A 416 36.10 19.53 22.84
N GLN A 417 36.80 18.54 22.29
CA GLN A 417 37.66 17.67 23.08
C GLN A 417 39.13 18.03 22.93
N LYS A 418 39.57 18.44 21.74
CA LYS A 418 40.95 18.91 21.60
C LYS A 418 41.22 20.08 22.55
N LEU A 419 40.27 21.02 22.62
CA LEU A 419 40.39 22.15 23.53
C LEU A 419 40.68 21.68 24.94
N VAL A 420 39.88 20.74 25.45
CA VAL A 420 40.12 20.23 26.79
C VAL A 420 41.51 19.61 26.87
N ARG A 421 41.77 18.63 26.00
CA ARG A 421 43.02 17.88 26.07
C ARG A 421 44.24 18.78 26.01
N LEU A 422 44.11 19.98 25.44
CA LEU A 422 45.25 20.87 25.26
C LEU A 422 45.33 21.93 26.35
N GLY A 423 44.27 22.72 26.53
CA GLY A 423 44.32 23.80 27.50
C GLY A 423 44.22 23.32 28.92
N PHE A 424 43.45 22.26 29.16
CA PHE A 424 43.31 21.70 30.50
C PHE A 424 44.23 20.52 30.74
N GLY A 425 44.82 19.95 29.68
CA GLY A 425 45.69 18.80 29.81
C GLY A 425 45.06 17.73 30.67
N THR A 426 43.91 17.23 30.23
CA THR A 426 43.13 16.29 31.04
C THR A 426 42.05 15.62 30.19
N ASN A 427 41.93 14.30 30.32
CA ASN A 427 40.92 13.55 29.59
C ASN A 427 39.68 13.33 30.45
N ASN A 428 39.09 14.43 30.90
CA ASN A 428 37.89 14.41 31.73
C ASN A 428 36.64 14.71 30.91
N VAL A 429 36.61 14.32 29.64
CA VAL A 429 35.46 14.50 28.77
C VAL A 429 34.35 13.56 29.22
N ASP A 430 33.14 13.78 28.71
CA ASP A 430 32.04 12.87 28.96
C ASP A 430 30.99 13.06 27.88
N HIS A 431 29.95 12.22 27.91
CA HIS A 431 28.96 12.19 26.84
C HIS A 431 27.65 11.66 27.43
N CYS A 432 26.71 12.56 27.69
CA CYS A 432 25.44 12.18 28.31
C CYS A 432 24.47 11.54 27.32
N THR A 433 24.82 11.45 26.04
CA THR A 433 23.99 10.78 25.04
C THR A 433 24.43 9.35 24.79
N ARG A 434 25.73 9.08 24.82
CA ARG A 434 26.24 7.72 24.66
C ARG A 434 25.86 6.81 25.82
N LEU A 435 25.30 7.37 26.90
CA LEU A 435 24.91 6.57 28.06
C LEU A 435 24.07 5.37 27.66
N CYS A 436 23.03 5.60 26.85
CA CYS A 436 22.00 4.60 26.64
C CYS A 436 22.59 3.30 26.10
N HIS A 437 23.24 3.36 24.95
CA HIS A 437 23.64 2.16 24.21
C HIS A 437 25.09 1.76 24.46
N ALA A 438 25.58 1.97 25.69
CA ALA A 438 26.97 1.64 25.98
C ALA A 438 27.19 0.12 25.97
N SER A 439 26.45 -0.60 26.81
CA SER A 439 26.59 -2.05 26.91
C SER A 439 26.74 -2.71 25.53
N SER A 440 25.88 -2.30 24.59
CA SER A 440 25.97 -2.81 23.23
C SER A 440 27.39 -2.74 22.69
N VAL A 441 27.96 -1.53 22.65
CA VAL A 441 29.29 -1.38 22.06
C VAL A 441 30.35 -2.03 22.94
N ALA A 442 30.14 -2.07 24.24
CA ALA A 442 31.02 -2.82 25.12
C ALA A 442 31.18 -4.24 24.62
N ALA A 443 30.05 -4.95 24.49
CA ALA A 443 30.09 -6.33 24.02
C ALA A 443 30.62 -6.41 22.60
N LEU A 444 30.26 -5.44 21.76
CA LEU A 444 30.66 -5.51 20.36
C LEU A 444 32.17 -5.40 20.22
N MET A 445 32.81 -4.56 21.02
CA MET A 445 34.26 -4.45 20.98
C MET A 445 34.94 -5.58 21.75
N GLU A 446 34.25 -6.16 22.73
CA GLU A 446 34.78 -7.36 23.37
C GLU A 446 34.87 -8.50 22.38
N GLY A 447 33.86 -8.66 21.53
CA GLY A 447 33.79 -9.81 20.65
C GLY A 447 34.38 -9.61 19.28
N LEU A 448 34.38 -8.37 18.79
CA LEU A 448 34.76 -8.07 17.42
C LEU A 448 35.67 -6.87 17.27
N ASN A 449 35.88 -6.07 18.31
CA ASN A 449 36.66 -4.83 18.21
C ASN A 449 35.97 -3.84 17.28
N SER A 450 34.71 -3.55 17.57
CA SER A 450 33.93 -2.58 16.82
C SER A 450 32.67 -2.27 17.61
N GLY A 451 31.94 -1.25 17.15
CA GLY A 451 30.70 -0.86 17.79
C GLY A 451 29.66 -0.42 16.78
N ALA A 452 29.93 -0.68 15.50
CA ALA A 452 29.07 -0.26 14.42
C ALA A 452 28.11 -1.38 14.04
N VAL A 453 26.82 -1.05 13.93
CA VAL A 453 25.84 -2.01 13.45
C VAL A 453 26.35 -2.68 12.18
N THR A 454 26.27 -4.00 12.14
CA THR A 454 26.98 -4.79 11.14
C THR A 454 26.75 -4.25 9.74
N ALA A 455 25.50 -4.23 9.31
CA ALA A 455 25.15 -3.79 7.97
C ALA A 455 23.89 -2.95 8.04
N PRO A 456 23.51 -2.26 6.96
CA PRO A 456 22.43 -1.26 7.08
C PRO A 456 21.06 -1.86 7.33
N PHE A 457 20.05 -1.00 7.41
CA PHE A 457 18.67 -1.40 7.56
C PHE A 457 17.89 -1.36 6.26
N SER A 458 18.36 -0.59 5.28
CA SER A 458 17.74 -0.53 3.96
C SER A 458 18.14 -1.70 3.08
N ALA A 459 18.73 -2.75 3.66
CA ALA A 459 19.08 -3.96 2.94
C ALA A 459 18.25 -5.15 3.39
N ALA A 460 17.15 -4.91 4.10
CA ALA A 460 16.25 -5.96 4.55
C ALA A 460 15.25 -6.36 3.46
N LEU A 461 15.51 -6.00 2.21
CA LEU A 461 14.63 -6.36 1.10
C LEU A 461 15.23 -7.47 0.24
N ASP A 462 16.45 -7.90 0.52
CA ASP A 462 17.02 -9.10 -0.06
C ASP A 462 17.09 -10.24 0.93
N ALA A 463 16.69 -10.01 2.18
CA ALA A 463 16.76 -11.02 3.23
C ALA A 463 15.54 -11.94 3.15
N GLU A 464 15.38 -12.79 4.16
CA GLU A 464 14.23 -13.68 4.25
C GLU A 464 13.59 -13.73 5.62
N VAL A 465 14.23 -13.20 6.66
CA VAL A 465 13.72 -13.29 8.03
C VAL A 465 14.16 -12.06 8.80
N ILE A 466 13.45 -11.78 9.88
CA ILE A 466 13.72 -10.64 10.74
C ILE A 466 13.59 -11.07 12.20
N VAL A 467 14.22 -10.30 13.08
CA VAL A 467 14.09 -10.47 14.52
C VAL A 467 14.10 -9.09 15.15
N VAL A 468 13.33 -8.93 16.22
CA VAL A 468 13.17 -7.64 16.87
C VAL A 468 12.84 -7.86 18.34
N ILE A 469 13.36 -6.99 19.19
CA ILE A 469 13.09 -7.03 20.62
C ILE A 469 13.27 -5.65 21.21
N GLY A 470 12.43 -5.31 22.19
CA GLY A 470 12.56 -4.08 22.94
C GLY A 470 12.73 -2.84 22.09
N ALA A 471 11.69 -2.45 21.36
CA ALA A 471 11.76 -1.26 20.52
C ALA A 471 10.34 -0.92 20.04
N ASN A 472 10.26 0.13 19.22
CA ASN A 472 9.02 0.57 18.62
C ASN A 472 9.35 1.43 17.39
N PRO A 473 9.98 0.84 16.38
CA PRO A 473 10.44 1.63 15.23
C PRO A 473 9.42 2.61 14.68
N THR A 474 8.20 2.15 14.43
CA THR A 474 7.18 3.00 13.82
C THR A 474 7.10 4.39 14.46
N VAL A 475 7.43 4.48 15.75
CA VAL A 475 7.34 5.75 16.48
C VAL A 475 8.63 6.54 16.32
N ASN A 476 9.73 5.96 16.76
CA ASN A 476 11.00 6.67 16.87
C ASN A 476 11.93 6.45 15.70
N HIS A 477 11.71 5.41 14.91
CA HIS A 477 12.50 5.17 13.71
C HIS A 477 11.58 4.71 12.60
N PRO A 478 10.48 5.43 12.36
CA PRO A 478 9.46 4.94 11.42
C PRO A 478 9.99 4.47 10.08
N VAL A 479 10.75 5.31 9.37
CA VAL A 479 11.16 5.02 8.00
C VAL A 479 11.63 3.57 7.89
N ALA A 480 12.44 3.13 8.84
CA ALA A 480 12.88 1.74 8.85
C ALA A 480 11.70 0.80 9.05
N ALA A 481 10.76 1.18 9.91
CA ALA A 481 9.58 0.34 10.15
C ALA A 481 8.79 0.13 8.86
N THR A 482 8.62 1.17 8.07
CA THR A 482 7.88 1.03 6.83
C THR A 482 8.70 0.30 5.78
N PHE A 483 10.03 0.45 5.78
CA PHE A 483 10.87 -0.43 4.97
C PHE A 483 10.58 -1.90 5.28
N LEU A 484 10.52 -2.23 6.57
CA LEU A 484 10.22 -3.60 6.97
C LEU A 484 8.84 -4.01 6.49
N LYS A 485 7.85 -3.15 6.68
CA LYS A 485 6.50 -3.45 6.21
C LYS A 485 6.49 -3.75 4.72
N ASN A 486 7.23 -2.97 3.94
CA ASN A 486 7.28 -3.18 2.50
C ASN A 486 7.95 -4.52 2.17
N ALA A 487 8.99 -4.87 2.93
CA ALA A 487 9.64 -6.16 2.70
C ALA A 487 8.68 -7.30 3.01
N VAL A 488 7.89 -7.17 4.08
CA VAL A 488 6.86 -8.15 4.39
C VAL A 488 5.91 -8.29 3.21
N LYS A 489 5.37 -7.17 2.74
CA LYS A 489 4.39 -7.20 1.65
C LYS A 489 4.97 -7.89 0.42
N GLN A 490 6.06 -7.35 -0.11
CA GLN A 490 6.54 -7.78 -1.42
C GLN A 490 7.07 -9.20 -1.38
N ARG A 491 8.14 -9.43 -0.61
CA ARG A 491 8.85 -10.70 -0.64
C ARG A 491 8.35 -11.70 0.38
N GLY A 492 7.42 -11.31 1.25
CA GLY A 492 6.84 -12.24 2.19
C GLY A 492 7.75 -12.64 3.34
N ALA A 493 9.00 -12.21 3.34
CA ALA A 493 9.93 -12.54 4.42
C ALA A 493 9.29 -12.31 5.78
N LYS A 494 9.21 -13.37 6.56
CA LYS A 494 8.57 -13.29 7.86
C LYS A 494 9.44 -12.49 8.83
N LEU A 495 8.83 -12.13 9.96
CA LEU A 495 9.53 -11.51 11.07
C LEU A 495 9.08 -12.17 12.36
N ILE A 496 9.59 -11.67 13.48
CA ILE A 496 9.20 -12.13 14.81
C ILE A 496 9.23 -10.91 15.73
N ILE A 497 8.67 -11.08 16.93
CA ILE A 497 8.58 -9.99 17.88
C ILE A 497 8.91 -10.51 19.26
N MET A 498 9.41 -9.62 20.12
CA MET A 498 9.70 -9.95 21.52
C MET A 498 9.45 -8.68 22.33
N ASP A 499 8.26 -8.58 22.93
CA ASP A 499 7.91 -7.40 23.71
C ASP A 499 6.76 -7.73 24.62
N PRO A 500 6.75 -7.24 25.86
CA PRO A 500 5.61 -7.53 26.75
C PRO A 500 4.30 -7.00 26.24
N ARG A 501 4.23 -5.69 25.96
CA ARG A 501 3.01 -5.09 25.48
C ARG A 501 2.82 -5.38 23.98
N ARG A 502 1.63 -5.07 23.50
CA ARG A 502 1.30 -5.27 22.09
C ARG A 502 1.65 -4.03 21.28
N GLN A 503 2.21 -4.25 20.10
CA GLN A 503 2.73 -3.19 19.25
C GLN A 503 1.98 -3.17 17.93
N THR A 504 1.99 -1.98 17.29
CA THR A 504 1.28 -1.81 16.03
C THR A 504 1.67 -2.88 15.02
N LEU A 505 2.97 -3.09 14.82
CA LEU A 505 3.43 -4.04 13.82
C LEU A 505 2.87 -5.44 14.03
N SER A 506 2.28 -5.73 15.20
CA SER A 506 1.66 -7.01 15.44
C SER A 506 0.85 -7.47 14.23
N ARG A 507 -0.06 -6.62 13.75
CA ARG A 507 -0.86 -6.93 12.57
C ARG A 507 0.01 -7.53 11.46
N HIS A 508 1.12 -6.87 11.12
CA HIS A 508 2.02 -7.40 10.11
C HIS A 508 2.97 -8.45 10.65
N ALA A 509 2.93 -8.71 11.96
CA ALA A 509 3.90 -9.59 12.58
C ALA A 509 3.46 -11.05 12.44
N TYR A 510 4.43 -11.92 12.16
CA TYR A 510 4.15 -13.34 12.09
C TYR A 510 3.95 -13.96 13.46
N ARG A 511 4.51 -13.36 14.51
CA ARG A 511 4.34 -13.87 15.87
C ARG A 511 4.39 -12.71 16.85
N HIS A 512 4.19 -13.06 18.13
CA HIS A 512 4.14 -12.08 19.21
C HIS A 512 4.44 -12.81 20.50
N LEU A 513 5.55 -12.46 21.15
CA LEU A 513 6.07 -13.21 22.29
C LEU A 513 6.22 -12.28 23.48
N ALA A 514 5.18 -12.25 24.31
CA ALA A 514 5.23 -11.47 25.55
C ALA A 514 5.94 -12.26 26.64
N PHE A 515 6.53 -11.52 27.57
CA PHE A 515 7.22 -12.12 28.70
C PHE A 515 7.44 -11.07 29.77
N ARG A 516 7.43 -11.50 31.03
CA ARG A 516 7.73 -10.59 32.11
C ARG A 516 9.12 -10.00 31.90
N PRO A 517 9.36 -8.78 32.37
CA PRO A 517 10.63 -8.11 32.05
C PRO A 517 11.81 -8.82 32.71
N GLY A 518 13.00 -8.39 32.31
CA GLY A 518 14.23 -8.89 32.89
C GLY A 518 14.34 -10.40 32.82
N SER A 519 13.77 -11.00 31.77
CA SER A 519 13.83 -12.43 31.59
C SER A 519 14.11 -12.85 30.16
N ASP A 520 14.30 -11.90 29.25
CA ASP A 520 14.59 -12.23 27.86
C ASP A 520 15.74 -13.21 27.75
N VAL A 521 16.80 -12.98 28.54
CA VAL A 521 18.01 -13.79 28.43
C VAL A 521 17.73 -15.27 28.55
N ALA A 522 16.69 -15.66 29.28
CA ALA A 522 16.38 -17.08 29.44
C ALA A 522 16.03 -17.72 28.10
N MET A 523 14.94 -17.26 27.47
CA MET A 523 14.59 -17.78 26.16
C MET A 523 15.69 -17.50 25.15
N LEU A 524 16.51 -16.48 25.41
CA LEU A 524 17.63 -16.20 24.52
C LEU A 524 18.63 -17.34 24.54
N ASN A 525 19.00 -17.81 25.73
CA ASN A 525 19.87 -19.00 25.83
C ASN A 525 19.20 -20.22 25.22
N ALA A 526 17.89 -20.36 25.44
CA ALA A 526 17.14 -21.46 24.84
C ALA A 526 17.36 -21.49 23.32
N MET A 527 17.06 -20.38 22.67
CA MET A 527 17.36 -20.24 21.25
C MET A 527 18.85 -20.46 21.01
N LEU A 528 19.69 -20.01 21.94
CA LEU A 528 21.16 -20.13 21.87
C LEU A 528 21.57 -21.61 21.76
N ASN A 529 21.09 -22.45 22.69
CA ASN A 529 21.46 -23.88 22.80
C ASN A 529 20.49 -24.83 22.07
N VAL A 530 19.40 -24.34 21.47
CA VAL A 530 18.45 -25.24 20.73
C VAL A 530 19.19 -25.82 19.54
N ILE A 531 19.97 -24.97 18.84
CA ILE A 531 20.77 -25.31 17.64
C ILE A 531 21.75 -26.45 17.98
N VAL A 532 22.76 -26.17 18.81
CA VAL A 532 23.88 -27.10 19.12
C VAL A 532 23.39 -28.40 19.76
N THR A 533 22.44 -28.35 20.70
CA THR A 533 21.95 -29.58 21.39
C THR A 533 21.33 -30.53 20.35
N GLU A 534 20.49 -30.03 19.44
CA GLU A 534 19.84 -30.89 18.42
C GLU A 534 20.91 -31.32 17.41
N GLY A 535 21.79 -30.38 17.08
CA GLY A 535 22.91 -30.52 16.13
C GLY A 535 22.57 -29.91 14.77
N LEU A 536 22.10 -28.66 14.69
CA LEU A 536 21.83 -28.07 13.38
C LEU A 536 22.60 -26.75 13.19
N TYR A 537 23.88 -26.75 13.54
CA TYR A 537 24.72 -25.58 13.39
C TYR A 537 25.66 -25.72 12.20
N ASP A 538 26.24 -24.58 11.80
CA ASP A 538 27.09 -24.51 10.60
C ASP A 538 28.56 -24.58 11.01
N GLU A 539 28.96 -25.78 11.47
CA GLU A 539 30.29 -25.98 12.03
C GLU A 539 31.38 -25.19 11.31
N GLN A 540 31.38 -25.21 9.98
CA GLN A 540 32.45 -24.58 9.22
C GLN A 540 32.71 -23.15 9.67
N TYR A 541 31.66 -22.32 9.70
CA TYR A 541 31.84 -20.94 10.13
C TYR A 541 32.38 -20.87 11.56
N ILE A 542 31.91 -21.77 12.42
CA ILE A 542 32.43 -21.85 13.78
C ILE A 542 33.78 -22.52 13.86
N ALA A 543 34.33 -22.98 12.72
CA ALA A 543 35.57 -23.73 12.74
C ALA A 543 36.78 -22.81 12.82
N GLY A 544 36.73 -21.67 12.14
CA GLY A 544 37.87 -20.78 12.09
C GLY A 544 37.51 -19.32 12.13
N TYR A 545 36.28 -19.01 12.56
CA TYR A 545 35.82 -17.62 12.59
C TYR A 545 35.22 -17.20 13.92
N THR A 546 35.22 -18.07 14.93
CA THR A 546 34.74 -17.68 16.25
C THR A 546 35.32 -18.65 17.28
N GLU A 547 36.17 -18.14 18.16
CA GLU A 547 36.78 -18.95 19.20
C GLU A 547 35.87 -19.02 20.43
N ASN A 548 36.23 -19.90 21.36
CA ASN A 548 35.50 -20.17 22.60
C ASN A 548 34.31 -21.08 22.34
N PHE A 549 34.20 -21.65 21.13
CA PHE A 549 33.04 -22.45 20.78
C PHE A 549 32.93 -23.73 21.61
N GLU A 550 34.00 -24.16 22.24
CA GLU A 550 33.99 -25.41 23.00
C GLU A 550 34.07 -25.20 24.51
N ALA A 551 34.78 -24.18 24.97
CA ALA A 551 34.94 -23.98 26.40
C ALA A 551 33.61 -23.65 27.09
N LEU A 552 32.63 -23.16 26.34
CA LEU A 552 31.35 -22.81 26.93
C LEU A 552 30.46 -24.02 27.14
N ARG A 553 30.59 -25.04 26.28
CA ARG A 553 29.57 -26.07 26.14
C ARG A 553 29.19 -26.73 27.45
N GLU A 554 30.03 -26.62 28.49
CA GLU A 554 29.65 -27.18 29.79
C GLU A 554 28.32 -26.62 30.26
N LYS A 555 28.27 -25.31 30.48
CA LYS A 555 27.03 -24.67 30.90
C LYS A 555 25.94 -24.82 29.85
N ILE A 556 26.34 -24.89 28.58
CA ILE A 556 25.36 -24.91 27.49
C ILE A 556 24.58 -26.23 27.49
N VAL A 557 25.29 -27.35 27.32
CA VAL A 557 24.62 -28.63 27.40
C VAL A 557 24.04 -28.81 28.79
N ASP A 558 24.57 -28.09 29.78
CA ASP A 558 23.91 -28.03 31.08
C ASP A 558 22.61 -27.26 31.00
N PHE A 559 22.58 -26.20 30.19
CA PHE A 559 21.34 -25.48 29.94
C PHE A 559 20.45 -26.27 28.98
N THR A 560 19.21 -25.82 28.82
CA THR A 560 18.26 -26.49 27.96
C THR A 560 17.19 -25.49 27.55
N PRO A 561 16.57 -25.68 26.38
CA PRO A 561 15.53 -24.76 25.91
C PRO A 561 14.12 -25.11 26.32
N GLU A 562 13.94 -26.04 27.27
CA GLU A 562 12.64 -26.55 27.64
C GLU A 562 12.23 -26.20 29.06
N LYS A 563 13.14 -25.65 29.85
CA LYS A 563 12.95 -25.49 31.29
C LYS A 563 12.43 -24.12 31.68
N MET A 564 12.57 -23.12 30.81
CA MET A 564 12.42 -21.73 31.20
C MET A 564 11.01 -21.19 31.01
N ALA A 565 10.01 -22.07 30.94
CA ALA A 565 8.65 -21.63 30.66
C ALA A 565 8.16 -20.70 31.78
N SER A 566 8.05 -21.23 33.00
CA SER A 566 7.57 -20.42 34.11
C SER A 566 8.51 -19.27 34.41
N VAL A 567 9.75 -19.31 33.89
CA VAL A 567 10.70 -18.24 34.15
C VAL A 567 10.50 -17.10 33.18
N CYS A 568 10.09 -17.40 31.95
CA CYS A 568 9.88 -16.39 30.92
C CYS A 568 8.39 -16.12 30.68
N GLY A 569 7.62 -17.17 30.41
CA GLY A 569 6.19 -17.02 30.21
C GLY A 569 5.71 -17.49 28.84
N ILE A 570 6.47 -18.39 28.22
CA ILE A 570 6.20 -18.88 26.88
C ILE A 570 6.19 -20.40 26.92
N ASP A 571 5.86 -21.02 25.79
CA ASP A 571 5.89 -22.46 25.62
C ASP A 571 7.06 -22.84 24.70
N ALA A 572 7.41 -24.13 24.74
CA ALA A 572 8.68 -24.57 24.18
C ALA A 572 8.61 -24.72 22.67
N GLU A 573 7.55 -25.37 22.16
CA GLU A 573 7.46 -25.62 20.73
C GLU A 573 7.64 -24.33 19.94
N THR A 574 7.07 -23.24 20.43
CA THR A 574 7.30 -21.93 19.82
C THR A 574 8.80 -21.66 19.66
N LEU A 575 9.58 -22.00 20.69
CA LEU A 575 10.99 -21.66 20.67
C LEU A 575 11.77 -22.60 19.76
N ARG A 576 11.50 -23.89 19.85
CA ARG A 576 12.02 -24.83 18.87
C ARG A 576 11.82 -24.28 17.46
N GLU A 577 10.58 -23.87 17.17
CA GLU A 577 10.29 -23.30 15.86
C GLU A 577 11.19 -22.12 15.57
N VAL A 578 11.08 -21.06 16.37
CA VAL A 578 11.82 -19.82 16.14
C VAL A 578 13.28 -20.11 15.82
N ALA A 579 13.89 -21.02 16.58
CA ALA A 579 15.31 -21.31 16.35
C ALA A 579 15.51 -22.06 15.05
N ARG A 580 14.65 -23.02 14.74
CA ARG A 580 14.70 -23.68 13.44
C ARG A 580 14.59 -22.66 12.32
N LEU A 581 13.62 -21.77 12.43
CA LEU A 581 13.42 -20.70 11.45
C LEU A 581 14.72 -19.96 11.22
N TYR A 582 15.30 -19.39 12.28
CA TYR A 582 16.51 -18.61 12.11
C TYR A 582 17.62 -19.45 11.48
N ALA A 583 18.03 -20.51 12.17
CA ALA A 583 19.23 -21.22 11.74
C ALA A 583 19.07 -21.82 10.35
N ARG A 584 17.86 -22.25 10.01
CA ARG A 584 17.60 -22.83 8.69
C ARG A 584 17.41 -21.74 7.64
N ALA A 585 16.94 -20.56 8.07
CA ALA A 585 16.72 -19.47 7.14
C ALA A 585 17.98 -19.17 6.33
N LYS A 586 17.79 -18.81 5.07
CA LYS A 586 18.92 -18.48 4.21
C LYS A 586 19.63 -17.21 4.70
N SER A 587 18.90 -16.32 5.37
CA SER A 587 19.48 -15.08 5.88
C SER A 587 18.62 -14.59 7.01
N SER A 588 19.12 -13.59 7.73
CA SER A 588 18.41 -13.09 8.90
C SER A 588 19.11 -11.84 9.43
N LEU A 589 18.36 -11.08 10.23
CA LEU A 589 18.88 -9.91 10.93
C LEU A 589 18.16 -9.78 12.25
N ILE A 590 18.69 -8.93 13.13
CA ILE A 590 18.12 -8.71 14.45
C ILE A 590 18.20 -7.21 14.75
N PHE A 591 17.11 -6.67 15.28
CA PHE A 591 17.02 -5.28 15.68
C PHE A 591 16.62 -5.17 17.14
N TRP A 592 17.03 -4.08 17.76
CA TRP A 592 16.59 -3.72 19.11
C TRP A 592 17.09 -2.31 19.39
N GLY A 593 16.81 -1.84 20.58
CA GLY A 593 17.19 -0.50 20.98
C GLY A 593 17.37 -0.42 22.47
N MET A 594 17.18 0.78 23.01
CA MET A 594 17.47 1.01 24.42
C MET A 594 16.59 0.18 25.34
N GLY A 595 15.54 -0.45 24.81
CA GLY A 595 14.65 -1.20 25.68
C GLY A 595 15.36 -2.31 26.43
N VAL A 596 16.33 -2.95 25.78
CA VAL A 596 17.09 -4.01 26.43
C VAL A 596 18.28 -3.46 27.20
N SER A 597 19.09 -2.60 26.57
CA SER A 597 20.27 -2.05 27.22
C SER A 597 19.94 -1.08 28.34
N GLN A 598 18.67 -0.80 28.59
CA GLN A 598 18.29 0.07 29.70
C GLN A 598 18.47 -0.62 31.04
N HIS A 599 18.33 -1.94 31.08
CA HIS A 599 18.45 -2.65 32.34
C HIS A 599 19.91 -2.71 32.79
N VAL A 600 20.10 -2.92 34.09
CA VAL A 600 21.44 -2.91 34.67
C VAL A 600 22.39 -3.76 33.84
N HIS A 601 22.00 -5.01 33.58
CA HIS A 601 22.87 -5.97 32.91
C HIS A 601 22.41 -6.23 31.48
N GLY A 602 21.81 -5.22 30.84
CA GLY A 602 21.53 -5.34 29.42
C GLY A 602 22.74 -5.79 28.63
N THR A 603 23.94 -5.49 29.14
CA THR A 603 25.14 -6.11 28.61
C THR A 603 24.99 -7.63 28.58
N ASP A 604 24.62 -8.21 29.72
CA ASP A 604 24.44 -9.66 29.79
C ASP A 604 23.40 -10.15 28.78
N ASN A 605 22.49 -9.28 28.36
CA ASN A 605 21.54 -9.65 27.32
C ASN A 605 22.24 -9.79 25.98
N SER A 606 22.88 -8.71 25.51
CA SER A 606 23.64 -8.79 24.27
C SER A 606 24.79 -9.77 24.39
N ARG A 607 25.31 -9.97 25.60
CA ARG A 607 26.43 -10.88 25.79
C ARG A 607 26.17 -12.22 25.14
N CYS A 608 24.89 -12.59 25.00
CA CYS A 608 24.46 -13.81 24.35
C CYS A 608 23.89 -13.55 22.96
N LEU A 609 23.04 -12.54 22.83
CA LEU A 609 22.46 -12.20 21.53
C LEU A 609 23.53 -12.05 20.46
N ILE A 610 24.75 -11.71 20.87
CA ILE A 610 25.82 -11.44 19.90
C ILE A 610 25.93 -12.55 18.87
N ALA A 611 26.03 -13.80 19.34
CA ALA A 611 26.52 -14.88 18.51
C ALA A 611 25.45 -15.58 17.69
N LEU A 612 24.18 -15.16 17.58
CA LEU A 612 23.18 -15.91 16.73
C LEU A 612 23.64 -16.02 15.25
N ALA A 613 23.97 -14.87 14.66
CA ALA A 613 24.49 -14.77 13.29
C ALA A 613 25.87 -15.46 13.20
N LEU A 614 26.75 -15.26 14.19
CA LEU A 614 28.13 -15.84 14.25
C LEU A 614 28.14 -17.38 14.35
N ILE A 615 27.28 -17.98 15.19
CA ILE A 615 27.26 -19.46 15.47
C ILE A 615 26.60 -20.25 14.33
N THR A 616 25.78 -19.55 13.54
CA THR A 616 25.02 -19.98 12.36
C THR A 616 25.69 -19.45 11.09
N GLY A 617 26.59 -18.44 11.10
CA GLY A 617 27.16 -18.11 9.82
C GLY A 617 26.43 -17.04 9.04
N GLN A 618 25.14 -16.83 9.30
CA GLN A 618 24.39 -15.82 8.57
C GLN A 618 24.85 -14.43 9.01
N ILE A 619 26.05 -14.04 8.58
CA ILE A 619 26.60 -12.73 8.90
C ILE A 619 27.66 -12.42 7.86
N GLY A 620 27.97 -11.13 7.70
CA GLY A 620 29.02 -10.73 6.80
C GLY A 620 28.75 -11.06 5.33
N ARG A 621 27.51 -11.42 5.02
CA ARG A 621 27.12 -11.73 3.66
C ARG A 621 25.83 -10.99 3.32
N PRO A 622 25.61 -10.67 2.04
CA PRO A 622 24.40 -9.90 1.67
C PRO A 622 23.14 -10.39 2.35
N GLY A 623 22.37 -9.44 2.90
CA GLY A 623 21.16 -9.74 3.60
C GLY A 623 21.33 -10.22 5.02
N THR A 624 22.56 -10.41 5.49
CA THR A 624 22.85 -10.88 6.83
C THR A 624 23.45 -9.76 7.66
N GLY A 625 23.36 -9.92 8.97
CA GLY A 625 24.03 -8.99 9.88
C GLY A 625 23.24 -8.77 11.15
N LEU A 626 23.82 -7.90 11.98
CA LEU A 626 23.26 -7.48 13.26
C LEU A 626 23.26 -5.95 13.28
N HIS A 627 22.18 -5.36 13.79
CA HIS A 627 21.98 -3.94 13.56
C HIS A 627 21.01 -3.32 14.57
N PRO A 628 21.49 -3.00 15.77
CA PRO A 628 20.67 -2.23 16.72
C PRO A 628 20.47 -0.80 16.25
N LEU A 629 19.79 0.02 17.05
CA LEU A 629 19.42 1.36 16.62
C LEU A 629 19.73 2.36 17.73
N ARG A 630 19.78 3.63 17.35
CA ARG A 630 20.16 4.71 18.23
C ARG A 630 19.11 5.82 18.15
N GLY A 631 19.01 6.60 19.21
CA GLY A 631 17.97 7.60 19.30
C GLY A 631 18.42 9.04 19.20
N GLN A 632 19.42 9.31 18.38
CA GLN A 632 19.87 10.67 18.13
C GLN A 632 20.44 10.74 16.71
N ASN A 633 20.99 11.89 16.35
CA ASN A 633 21.33 12.14 14.95
C ASN A 633 22.65 11.50 14.56
N ASN A 634 23.75 11.92 15.20
CA ASN A 634 25.08 11.50 14.82
C ASN A 634 25.88 11.04 16.03
N VAL A 635 25.20 10.43 17.01
CA VAL A 635 25.91 9.89 18.17
C VAL A 635 27.10 9.06 17.72
N GLN A 636 26.92 8.28 16.65
CA GLN A 636 28.06 7.63 16.02
C GLN A 636 29.15 8.64 15.69
N GLY A 637 28.78 9.71 14.97
CA GLY A 637 29.77 10.69 14.57
C GLY A 637 30.47 11.38 15.73
N ALA A 638 29.82 11.43 16.89
CA ALA A 638 30.46 12.01 18.06
C ALA A 638 31.37 11.01 18.75
N SER A 639 30.81 9.89 19.18
CA SER A 639 31.55 8.89 19.92
C SER A 639 32.45 8.04 19.03
N ASP A 640 32.61 8.41 17.77
CA ASP A 640 33.60 7.80 16.88
C ASP A 640 34.74 8.74 16.56
N ALA A 641 34.74 9.96 17.13
CA ALA A 641 35.78 10.94 16.83
C ALA A 641 36.28 11.63 18.08
N GLY A 642 36.20 10.96 19.22
CA GLY A 642 36.99 11.30 20.37
C GLY A 642 36.32 12.07 21.48
N LEU A 643 35.00 11.94 21.63
CA LEU A 643 34.31 12.53 22.78
C LEU A 643 33.99 11.42 23.80
N ILE A 644 35.04 10.97 24.48
CA ILE A 644 34.94 9.83 25.39
C ILE A 644 35.96 10.00 26.52
N PRO A 645 35.61 9.66 27.77
CA PRO A 645 36.56 9.83 28.88
C PRO A 645 37.67 8.80 28.94
N MET A 646 37.74 7.87 27.98
CA MET A 646 38.75 6.82 28.05
C MET A 646 39.38 6.53 26.68
N VAL A 647 39.16 7.37 25.68
CA VAL A 647 39.71 7.10 24.35
C VAL A 647 39.64 8.34 23.47
N TYR A 648 40.65 8.51 22.62
CA TYR A 648 40.72 9.57 21.62
C TYR A 648 40.02 9.04 20.37
N PRO A 649 39.95 9.79 19.26
CA PRO A 649 39.02 9.42 18.20
C PRO A 649 39.35 8.04 17.63
N ASP A 650 38.41 7.54 16.82
CA ASP A 650 38.57 6.27 16.10
C ASP A 650 38.97 5.14 17.03
N TYR A 651 38.56 5.22 18.29
CA TYR A 651 38.75 4.15 19.26
C TYR A 651 40.23 3.75 19.40
N GLN A 652 41.03 4.71 19.85
CA GLN A 652 42.41 4.46 20.26
C GLN A 652 42.55 4.91 21.71
N SER A 653 42.40 3.97 22.64
CA SER A 653 42.27 4.30 24.05
C SER A 653 43.44 5.14 24.55
N VAL A 654 43.24 5.77 25.70
CA VAL A 654 44.24 6.66 26.28
C VAL A 654 45.26 5.90 27.12
N GLU A 655 44.80 4.91 27.89
CA GLU A 655 45.70 4.12 28.72
C GLU A 655 46.90 3.58 27.94
N LYS A 656 46.76 3.43 26.63
CA LYS A 656 47.88 2.97 25.82
C LYS A 656 49.02 3.99 25.87
N ASP A 657 50.17 3.59 25.32
CA ASP A 657 51.35 4.45 25.29
C ASP A 657 51.54 5.12 23.94
N ALA A 658 51.65 4.33 22.86
CA ALA A 658 51.94 4.89 21.55
C ALA A 658 50.87 5.90 21.13
N VAL A 659 49.63 5.68 21.56
CA VAL A 659 48.58 6.68 21.34
C VAL A 659 49.04 8.04 21.83
N ARG A 660 49.58 8.09 23.04
CA ARG A 660 50.09 9.31 23.64
C ARG A 660 51.44 9.72 23.07
N GLU A 661 51.96 9.02 22.07
CA GLU A 661 53.24 9.37 21.46
C GLU A 661 53.12 9.82 20.01
N LEU A 662 52.05 9.42 19.31
CA LEU A 662 51.84 9.87 17.95
C LEU A 662 50.84 11.01 17.83
N PHE A 663 49.84 11.07 18.72
CA PHE A 663 48.91 12.19 18.70
C PHE A 663 49.63 13.52 18.91
N GLU A 664 50.75 13.50 19.64
CA GLU A 664 51.40 14.73 20.05
C GLU A 664 52.24 15.35 18.94
N GLU A 665 52.59 14.57 17.91
CA GLU A 665 53.20 15.17 16.73
C GLU A 665 52.25 16.15 16.05
N PHE A 666 50.95 16.04 16.32
CA PHE A 666 49.95 16.96 15.80
C PHE A 666 49.59 18.05 16.81
N TRP A 667 49.21 17.65 18.03
CA TRP A 667 48.77 18.61 19.03
C TRP A 667 49.92 19.24 19.80
N GLY A 668 51.11 18.66 19.75
CA GLY A 668 52.26 19.20 20.44
C GLY A 668 51.99 19.49 21.90
N GLN A 669 51.67 18.45 22.67
CA GLN A 669 51.27 18.63 24.06
C GLN A 669 51.67 17.40 24.86
N SER A 670 51.65 17.54 26.19
CA SER A 670 51.83 16.44 27.11
C SER A 670 50.47 16.13 27.75
N LEU A 671 49.99 14.92 27.54
CA LEU A 671 48.64 14.54 27.92
C LEU A 671 48.65 13.77 29.24
N ASP A 672 47.47 13.35 29.68
CA ASP A 672 47.31 12.58 30.91
C ASP A 672 46.89 11.16 30.56
N PRO A 673 47.64 10.14 30.98
CA PRO A 673 47.28 8.77 30.60
C PRO A 673 46.10 8.21 31.37
N GLN A 674 45.99 8.56 32.65
CA GLN A 674 44.89 8.05 33.46
C GLN A 674 43.56 8.52 32.91
N LYS A 675 42.55 7.65 32.98
CA LYS A 675 41.29 7.90 32.30
C LYS A 675 40.55 9.06 32.96
N GLY A 676 39.38 9.39 32.41
CA GLY A 676 38.53 10.39 32.99
C GLY A 676 37.50 9.81 33.91
N LEU A 677 36.77 10.69 34.58
CA LEU A 677 35.70 10.29 35.50
C LEU A 677 34.40 10.32 34.74
N THR A 678 33.79 9.14 34.57
CA THR A 678 32.63 9.00 33.70
C THR A 678 31.49 9.89 34.21
N VAL A 679 30.44 9.99 33.39
CA VAL A 679 29.40 11.00 33.59
C VAL A 679 28.86 10.95 35.01
N VAL A 680 28.23 9.84 35.36
CA VAL A 680 27.69 9.73 36.71
C VAL A 680 28.82 9.68 37.73
N GLU A 681 29.95 9.10 37.34
CA GLU A 681 31.10 9.10 38.24
C GLU A 681 31.51 10.52 38.60
N ILE A 682 31.72 11.37 37.59
CA ILE A 682 32.14 12.74 37.85
C ILE A 682 31.04 13.51 38.60
N MET A 683 29.78 13.24 38.26
CA MET A 683 28.69 13.96 38.92
C MET A 683 28.65 13.64 40.41
N ARG A 684 28.59 12.36 40.76
CA ARG A 684 28.61 11.97 42.17
C ARG A 684 29.92 12.37 42.83
N ALA A 685 31.00 12.44 42.07
CA ALA A 685 32.28 12.88 42.62
C ALA A 685 32.20 14.31 43.10
N ILE A 686 31.95 15.24 42.18
CA ILE A 686 31.91 16.66 42.54
C ILE A 686 31.01 16.89 43.73
N HIS A 687 29.93 16.11 43.85
CA HIS A 687 29.09 16.18 45.04
C HIS A 687 29.96 15.87 46.26
N ALA A 688 30.21 16.88 47.08
CA ALA A 688 31.18 16.78 48.16
C ALA A 688 32.56 16.40 47.64
N GLY A 689 32.86 16.78 46.40
CA GLY A 689 34.10 16.38 45.76
C GLY A 689 35.13 17.49 45.62
N GLU A 690 35.84 17.49 44.49
CA GLU A 690 36.94 18.42 44.28
C GLU A 690 36.90 19.14 42.93
N ILE A 691 36.16 18.62 41.94
CA ILE A 691 36.13 19.27 40.64
C ILE A 691 35.58 20.69 40.78
N ARG A 692 35.97 21.56 39.84
CA ARG A 692 35.61 22.97 39.87
C ARG A 692 35.14 23.39 38.48
N GLY A 693 33.86 23.71 38.37
CA GLY A 693 33.32 24.23 37.12
C GLY A 693 33.46 23.29 35.94
N MET A 694 32.95 23.72 34.79
CA MET A 694 33.05 22.95 33.56
C MET A 694 32.69 23.87 32.40
N PHE A 695 32.58 23.29 31.20
CA PHE A 695 32.16 24.00 29.99
C PHE A 695 31.06 23.16 29.36
N VAL A 696 29.82 23.40 29.78
CA VAL A 696 28.70 22.61 29.28
C VAL A 696 28.37 23.03 27.84
N GLU A 697 27.61 22.17 27.17
CA GLU A 697 27.24 22.44 25.78
C GLU A 697 26.19 21.44 25.34
N GLY A 698 25.27 21.91 24.50
CA GLY A 698 24.29 21.07 23.84
C GLY A 698 23.65 20.01 24.71
N GLU A 699 23.21 20.37 25.92
CA GLU A 699 22.59 19.39 26.80
C GLU A 699 21.73 20.10 27.82
N ASN A 700 20.76 19.34 28.34
CA ASN A 700 19.93 19.74 29.47
C ASN A 700 20.18 18.75 30.60
N PRO A 701 21.42 18.62 31.05
CA PRO A 701 21.76 17.56 32.01
C PRO A 701 20.90 17.55 33.26
N ALA A 702 20.33 18.69 33.62
CA ALA A 702 19.56 18.77 34.86
C ALA A 702 18.34 17.87 34.87
N MET A 703 17.93 17.35 33.70
CA MET A 703 16.69 16.56 33.64
C MET A 703 16.81 15.33 32.75
N SER A 704 18.02 14.80 32.53
CA SER A 704 18.16 13.69 31.61
C SER A 704 18.30 12.34 32.31
N ASP A 705 19.42 12.12 33.01
CA ASP A 705 19.63 10.87 33.72
C ASP A 705 19.10 10.94 35.15
N PRO A 706 19.50 11.93 35.96
CA PRO A 706 19.14 11.92 37.37
C PRO A 706 17.87 12.70 37.64
N ASP A 707 17.05 12.15 38.54
CA ASP A 707 15.75 12.75 38.82
C ASP A 707 15.87 14.14 39.44
N LEU A 708 16.39 14.22 40.67
CA LEU A 708 16.44 15.50 41.37
C LEU A 708 17.78 15.77 42.05
N ASN A 709 18.41 14.75 42.63
CA ASN A 709 19.56 15.01 43.49
C ASN A 709 20.70 15.65 42.72
N HIS A 710 21.01 15.14 41.53
CA HIS A 710 22.10 15.65 40.72
C HIS A 710 21.63 16.63 39.66
N ALA A 711 20.57 17.37 39.94
CA ALA A 711 20.12 18.46 39.08
C ALA A 711 20.25 19.81 39.78
N ARG A 712 19.68 19.95 40.97
CA ARG A 712 19.80 21.19 41.72
C ARG A 712 21.11 21.21 42.52
N HIS A 713 21.27 20.25 43.44
CA HIS A 713 22.49 20.18 44.23
C HIS A 713 23.72 19.88 43.38
N ALA A 714 23.53 19.39 42.15
CA ALA A 714 24.66 19.10 41.28
C ALA A 714 25.52 20.33 41.05
N LEU A 715 24.92 21.37 40.46
CA LEU A 715 25.65 22.58 40.12
C LEU A 715 25.64 23.60 41.25
N ALA A 716 24.75 23.45 42.22
CA ALA A 716 24.67 24.40 43.33
C ALA A 716 26.04 24.66 43.93
N MET A 717 26.68 23.61 44.45
CA MET A 717 27.98 23.76 45.08
C MET A 717 29.06 24.18 44.09
N LEU A 718 28.79 24.13 42.79
CA LEU A 718 29.78 24.52 41.81
C LEU A 718 30.09 26.01 41.92
N ASP A 719 31.33 26.37 41.58
CA ASP A 719 31.80 27.75 41.73
C ASP A 719 31.66 28.56 40.44
N HIS A 720 32.30 28.11 39.37
CA HIS A 720 32.32 28.83 38.10
C HIS A 720 31.73 27.93 37.02
N LEU A 721 30.63 28.37 36.41
CA LEU A 721 29.82 27.53 35.54
C LEU A 721 29.71 28.17 34.17
N VAL A 722 29.34 27.34 33.19
CA VAL A 722 29.14 27.78 31.81
C VAL A 722 28.00 27.00 31.20
N VAL A 723 27.24 27.65 30.32
CA VAL A 723 26.15 27.00 29.60
C VAL A 723 26.01 27.65 28.23
N GLN A 724 26.10 26.83 27.18
CA GLN A 724 26.03 27.29 25.80
C GLN A 724 24.77 26.79 25.11
N ASP A 725 23.63 26.87 25.80
CA ASP A 725 22.39 26.30 25.29
C ASP A 725 21.64 27.31 24.41
N LEU A 726 20.98 26.78 23.38
CA LEU A 726 20.16 27.61 22.50
C LEU A 726 19.18 28.47 23.30
N PHE A 727 18.34 27.82 24.11
CA PHE A 727 17.37 28.50 24.93
C PHE A 727 17.86 28.56 26.37
N LEU A 728 17.09 29.23 27.24
CA LEU A 728 17.36 29.20 28.67
C LEU A 728 16.62 28.00 29.28
N THR A 729 17.07 26.82 28.89
CA THR A 729 16.47 25.59 29.38
C THR A 729 16.56 25.53 30.90
N GLU A 730 15.74 24.64 31.48
CA GLU A 730 15.66 24.53 32.93
C GLU A 730 17.05 24.44 33.54
N THR A 731 17.95 23.71 32.92
CA THR A 731 19.32 23.59 33.42
C THR A 731 20.03 24.94 33.32
N ALA A 732 21.10 25.08 34.10
CA ALA A 732 21.94 26.26 34.06
C ALA A 732 21.15 27.52 34.37
N PHE A 733 20.14 27.40 35.24
CA PHE A 733 19.42 28.57 35.70
C PHE A 733 20.35 29.59 36.35
N HIS A 734 21.41 29.11 37.02
CA HIS A 734 22.41 29.97 37.63
C HIS A 734 23.78 29.83 36.95
N ALA A 735 23.81 29.38 35.70
CA ALA A 735 25.06 29.34 34.95
C ALA A 735 25.61 30.74 34.73
N ASP A 736 26.75 31.04 35.36
CA ASP A 736 27.24 32.41 35.47
C ASP A 736 27.68 33.01 34.15
N VAL A 737 27.51 32.34 33.01
CA VAL A 737 27.83 32.91 31.71
C VAL A 737 27.12 32.10 30.65
N VAL A 738 26.90 32.72 29.48
CA VAL A 738 26.13 32.11 28.40
C VAL A 738 26.68 32.60 27.07
N LEU A 739 26.41 31.83 26.02
CA LEU A 739 26.79 32.18 24.66
C LEU A 739 25.64 31.83 23.71
N PRO A 740 25.57 32.50 22.55
CA PRO A 740 24.44 32.29 21.63
C PRO A 740 24.58 31.07 20.70
N ALA A 741 24.21 29.92 21.22
CA ALA A 741 24.20 28.70 20.42
C ALA A 741 23.40 28.91 19.14
N SER A 742 24.02 28.61 18.01
CA SER A 742 23.32 28.60 16.73
C SER A 742 22.45 27.37 16.61
N ALA A 743 21.28 27.54 16.00
CA ALA A 743 20.38 26.43 15.73
C ALA A 743 20.95 25.53 14.65
N PHE A 744 20.20 24.48 14.30
CA PHE A 744 20.72 23.47 13.40
C PHE A 744 20.79 23.96 11.96
N ALA A 745 19.69 24.53 11.46
CA ALA A 745 19.49 24.70 10.02
C ALA A 745 20.51 25.63 9.37
N GLU A 746 21.43 26.19 10.14
CA GLU A 746 22.41 27.15 9.66
C GLU A 746 23.82 26.63 9.92
N LYS A 747 24.30 25.78 9.01
CA LYS A 747 25.69 25.32 9.06
C LYS A 747 25.97 24.42 7.86
N ALA A 748 27.26 24.29 7.55
CA ALA A 748 27.78 23.23 6.71
C ALA A 748 28.47 22.22 7.63
N GLY A 749 29.16 21.24 7.05
CA GLY A 749 29.90 20.30 7.86
C GLY A 749 29.65 18.85 7.50
N THR A 750 29.59 18.00 8.51
CA THR A 750 29.44 16.56 8.34
C THR A 750 28.60 16.01 9.48
N PHE A 751 27.64 15.17 9.15
CA PHE A 751 26.86 14.45 10.13
C PHE A 751 26.83 12.98 9.75
N THR A 752 26.53 12.12 10.73
CA THR A 752 26.41 10.69 10.49
C THR A 752 25.13 10.19 11.12
N ASN A 753 24.77 8.97 10.75
CA ASN A 753 23.56 8.30 11.22
C ASN A 753 23.96 7.02 11.94
N THR A 754 22.96 6.23 12.30
CA THR A 754 23.18 4.90 12.85
C THR A 754 23.35 3.85 11.76
N ASP A 755 23.72 4.28 10.55
CA ASP A 755 23.83 3.41 9.39
C ASP A 755 25.25 3.35 8.83
N ARG A 756 26.22 3.93 9.52
CA ARG A 756 27.62 4.00 9.10
C ARG A 756 27.86 5.07 8.04
N ARG A 757 26.85 5.86 7.70
CA ARG A 757 26.96 6.85 6.64
C ARG A 757 27.19 8.23 7.22
N VAL A 758 27.89 9.07 6.46
CA VAL A 758 28.15 10.45 6.84
C VAL A 758 27.42 11.36 5.85
N GLN A 759 26.61 12.26 6.38
CA GLN A 759 25.78 13.17 5.59
C GLN A 759 26.32 14.59 5.70
N ILE A 760 26.44 15.26 4.56
CA ILE A 760 26.82 16.66 4.54
C ILE A 760 25.58 17.50 4.79
N ALA A 761 25.77 18.79 5.03
CA ALA A 761 24.66 19.71 5.26
C ALA A 761 24.98 21.01 4.54
N GLN A 762 24.14 22.03 4.77
CA GLN A 762 24.28 23.31 4.08
C GLN A 762 23.35 24.32 4.74
N PRO A 763 23.74 25.58 4.87
CA PRO A 763 22.92 26.54 5.60
C PRO A 763 21.80 27.09 4.74
N VAL A 764 20.80 27.65 5.42
CA VAL A 764 19.61 28.17 4.76
C VAL A 764 19.37 29.63 5.16
N VAL A 765 19.36 29.90 6.46
CA VAL A 765 19.00 31.21 6.98
C VAL A 765 19.93 31.54 8.14
N ALA A 766 20.49 32.74 8.13
CA ALA A 766 21.33 33.18 9.22
C ALA A 766 20.49 33.34 10.49
N PRO A 767 21.13 33.33 11.65
CA PRO A 767 20.38 33.42 12.90
C PRO A 767 20.12 34.86 13.28
N PRO A 768 19.27 35.09 14.26
CA PRO A 768 18.97 36.46 14.69
C PRO A 768 20.05 37.00 15.62
N GLY A 769 19.90 38.25 16.00
CA GLY A 769 20.84 38.88 16.92
C GLY A 769 22.27 38.79 16.43
N ASP A 770 23.22 39.10 17.31
CA ASP A 770 24.63 38.94 17.02
C ASP A 770 25.13 37.52 17.28
N ALA A 771 24.21 36.56 17.35
CA ALA A 771 24.57 35.17 17.57
C ALA A 771 25.48 34.67 16.46
N ARG A 772 26.13 33.54 16.71
CA ARG A 772 27.03 32.92 15.74
C ARG A 772 27.06 31.42 15.99
N GLN A 773 27.89 30.73 15.21
CA GLN A 773 28.03 29.29 15.30
C GLN A 773 28.94 28.95 16.49
N ASP A 774 29.33 27.69 16.59
CA ASP A 774 30.17 27.22 17.69
C ASP A 774 31.63 27.01 17.28
N TRP A 775 31.88 26.65 16.02
CA TRP A 775 33.26 26.52 15.56
C TRP A 775 33.98 27.86 15.57
N TRP A 776 33.28 28.97 15.79
CA TRP A 776 33.88 30.27 16.04
C TRP A 776 33.99 30.58 17.53
N ILE A 777 32.95 30.26 18.30
CA ILE A 777 33.02 30.40 19.75
C ILE A 777 34.26 29.70 20.30
N ILE A 778 34.44 28.44 19.92
CA ILE A 778 35.51 27.65 20.51
C ILE A 778 36.87 28.12 19.99
N GLN A 779 36.94 28.55 18.73
CA GLN A 779 38.17 29.14 18.24
C GLN A 779 38.56 30.37 19.06
N GLU A 780 37.61 31.28 19.26
CA GLU A 780 37.89 32.49 20.03
C GLU A 780 38.30 32.14 21.45
N LEU A 781 37.66 31.14 22.05
CA LEU A 781 37.94 30.83 23.44
C LEU A 781 39.29 30.14 23.58
N ALA A 782 39.62 29.26 22.64
CA ALA A 782 40.97 28.68 22.60
C ALA A 782 42.02 29.77 22.50
N ARG A 783 41.82 30.72 21.58
CA ARG A 783 42.74 31.85 21.49
C ARG A 783 42.86 32.57 22.82
N ARG A 784 41.73 32.92 23.42
CA ARG A 784 41.74 33.58 24.73
C ARG A 784 42.35 32.71 25.82
N LEU A 785 42.55 31.42 25.57
CA LEU A 785 43.19 30.52 26.52
C LEU A 785 44.57 30.07 26.07
N ASP A 786 45.19 30.80 25.14
CA ASP A 786 46.54 30.52 24.69
C ASP A 786 46.64 29.14 24.02
N LEU A 787 45.89 29.00 22.92
CA LEU A 787 45.94 27.80 22.10
C LEU A 787 46.39 28.09 20.68
N ASP A 788 45.91 29.16 20.07
CA ASP A 788 46.40 29.65 18.78
C ASP A 788 46.25 28.58 17.70
N TRP A 789 45.00 28.22 17.42
CA TRP A 789 44.70 27.25 16.37
C TRP A 789 44.56 27.92 15.01
N ASN A 790 43.64 28.88 14.89
CA ASN A 790 43.51 29.71 13.69
C ASN A 790 43.29 28.84 12.45
N TYR A 791 42.66 27.68 12.63
CA TYR A 791 42.44 26.77 11.51
C TYR A 791 41.60 27.41 10.42
N GLY A 792 40.55 28.14 10.80
CA GLY A 792 39.66 28.74 9.84
C GLY A 792 38.23 28.24 9.94
N GLY A 793 37.74 27.61 8.87
CA GLY A 793 36.37 27.14 8.82
C GLY A 793 36.27 25.61 8.85
N PRO A 794 35.05 25.11 9.01
CA PRO A 794 34.85 23.65 9.08
C PRO A 794 35.44 22.90 7.88
N ALA A 795 35.50 23.53 6.71
CA ALA A 795 36.01 22.87 5.53
C ALA A 795 37.47 22.48 5.66
N ASP A 796 38.14 22.93 6.72
CA ASP A 796 39.50 22.51 7.06
C ASP A 796 39.55 21.68 8.33
N ILE A 797 38.62 21.92 9.26
CA ILE A 797 38.47 21.02 10.40
C ILE A 797 38.23 19.60 9.93
N PHE A 798 37.48 19.43 8.84
CA PHE A 798 37.25 18.10 8.29
C PHE A 798 38.58 17.41 7.98
N ALA A 799 39.46 18.12 7.26
CA ALA A 799 40.74 17.54 6.90
C ALA A 799 41.60 17.28 8.13
N GLU A 800 41.65 18.24 9.06
CA GLU A 800 42.47 18.09 10.25
C GLU A 800 41.93 17.03 11.20
N MET A 801 40.67 16.61 11.02
CA MET A 801 40.11 15.50 11.77
C MET A 801 40.28 14.17 11.06
N ALA A 802 40.36 14.20 9.73
CA ALA A 802 40.54 12.96 8.98
C ALA A 802 42.00 12.54 8.91
N GLN A 803 42.93 13.48 8.98
CA GLN A 803 44.34 13.13 8.90
C GLN A 803 44.77 12.16 9.98
N VAL A 804 44.02 12.08 11.08
CA VAL A 804 44.34 11.18 12.18
C VAL A 804 43.51 9.91 12.12
N MET A 805 42.22 10.05 11.83
CA MET A 805 41.26 8.94 11.82
C MET A 805 41.29 8.20 10.49
N PRO A 806 41.85 6.99 10.43
CA PRO A 806 41.87 6.27 9.15
C PRO A 806 40.50 5.78 8.71
N SER A 807 39.49 5.83 9.58
CA SER A 807 38.15 5.42 9.19
C SER A 807 37.70 6.09 7.90
N LEU A 808 38.25 7.27 7.60
CA LEU A 808 37.90 8.03 6.41
C LEU A 808 39.07 8.14 5.44
N ASN A 809 39.95 7.13 5.44
CA ASN A 809 41.23 7.25 4.77
C ASN A 809 41.09 7.67 3.31
N ASN A 810 39.91 7.50 2.71
CA ASN A 810 39.65 7.92 1.34
C ASN A 810 38.35 8.73 1.33
N ILE A 811 38.45 10.01 1.66
CA ILE A 811 37.30 10.89 1.72
C ILE A 811 37.79 12.33 1.54
N THR A 812 36.91 13.18 1.04
CA THR A 812 37.17 14.62 1.00
C THR A 812 35.84 15.35 0.97
N TRP A 813 35.84 16.58 1.51
CA TRP A 813 34.65 17.41 1.49
C TRP A 813 34.10 17.56 0.07
N GLU A 814 34.96 17.58 -0.93
CA GLU A 814 34.51 17.75 -2.31
C GLU A 814 33.43 16.74 -2.65
N ARG A 815 33.76 15.46 -2.54
CA ARG A 815 32.82 14.40 -2.86
C ARG A 815 31.86 14.11 -1.72
N LEU A 816 31.98 14.82 -0.60
CA LEU A 816 30.92 14.84 0.40
C LEU A 816 29.88 15.89 0.07
N GLU A 817 30.18 16.81 -0.85
CA GLU A 817 29.17 17.70 -1.39
C GLU A 817 28.56 17.10 -2.65
N ARG A 818 29.40 16.83 -3.65
CA ARG A 818 28.97 16.10 -4.84
C ARG A 818 28.87 14.61 -4.50
N GLU A 819 27.78 13.98 -4.95
CA GLU A 819 27.33 12.66 -4.51
C GLU A 819 26.71 12.72 -3.13
N GLY A 820 26.70 13.89 -2.50
CA GLY A 820 26.14 14.07 -1.17
C GLY A 820 26.82 13.23 -0.11
N ALA A 821 26.10 12.24 0.41
CA ALA A 821 26.54 11.47 1.56
C ALA A 821 27.22 10.19 1.10
N VAL A 822 28.10 9.68 1.97
CA VAL A 822 28.78 8.41 1.74
C VAL A 822 28.97 7.78 3.12
N THR A 823 29.52 6.57 3.15
CA THR A 823 29.90 5.92 4.40
C THR A 823 31.40 5.68 4.40
N TYR A 824 31.98 5.69 5.60
CA TYR A 824 33.42 5.81 5.78
C TYR A 824 34.20 4.54 5.47
N PRO A 825 33.70 3.33 5.77
CA PRO A 825 34.55 2.14 5.64
C PRO A 825 35.02 1.86 4.22
N VAL A 826 34.67 2.72 3.26
CA VAL A 826 35.13 2.53 1.90
C VAL A 826 36.65 2.58 1.84
N ASP A 827 37.21 2.01 0.77
CA ASP A 827 38.64 1.98 0.53
C ASP A 827 39.04 2.68 -0.75
N ALA A 828 38.25 2.54 -1.83
CA ALA A 828 38.63 3.11 -3.11
C ALA A 828 38.01 4.49 -3.30
N PRO A 829 38.64 5.34 -4.13
CA PRO A 829 38.12 6.70 -4.31
C PRO A 829 36.88 6.78 -5.18
N ASP A 830 36.88 6.02 -6.28
CA ASP A 830 35.83 6.10 -7.30
C ASP A 830 34.91 4.89 -7.27
N GLN A 831 34.58 4.43 -6.06
CA GLN A 831 33.72 3.28 -5.85
C GLN A 831 32.58 3.67 -4.92
N PRO A 832 31.48 2.92 -4.94
CA PRO A 832 30.34 3.27 -4.07
C PRO A 832 30.70 3.22 -2.60
N GLY A 833 31.22 2.08 -2.15
CA GLY A 833 31.59 1.96 -0.75
C GLY A 833 31.74 0.50 -0.37
N ASN A 834 32.13 0.31 0.89
CA ASN A 834 32.24 -1.00 1.52
C ASN A 834 31.34 -0.96 2.75
N GLU A 835 30.22 -1.68 2.68
CA GLU A 835 29.08 -1.42 3.56
C GLU A 835 28.63 -2.67 4.30
N ILE A 836 29.56 -3.58 4.58
CA ILE A 836 29.23 -4.78 5.34
C ILE A 836 30.42 -5.20 6.20
N ILE A 837 30.19 -5.28 7.51
CA ILE A 837 31.23 -5.77 8.41
C ILE A 837 31.57 -7.21 8.07
N PHE A 838 32.84 -7.56 8.28
CA PHE A 838 33.29 -8.94 8.21
C PHE A 838 32.80 -9.63 6.94
N TYR A 839 33.25 -9.11 5.80
CA TYR A 839 32.96 -9.76 4.54
C TYR A 839 33.96 -10.87 4.24
N ALA A 840 35.19 -10.74 4.74
CA ALA A 840 36.19 -11.79 4.58
C ALA A 840 37.03 -12.00 5.84
N GLY A 841 36.72 -11.31 6.95
CA GLY A 841 37.47 -11.51 8.17
C GLY A 841 37.36 -10.35 9.14
N PHE A 842 37.23 -10.66 10.43
CA PHE A 842 37.14 -9.61 11.44
C PHE A 842 38.37 -8.70 11.34
N PRO A 843 38.21 -7.37 11.53
CA PRO A 843 39.36 -6.48 11.69
C PRO A 843 39.92 -6.49 13.12
N THR A 844 40.09 -7.67 13.69
CA THR A 844 40.67 -7.85 15.00
C THR A 844 42.00 -8.62 14.88
N GLU A 845 42.84 -8.45 15.90
CA GLU A 845 44.20 -9.00 15.86
C GLU A 845 44.19 -10.46 15.44
N SER A 846 43.31 -11.26 16.03
CA SER A 846 43.28 -12.69 15.75
C SER A 846 42.61 -13.00 14.42
N GLY A 847 41.70 -12.13 13.96
CA GLY A 847 40.81 -12.48 12.87
C GLY A 847 39.57 -13.23 13.30
N ARG A 848 39.50 -13.65 14.56
CA ARG A 848 38.35 -14.36 15.11
C ARG A 848 37.77 -13.57 16.28
N ALA A 849 36.58 -13.98 16.70
CA ALA A 849 35.95 -13.40 17.87
C ALA A 849 36.29 -14.21 19.11
N LYS A 850 35.77 -13.76 20.25
CA LYS A 850 35.88 -14.47 21.52
C LYS A 850 34.46 -14.62 22.06
N ILE A 851 33.78 -15.71 21.67
CA ILE A 851 32.43 -15.92 22.15
C ILE A 851 32.42 -15.86 23.66
N VAL A 852 31.50 -15.10 24.25
CA VAL A 852 31.60 -14.74 25.69
C VAL A 852 30.75 -15.66 26.56
N PRO A 853 31.20 -16.02 27.79
CA PRO A 853 30.39 -16.86 28.65
C PRO A 853 29.16 -16.00 28.98
N ALA A 854 27.95 -16.52 28.76
CA ALA A 854 26.68 -15.82 29.02
C ALA A 854 25.97 -16.60 30.14
N ALA A 855 25.88 -16.06 31.35
CA ALA A 855 25.26 -16.82 32.42
C ALA A 855 24.04 -16.06 32.93
N ILE A 856 23.18 -16.78 33.64
CA ILE A 856 22.06 -16.16 34.32
C ILE A 856 22.61 -15.59 35.61
N VAL A 857 23.03 -14.33 35.57
CA VAL A 857 23.72 -13.70 36.69
C VAL A 857 22.92 -12.48 37.14
N PRO A 858 21.88 -12.65 37.97
CA PRO A 858 21.07 -11.52 38.44
C PRO A 858 21.86 -10.56 39.31
N GLY B 27 -8.55 9.64 17.65
CA GLY B 27 -7.34 8.99 17.16
C GLY B 27 -7.61 7.96 16.09
N ARG B 28 -8.64 7.14 16.31
CA ARG B 28 -9.02 6.10 15.36
C ARG B 28 -10.26 5.42 15.90
N GLN B 29 -10.98 4.73 15.00
CA GLN B 29 -12.11 3.93 15.44
C GLN B 29 -11.63 2.79 16.34
N VAL B 30 -12.21 2.70 17.53
CA VAL B 30 -11.72 1.80 18.56
C VAL B 30 -12.53 0.52 18.56
N ASP B 31 -11.87 -0.58 18.85
CA ASP B 31 -12.54 -1.87 19.01
C ASP B 31 -13.40 -1.80 20.26
N PRO B 32 -14.73 -1.89 20.16
CA PRO B 32 -15.57 -1.70 21.35
C PRO B 32 -15.83 -3.02 22.07
N HIS B 33 -16.46 -2.90 23.24
CA HIS B 33 -16.86 -4.08 24.01
C HIS B 33 -17.75 -4.99 23.15
N ALA B 34 -18.37 -4.45 22.08
CA ALA B 34 -19.30 -5.20 21.25
C ALA B 34 -18.54 -6.10 20.28
N LYS B 35 -17.65 -6.91 20.84
CA LYS B 35 -16.93 -7.94 20.10
C LYS B 35 -17.40 -9.35 20.45
N VAL B 36 -18.32 -9.47 21.40
CA VAL B 36 -18.81 -10.78 21.81
C VAL B 36 -19.62 -11.41 20.69
N GLU B 37 -20.47 -10.61 20.04
CA GLU B 37 -21.40 -11.09 19.03
C GLU B 37 -20.73 -11.38 17.69
N ILE B 38 -19.41 -11.24 17.59
CA ILE B 38 -18.69 -11.59 16.38
C ILE B 38 -17.93 -12.90 16.52
N GLU B 39 -17.57 -13.30 17.74
CA GLU B 39 -16.97 -14.61 17.98
C GLU B 39 -18.01 -15.62 18.42
N GLU B 40 -19.12 -15.19 19.01
CA GLU B 40 -20.22 -16.10 19.32
C GLU B 40 -21.11 -16.34 18.12
N LEU B 41 -20.80 -15.76 16.96
CA LEU B 41 -21.61 -15.90 15.76
C LEU B 41 -20.88 -16.57 14.61
N LEU B 42 -19.55 -16.44 14.53
CA LEU B 42 -18.77 -17.19 13.57
C LEU B 42 -18.33 -18.54 14.12
N GLY B 43 -18.10 -18.62 15.43
CA GLY B 43 -17.67 -19.86 16.05
C GLY B 43 -16.41 -20.43 15.44
N THR B 44 -16.53 -21.57 14.79
CA THR B 44 -15.40 -22.28 14.18
C THR B 44 -15.52 -22.19 12.67
N ARG B 45 -14.95 -21.13 12.10
CA ARG B 45 -14.88 -20.92 10.67
C ARG B 45 -13.47 -20.44 10.32
N PRO B 46 -13.09 -20.55 9.05
CA PRO B 46 -11.79 -20.01 8.63
C PRO B 46 -11.84 -18.50 8.47
N ARG B 47 -10.65 -17.89 8.56
CA ARG B 47 -10.51 -16.44 8.57
C ARG B 47 -9.48 -15.99 7.54
N GLN B 48 -9.59 -16.51 6.33
CA GLN B 48 -8.73 -16.09 5.24
C GLN B 48 -9.37 -14.92 4.50
N ARG B 49 -8.56 -13.96 4.03
CA ARG B 49 -9.03 -12.78 3.27
C ARG B 49 -9.96 -13.24 2.14
N ASP B 50 -9.58 -14.30 1.44
CA ASP B 50 -10.41 -14.76 0.34
C ASP B 50 -11.83 -15.11 0.78
N LEU B 51 -12.04 -15.33 2.08
CA LEU B 51 -13.35 -15.69 2.61
C LEU B 51 -13.83 -14.53 3.48
N LEU B 52 -14.40 -13.52 2.83
CA LEU B 52 -14.93 -12.35 3.52
C LEU B 52 -16.41 -12.12 3.22
N ILE B 53 -16.80 -12.18 1.95
CA ILE B 53 -18.16 -11.77 1.56
C ILE B 53 -19.19 -12.60 2.30
N GLU B 54 -18.89 -13.87 2.58
CA GLU B 54 -19.85 -14.71 3.28
C GLU B 54 -20.16 -14.15 4.67
N HIS B 55 -19.14 -13.66 5.37
CA HIS B 55 -19.36 -13.05 6.68
C HIS B 55 -20.28 -11.85 6.57
N LEU B 56 -20.05 -10.98 5.58
CA LEU B 56 -20.86 -9.79 5.43
C LEU B 56 -22.31 -10.16 5.12
N HIS B 57 -22.51 -11.13 4.23
CA HIS B 57 -23.86 -11.61 3.95
C HIS B 57 -24.51 -12.14 5.23
N LEU B 58 -23.74 -12.87 6.04
CA LEU B 58 -24.28 -13.42 7.27
C LEU B 58 -24.78 -12.31 8.19
N ILE B 59 -23.96 -11.27 8.36
CA ILE B 59 -24.38 -10.15 9.20
C ILE B 59 -25.63 -9.50 8.63
N GLN B 60 -25.61 -9.17 7.33
CA GLN B 60 -26.76 -8.53 6.72
C GLN B 60 -28.01 -9.40 6.80
N ASP B 61 -27.85 -10.71 7.01
CA ASP B 61 -29.01 -11.57 7.18
C ASP B 61 -29.51 -11.57 8.62
N THR B 62 -28.62 -11.84 9.58
CA THR B 62 -29.07 -11.95 10.97
C THR B 62 -29.54 -10.60 11.50
N TYR B 63 -28.87 -9.52 11.13
CA TYR B 63 -29.37 -8.16 11.34
C TYR B 63 -29.62 -7.52 9.98
N GLY B 64 -30.68 -6.73 9.89
CA GLY B 64 -31.05 -6.11 8.63
C GLY B 64 -30.09 -5.07 8.12
N GLN B 65 -28.96 -4.87 8.79
CA GLN B 65 -27.99 -3.86 8.38
C GLN B 65 -26.60 -4.35 8.74
N ILE B 66 -25.60 -3.55 8.36
CA ILE B 66 -24.20 -3.80 8.69
C ILE B 66 -23.69 -2.52 9.33
N SER B 67 -23.36 -2.59 10.62
CA SER B 67 -23.01 -1.42 11.40
C SER B 67 -21.52 -1.39 11.67
N ALA B 68 -21.01 -0.19 11.96
CA ALA B 68 -19.57 0.01 12.10
C ALA B 68 -18.99 -0.93 13.15
N ASP B 69 -19.47 -0.83 14.39
CA ASP B 69 -18.96 -1.65 15.48
C ASP B 69 -18.69 -3.08 15.02
N HIS B 70 -19.65 -3.68 14.32
CA HIS B 70 -19.49 -5.04 13.82
C HIS B 70 -18.31 -5.14 12.86
N LEU B 71 -18.13 -4.13 11.99
CA LEU B 71 -17.01 -4.16 11.06
C LEU B 71 -15.69 -4.06 11.81
N ALA B 72 -15.62 -3.18 12.81
CA ALA B 72 -14.40 -3.05 13.59
C ALA B 72 -14.05 -4.36 14.26
N ALA B 73 -15.04 -5.01 14.88
CA ALA B 73 -14.80 -6.29 15.52
C ALA B 73 -14.33 -7.34 14.52
N LEU B 74 -15.02 -7.42 13.37
CA LEU B 74 -14.67 -8.39 12.35
C LEU B 74 -13.23 -8.18 11.89
N ALA B 75 -12.86 -6.94 11.63
CA ALA B 75 -11.52 -6.64 11.14
C ALA B 75 -10.47 -6.99 12.19
N ASP B 76 -10.63 -6.47 13.41
CA ASP B 76 -9.69 -6.78 14.47
C ASP B 76 -9.63 -8.27 14.78
N GLU B 77 -10.63 -9.04 14.34
CA GLU B 77 -10.52 -10.50 14.39
C GLU B 77 -9.64 -11.00 13.25
N MET B 78 -10.03 -10.69 12.01
CA MET B 78 -9.22 -11.02 10.85
C MET B 78 -7.92 -10.23 10.79
N SER B 79 -7.72 -9.28 11.71
CA SER B 79 -6.48 -8.50 11.77
C SER B 79 -6.24 -7.74 10.46
N LEU B 80 -7.18 -6.85 10.15
CA LEU B 80 -7.08 -6.02 8.96
C LEU B 80 -7.24 -4.54 9.33
N ALA B 81 -7.32 -3.68 8.33
CA ALA B 81 -7.54 -2.26 8.52
C ALA B 81 -8.94 -1.89 8.06
N PHE B 82 -9.50 -0.85 8.69
CA PHE B 82 -10.88 -0.47 8.43
C PHE B 82 -11.07 -0.08 6.97
N ALA B 83 -10.01 0.39 6.32
CA ALA B 83 -10.12 0.86 4.95
C ALA B 83 -10.53 -0.26 4.01
N GLU B 84 -9.97 -1.46 4.20
CA GLU B 84 -10.25 -2.56 3.28
C GLU B 84 -11.69 -3.04 3.40
N VAL B 85 -12.13 -3.31 4.63
CA VAL B 85 -13.50 -3.78 4.82
C VAL B 85 -14.49 -2.72 4.39
N PHE B 86 -14.16 -1.44 4.56
CA PHE B 86 -15.07 -0.39 4.10
C PHE B 86 -15.10 -0.31 2.58
N GLU B 87 -13.94 -0.50 1.94
CA GLU B 87 -13.90 -0.53 0.48
C GLU B 87 -14.77 -1.66 -0.06
N THR B 88 -14.73 -2.82 0.59
CA THR B 88 -15.44 -3.98 0.08
C THR B 88 -16.92 -3.98 0.43
N ALA B 89 -17.30 -3.46 1.59
CA ALA B 89 -18.66 -3.55 2.07
C ALA B 89 -19.60 -2.54 1.44
N THR B 90 -19.14 -1.77 0.45
CA THR B 90 -19.98 -0.76 -0.19
C THR B 90 -19.90 -0.77 -1.70
N PHE B 91 -19.04 -1.58 -2.29
CA PHE B 91 -18.91 -1.66 -3.75
C PHE B 91 -19.97 -2.57 -4.38
N TYR B 92 -20.73 -3.31 -3.58
CA TYR B 92 -21.56 -4.38 -4.09
C TYR B 92 -23.06 -4.08 -4.07
N ALA B 93 -23.46 -2.89 -3.66
CA ALA B 93 -24.79 -2.33 -3.90
C ALA B 93 -25.90 -2.95 -3.06
N HIS B 94 -25.61 -3.97 -2.25
CA HIS B 94 -26.61 -4.57 -1.39
C HIS B 94 -26.30 -4.36 0.08
N PHE B 95 -25.07 -4.64 0.51
CA PHE B 95 -24.68 -4.36 1.89
C PHE B 95 -24.97 -2.91 2.22
N ASP B 96 -25.81 -2.71 3.23
CA ASP B 96 -26.20 -1.37 3.66
C ASP B 96 -25.42 -1.02 4.92
N VAL B 97 -24.66 0.08 4.85
CA VAL B 97 -23.77 0.48 5.93
C VAL B 97 -24.38 1.68 6.64
N VAL B 98 -24.11 1.75 7.95
CA VAL B 98 -24.50 2.89 8.77
C VAL B 98 -23.43 3.08 9.83
N LYS B 99 -23.36 4.29 10.37
CA LYS B 99 -22.44 4.63 11.46
C LYS B 99 -23.25 5.00 12.70
N GLU B 100 -22.55 5.42 13.75
CA GLU B 100 -23.21 5.79 14.98
C GLU B 100 -24.14 6.99 14.83
N GLY B 101 -24.08 7.69 13.70
CA GLY B 101 -24.88 8.89 13.52
C GLY B 101 -26.14 8.69 12.70
N GLU B 102 -26.04 7.92 11.63
CA GLU B 102 -27.17 7.79 10.71
C GLU B 102 -28.33 7.09 11.39
N ALA B 103 -29.45 6.98 10.67
CA ALA B 103 -30.68 6.42 11.20
C ALA B 103 -30.77 4.94 10.91
N ASP B 104 -31.53 4.23 11.75
CA ASP B 104 -31.66 2.79 11.62
C ASP B 104 -32.33 2.44 10.29
N ILE B 105 -31.94 1.30 9.74
CA ILE B 105 -32.56 0.77 8.52
C ILE B 105 -33.66 -0.21 8.94
N PRO B 106 -34.75 -0.32 8.19
CA PRO B 106 -35.78 -1.29 8.55
C PRO B 106 -35.39 -2.70 8.13
N ARG B 107 -36.11 -3.67 8.71
CA ARG B 107 -35.82 -5.07 8.45
C ARG B 107 -36.43 -5.56 7.14
N LEU B 108 -37.59 -5.03 6.77
CA LEU B 108 -38.36 -5.51 5.63
C LEU B 108 -38.24 -4.51 4.49
N THR B 109 -37.70 -4.97 3.37
CA THR B 109 -37.53 -4.14 2.19
C THR B 109 -38.05 -4.88 0.96
N ILE B 110 -38.14 -4.16 -0.15
CA ILE B 110 -38.56 -4.70 -1.43
C ILE B 110 -37.80 -3.94 -2.52
N ARG B 111 -37.90 -4.44 -3.75
CA ARG B 111 -37.17 -3.85 -4.86
C ARG B 111 -38.03 -3.96 -6.12
N VAL B 112 -37.68 -3.14 -7.11
CA VAL B 112 -38.41 -3.06 -8.36
C VAL B 112 -37.41 -2.98 -9.51
N CYS B 113 -37.78 -3.56 -10.64
CA CYS B 113 -36.92 -3.51 -11.81
C CYS B 113 -37.06 -2.17 -12.51
N ASP B 114 -35.96 -1.70 -13.09
CA ASP B 114 -35.92 -0.41 -13.76
C ASP B 114 -35.24 -0.49 -15.12
N SER B 115 -35.00 -1.69 -15.64
CA SER B 115 -34.34 -1.83 -16.93
C SER B 115 -35.37 -1.67 -18.05
N ILE B 116 -34.98 -1.99 -19.28
CA ILE B 116 -35.83 -1.67 -20.43
C ILE B 116 -37.12 -2.48 -20.39
N THR B 117 -37.01 -3.81 -20.28
CA THR B 117 -38.18 -4.66 -20.39
C THR B 117 -39.18 -4.35 -19.28
N CYS B 118 -38.74 -4.48 -18.03
CA CYS B 118 -39.63 -4.26 -16.90
C CYS B 118 -40.19 -2.85 -16.89
N ALA B 119 -39.50 -1.90 -17.51
CA ALA B 119 -39.96 -0.52 -17.57
C ALA B 119 -40.94 -0.27 -18.70
N MET B 120 -40.93 -1.11 -19.72
CA MET B 120 -41.86 -0.94 -20.83
C MET B 120 -43.29 -1.29 -20.44
N PHE B 121 -43.48 -2.08 -19.38
CA PHE B 121 -44.80 -2.52 -18.94
C PHE B 121 -45.33 -1.69 -17.77
N GLY B 122 -44.78 -0.50 -17.53
CA GLY B 122 -45.33 0.38 -16.53
C GLY B 122 -44.71 0.25 -15.14
N ALA B 123 -43.40 0.41 -15.06
CA ALA B 123 -42.70 0.21 -13.79
C ALA B 123 -42.60 1.50 -12.98
N ASP B 124 -42.02 2.56 -13.56
CA ASP B 124 -41.77 3.78 -12.80
C ASP B 124 -43.03 4.27 -12.11
N GLU B 125 -44.17 4.22 -12.80
CA GLU B 125 -45.43 4.55 -12.17
C GLU B 125 -45.68 3.67 -10.95
N LEU B 126 -45.36 2.38 -11.07
CA LEU B 126 -45.47 1.48 -9.92
C LEU B 126 -44.64 1.98 -8.74
N LEU B 127 -43.39 2.35 -9.01
CA LEU B 127 -42.51 2.83 -7.96
C LEU B 127 -43.10 4.03 -7.26
N GLU B 128 -43.34 5.10 -8.03
CA GLU B 128 -43.88 6.33 -7.42
C GLU B 128 -45.35 6.22 -7.07
N THR B 129 -45.96 5.05 -7.24
CA THR B 129 -47.35 4.80 -6.86
C THR B 129 -47.46 4.04 -5.55
N LEU B 130 -46.54 3.14 -5.27
CA LEU B 130 -46.54 2.43 -4.00
C LEU B 130 -45.51 2.98 -3.02
N GLN B 131 -44.67 3.92 -3.44
CA GLN B 131 -43.74 4.58 -2.53
C GLN B 131 -44.42 5.61 -1.65
N ARG B 132 -45.73 5.80 -1.77
CA ARG B 132 -46.45 6.72 -0.90
C ARG B 132 -47.72 6.10 -0.32
N GLU B 133 -47.89 4.78 -0.46
CA GLU B 133 -48.91 4.03 0.26
C GLU B 133 -48.32 3.15 1.35
N LEU B 134 -47.26 2.41 1.03
CA LEU B 134 -46.62 1.49 1.97
C LEU B 134 -45.11 1.67 1.93
N ALA B 135 -44.67 2.93 2.00
CA ALA B 135 -43.26 3.26 2.14
C ALA B 135 -42.94 3.74 3.55
N SER B 136 -43.70 3.27 4.53
CA SER B 136 -43.60 3.76 5.89
C SER B 136 -42.33 3.23 6.55
N ASP B 137 -42.18 3.54 7.84
CA ASP B 137 -40.96 3.20 8.57
C ASP B 137 -40.65 1.71 8.48
N ALA B 138 -41.57 0.88 8.97
CA ALA B 138 -41.33 -0.56 9.01
C ALA B 138 -40.95 -1.15 7.67
N VAL B 139 -41.21 -0.43 6.58
CA VAL B 139 -40.98 -0.97 5.23
C VAL B 139 -40.04 -0.05 4.46
N ARG B 140 -39.75 -0.43 3.22
CA ARG B 140 -38.89 0.37 2.35
C ARG B 140 -39.14 -0.06 0.92
N VAL B 141 -38.80 0.83 -0.01
CA VAL B 141 -38.97 0.57 -1.43
C VAL B 141 -37.91 1.34 -2.20
N VAL B 142 -37.16 0.62 -3.05
CA VAL B 142 -35.99 1.15 -3.72
C VAL B 142 -35.95 0.61 -5.14
N ARG B 143 -34.89 0.97 -5.85
CA ARG B 143 -34.68 0.62 -7.26
C ARG B 143 -33.82 -0.64 -7.38
N ALA B 144 -33.90 -1.27 -8.55
CA ALA B 144 -33.06 -2.43 -8.84
C ALA B 144 -32.92 -2.58 -10.34
N PRO B 145 -31.72 -2.87 -10.85
CA PRO B 145 -31.51 -2.89 -12.30
C PRO B 145 -32.28 -4.00 -13.02
N CYS B 146 -32.06 -5.24 -12.60
CA CYS B 146 -32.60 -6.40 -13.29
C CYS B 146 -32.31 -7.63 -12.45
N VAL B 147 -33.23 -8.60 -12.50
CA VAL B 147 -33.18 -9.76 -11.63
C VAL B 147 -33.31 -11.08 -12.39
N GLY B 148 -33.43 -11.04 -13.71
CA GLY B 148 -33.58 -12.26 -14.48
C GLY B 148 -35.01 -12.73 -14.65
N LEU B 149 -35.94 -11.78 -14.79
CA LEU B 149 -37.35 -12.13 -14.98
C LEU B 149 -37.98 -11.29 -16.09
N CYS B 150 -37.19 -10.91 -17.09
CA CYS B 150 -37.70 -10.07 -18.17
C CYS B 150 -38.87 -10.68 -18.90
N ASP B 151 -39.15 -11.98 -18.67
CA ASP B 151 -40.21 -12.76 -19.35
C ASP B 151 -41.57 -12.40 -18.74
N HIS B 152 -41.73 -12.57 -17.41
CA HIS B 152 -42.95 -12.23 -16.65
C HIS B 152 -42.88 -10.75 -16.25
N ALA B 153 -42.96 -9.85 -17.24
CA ALA B 153 -42.85 -8.37 -17.14
C ALA B 153 -42.42 -7.71 -15.80
N PRO B 154 -43.20 -7.11 -14.85
CA PRO B 154 -42.61 -6.32 -13.72
C PRO B 154 -41.43 -6.77 -12.83
N ALA B 155 -41.32 -8.03 -12.42
CA ALA B 155 -40.20 -8.57 -11.60
C ALA B 155 -39.93 -7.75 -10.32
N VAL B 156 -40.90 -7.75 -9.40
CA VAL B 156 -40.83 -7.25 -8.03
C VAL B 156 -40.40 -8.39 -7.12
N GLU B 157 -39.72 -8.04 -6.02
CA GLU B 157 -39.33 -9.02 -5.01
C GLU B 157 -39.63 -8.47 -3.63
N VAL B 158 -39.92 -9.37 -2.70
CA VAL B 158 -40.20 -9.02 -1.31
C VAL B 158 -39.35 -9.94 -0.43
N GLY B 159 -38.17 -9.47 -0.05
CA GLY B 159 -37.30 -10.20 0.85
C GLY B 159 -37.07 -11.65 0.48
N HIS B 160 -36.37 -11.88 -0.62
CA HIS B 160 -36.01 -13.21 -1.12
C HIS B 160 -37.19 -13.93 -1.76
N ASN B 161 -38.32 -13.25 -1.95
CA ASN B 161 -39.46 -13.80 -2.67
C ASN B 161 -39.77 -12.88 -3.84
N PHE B 162 -39.92 -13.46 -5.02
CA PHE B 162 -40.20 -12.70 -6.22
C PHE B 162 -41.67 -12.82 -6.61
N LEU B 163 -42.08 -11.91 -7.49
CA LEU B 163 -43.45 -11.84 -7.96
C LEU B 163 -43.46 -11.89 -9.49
N HIS B 164 -44.65 -11.98 -10.04
CA HIS B 164 -44.85 -11.95 -11.49
C HIS B 164 -46.13 -11.16 -11.77
N ARG B 165 -46.14 -10.48 -12.92
CA ARG B 165 -47.26 -9.61 -13.28
C ARG B 165 -47.64 -8.74 -12.09
N ALA B 166 -46.62 -8.25 -11.37
CA ALA B 166 -46.82 -7.60 -10.09
C ALA B 166 -47.79 -6.43 -10.20
N ASP B 167 -48.43 -6.13 -9.08
CA ASP B 167 -49.35 -5.01 -8.97
C ASP B 167 -49.51 -4.66 -7.50
N LEU B 168 -50.14 -3.53 -7.24
CA LEU B 168 -50.28 -3.03 -5.88
C LEU B 168 -51.09 -3.98 -5.01
N ALA B 169 -52.28 -4.38 -5.50
CA ALA B 169 -53.18 -5.21 -4.71
C ALA B 169 -52.63 -6.61 -4.46
N SER B 170 -51.50 -6.97 -5.08
CA SER B 170 -50.83 -8.22 -4.79
C SER B 170 -49.72 -8.06 -3.76
N VAL B 171 -48.92 -7.01 -3.88
CA VAL B 171 -47.90 -6.73 -2.87
C VAL B 171 -48.53 -6.43 -1.53
N ARG B 172 -49.70 -5.80 -1.52
CA ARG B 172 -50.39 -5.57 -0.25
C ARG B 172 -50.56 -6.88 0.51
N ALA B 173 -51.14 -7.89 -0.14
CA ALA B 173 -51.34 -9.19 0.50
C ALA B 173 -50.02 -9.89 0.77
N ALA B 174 -49.04 -9.74 -0.12
CA ALA B 174 -47.74 -10.40 0.08
C ALA B 174 -47.01 -9.84 1.29
N VAL B 175 -47.28 -8.59 1.65
CA VAL B 175 -46.63 -7.98 2.81
C VAL B 175 -47.45 -8.19 4.08
N GLU B 176 -48.73 -7.83 4.05
CA GLU B 176 -49.58 -8.02 5.22
C GLU B 176 -49.39 -9.41 5.81
N ALA B 177 -49.23 -10.41 4.96
CA ALA B 177 -48.82 -11.74 5.40
C ALA B 177 -47.31 -11.86 5.30
N GLU B 178 -46.71 -12.59 6.24
CA GLU B 178 -45.26 -12.70 6.32
C GLU B 178 -44.74 -13.65 5.24
N ASP B 179 -44.99 -13.25 3.98
CA ASP B 179 -44.58 -14.03 2.82
C ASP B 179 -43.18 -13.66 2.35
N THR B 180 -42.35 -13.11 3.22
CA THR B 180 -40.97 -12.78 2.86
C THR B 180 -40.24 -14.01 2.32
N HIS B 181 -40.41 -15.15 2.98
CA HIS B 181 -39.66 -16.34 2.60
C HIS B 181 -39.96 -16.74 1.16
N ALA B 182 -39.03 -17.51 0.59
CA ALA B 182 -39.11 -17.93 -0.80
C ALA B 182 -40.12 -19.06 -0.96
N HIS B 183 -40.18 -19.63 -2.15
CA HIS B 183 -41.06 -20.75 -2.45
C HIS B 183 -40.42 -21.59 -3.52
N ILE B 184 -40.33 -22.89 -3.29
CA ILE B 184 -39.46 -23.79 -4.04
C ILE B 184 -40.33 -24.66 -4.93
N PRO B 185 -40.03 -24.79 -6.23
CA PRO B 185 -40.76 -25.74 -7.08
C PRO B 185 -40.20 -27.15 -7.00
N THR B 186 -40.73 -28.04 -7.83
CA THR B 186 -40.22 -29.39 -7.94
C THR B 186 -39.21 -29.47 -9.08
N TYR B 187 -38.40 -30.53 -9.05
CA TYR B 187 -37.34 -30.70 -10.03
C TYR B 187 -36.93 -32.17 -10.04
N VAL B 188 -35.83 -32.47 -10.74
CA VAL B 188 -35.32 -33.83 -10.88
C VAL B 188 -34.18 -34.03 -9.90
N ASP B 189 -34.27 -35.07 -9.09
CA ASP B 189 -33.31 -35.32 -8.03
C ASP B 189 -32.21 -36.25 -8.52
N TYR B 190 -31.36 -36.69 -7.59
CA TYR B 190 -30.23 -37.54 -7.95
C TYR B 190 -30.70 -38.91 -8.45
N ASP B 191 -31.70 -39.49 -7.80
CA ASP B 191 -32.13 -40.84 -8.17
C ASP B 191 -32.76 -40.85 -9.56
N ALA B 192 -33.66 -39.91 -9.84
CA ALA B 192 -34.34 -39.91 -11.13
C ALA B 192 -33.35 -39.67 -12.26
N TYR B 193 -32.33 -38.85 -12.02
CA TYR B 193 -31.27 -38.67 -13.02
C TYR B 193 -30.48 -39.95 -13.18
N ARG B 194 -30.11 -40.58 -12.07
CA ARG B 194 -29.34 -41.81 -12.13
C ARG B 194 -30.09 -42.91 -12.88
N ALA B 195 -31.42 -42.83 -12.91
CA ALA B 195 -32.21 -43.82 -13.63
C ALA B 195 -31.76 -43.93 -15.08
N GLY B 196 -31.50 -42.80 -15.73
CA GLY B 196 -31.08 -42.80 -17.12
C GLY B 196 -29.58 -43.02 -17.26
N GLY B 197 -28.93 -42.20 -18.08
CA GLY B 197 -27.48 -42.28 -18.16
C GLY B 197 -26.83 -42.12 -16.81
N GLY B 198 -27.24 -41.07 -16.09
CA GLY B 198 -26.97 -40.98 -14.67
C GLY B 198 -25.53 -41.15 -14.23
N TYR B 199 -24.68 -40.18 -14.58
CA TYR B 199 -23.31 -40.16 -14.08
C TYR B 199 -22.54 -41.40 -14.51
N ALA B 200 -22.91 -41.96 -15.67
CA ALA B 200 -22.16 -43.06 -16.25
C ALA B 200 -21.13 -42.58 -17.27
N THR B 201 -21.40 -41.45 -17.94
CA THR B 201 -20.40 -40.86 -18.80
C THR B 201 -19.18 -40.39 -18.01
N LEU B 202 -19.41 -39.87 -16.80
CA LEU B 202 -18.30 -39.39 -15.97
C LEU B 202 -17.49 -40.58 -15.45
N GLU B 203 -18.15 -41.52 -14.78
CA GLU B 203 -17.45 -42.68 -14.24
C GLU B 203 -16.64 -43.41 -15.30
N ARG B 204 -16.93 -43.19 -16.58
CA ARG B 204 -16.10 -43.73 -17.64
C ARG B 204 -14.75 -43.04 -17.75
N LEU B 205 -14.51 -41.98 -16.97
CA LEU B 205 -13.25 -41.25 -17.02
C LEU B 205 -12.31 -41.63 -15.88
N ARG B 206 -12.79 -41.61 -14.65
CA ARG B 206 -12.00 -42.16 -13.54
C ARG B 206 -11.56 -43.58 -13.86
N SER B 207 -12.28 -44.26 -14.75
CA SER B 207 -11.86 -45.51 -15.35
C SER B 207 -11.31 -45.23 -16.75
N GLY B 208 -10.41 -46.10 -17.19
CA GLY B 208 -9.82 -45.93 -18.50
C GLY B 208 -10.68 -46.48 -19.62
N GLU B 209 -11.97 -46.67 -19.35
CA GLU B 209 -12.87 -47.19 -20.37
C GLU B 209 -13.00 -46.26 -21.57
N LEU B 210 -12.60 -45.00 -21.42
CA LEU B 210 -12.47 -44.09 -22.55
C LEU B 210 -11.48 -42.99 -22.15
N PRO B 211 -10.48 -42.71 -22.96
CA PRO B 211 -9.45 -41.75 -22.57
C PRO B 211 -9.95 -40.32 -22.75
N VAL B 212 -9.03 -39.38 -22.51
CA VAL B 212 -9.38 -37.96 -22.57
C VAL B 212 -9.47 -37.50 -24.02
N ASP B 213 -8.40 -37.71 -24.79
CA ASP B 213 -8.24 -37.13 -26.12
C ASP B 213 -9.53 -37.19 -26.94
N ASP B 214 -10.31 -38.25 -26.78
CA ASP B 214 -11.57 -38.34 -27.50
C ASP B 214 -12.48 -37.15 -27.19
N VAL B 215 -12.51 -36.72 -25.93
CA VAL B 215 -13.36 -35.61 -25.55
C VAL B 215 -12.89 -34.32 -26.23
N LEU B 216 -11.59 -34.04 -26.14
CA LEU B 216 -11.06 -32.88 -26.84
C LEU B 216 -11.39 -32.95 -28.33
N LYS B 217 -11.31 -34.15 -28.90
CA LYS B 217 -11.48 -34.29 -30.34
C LYS B 217 -12.92 -34.03 -30.76
N VAL B 218 -13.89 -34.53 -29.99
CA VAL B 218 -15.29 -34.24 -30.32
C VAL B 218 -15.59 -32.77 -30.08
N LEU B 219 -15.14 -32.22 -28.95
CA LEU B 219 -15.35 -30.80 -28.68
C LEU B 219 -14.73 -29.93 -29.77
N ASP B 220 -13.70 -30.42 -30.46
CA ASP B 220 -13.06 -29.63 -31.50
C ASP B 220 -13.76 -29.81 -32.86
N ASP B 221 -13.88 -31.04 -33.34
CA ASP B 221 -14.46 -31.26 -34.66
C ASP B 221 -15.95 -30.94 -34.70
N GLY B 222 -16.61 -30.85 -33.55
CA GLY B 222 -18.01 -30.50 -33.51
C GLY B 222 -18.28 -29.03 -33.47
N GLY B 223 -17.24 -28.22 -33.28
CA GLY B 223 -17.39 -26.78 -33.30
C GLY B 223 -18.32 -26.26 -32.22
N LEU B 224 -17.94 -26.43 -30.95
CA LEU B 224 -18.74 -25.89 -29.86
C LEU B 224 -18.20 -24.52 -29.47
N ARG B 225 -18.47 -23.56 -30.35
CA ARG B 225 -18.15 -22.17 -30.06
C ARG B 225 -18.91 -21.75 -28.81
N GLY B 226 -18.16 -21.40 -27.77
CA GLY B 226 -18.76 -21.27 -26.46
C GLY B 226 -19.75 -20.14 -26.35
N LEU B 227 -20.63 -20.27 -25.36
CA LEU B 227 -21.64 -19.26 -25.07
C LEU B 227 -20.99 -18.13 -24.27
N GLY B 228 -21.80 -17.24 -23.72
CA GLY B 228 -21.28 -16.05 -23.12
C GLY B 228 -20.87 -15.02 -24.15
N GLY B 229 -20.82 -13.75 -23.72
CA GLY B 229 -20.57 -12.69 -24.65
C GLY B 229 -19.12 -12.60 -25.10
N ALA B 230 -18.55 -13.74 -25.49
CA ALA B 230 -17.18 -13.81 -26.00
C ALA B 230 -17.12 -14.35 -27.42
N GLY B 231 -17.82 -15.45 -27.69
CA GLY B 231 -17.71 -16.12 -28.96
C GLY B 231 -16.35 -16.75 -29.15
N PHE B 232 -16.04 -17.74 -28.32
CA PHE B 232 -14.72 -18.36 -28.29
C PHE B 232 -14.85 -19.87 -28.24
N PRO B 233 -13.97 -20.61 -28.91
CA PRO B 233 -14.06 -22.08 -28.84
C PRO B 233 -13.82 -22.61 -27.43
N THR B 234 -13.92 -23.91 -27.27
CA THR B 234 -13.75 -24.55 -25.96
C THR B 234 -12.56 -25.51 -25.95
N GLY B 235 -12.43 -26.34 -26.98
CA GLY B 235 -11.29 -27.25 -27.05
C GLY B 235 -9.96 -26.55 -26.89
N ARG B 236 -9.82 -25.37 -27.50
CA ARG B 236 -8.57 -24.62 -27.37
C ARG B 236 -8.34 -24.23 -25.91
N LYS B 237 -9.36 -23.70 -25.24
CA LYS B 237 -9.22 -23.33 -23.84
C LYS B 237 -8.78 -24.52 -23.01
N TRP B 238 -9.43 -25.67 -23.22
CA TRP B 238 -9.13 -26.84 -22.42
C TRP B 238 -7.71 -27.33 -22.68
N ARG B 239 -7.33 -27.43 -23.96
CA ARG B 239 -5.95 -27.80 -24.29
C ARG B 239 -4.96 -26.87 -23.60
N SER B 240 -5.19 -25.56 -23.68
CA SER B 240 -4.27 -24.60 -23.10
C SER B 240 -4.14 -24.81 -21.60
N VAL B 241 -5.25 -24.68 -20.87
CA VAL B 241 -5.23 -24.84 -19.42
C VAL B 241 -4.74 -26.24 -19.04
N ARG B 242 -4.72 -27.18 -19.99
CA ARG B 242 -4.15 -28.49 -19.75
C ARG B 242 -2.65 -28.52 -19.96
N GLY B 243 -2.12 -27.60 -20.76
CA GLY B 243 -0.69 -27.57 -21.05
C GLY B 243 0.14 -26.84 -20.02
N GLU B 244 -0.48 -25.99 -19.20
CA GLU B 244 0.31 -25.24 -18.24
C GLU B 244 0.41 -26.00 -16.91
N PRO B 245 1.55 -25.92 -16.23
CA PRO B 245 1.78 -26.83 -15.10
C PRO B 245 1.32 -26.28 -13.76
N GLY B 246 1.51 -27.10 -12.72
CA GLY B 246 1.21 -26.71 -11.36
C GLY B 246 -0.14 -27.22 -10.90
N PRO B 247 -0.62 -26.71 -9.77
CA PRO B 247 -1.97 -27.06 -9.31
C PRO B 247 -3.01 -26.16 -9.98
N ARG B 248 -3.88 -26.77 -10.77
CA ARG B 248 -4.86 -26.02 -11.55
C ARG B 248 -6.14 -25.79 -10.75
N LEU B 249 -7.01 -24.96 -11.31
CA LEU B 249 -8.26 -24.61 -10.68
C LEU B 249 -9.31 -24.46 -11.78
N MET B 250 -10.51 -24.01 -11.39
CA MET B 250 -11.56 -23.67 -12.35
C MET B 250 -12.58 -22.82 -11.61
N ALA B 251 -13.59 -22.38 -12.34
CA ALA B 251 -14.63 -21.53 -11.78
C ALA B 251 -15.77 -21.47 -12.79
N VAL B 252 -16.91 -20.95 -12.32
CA VAL B 252 -18.10 -20.80 -13.15
C VAL B 252 -18.68 -19.42 -12.89
N ASN B 253 -19.21 -18.81 -13.94
CA ASN B 253 -19.92 -17.54 -13.85
C ASN B 253 -21.41 -17.76 -14.04
N GLY B 254 -22.18 -17.59 -12.97
CA GLY B 254 -23.61 -17.76 -13.07
C GLY B 254 -24.32 -16.44 -12.82
N ASP B 255 -23.56 -15.35 -12.96
CA ASP B 255 -24.11 -14.01 -12.78
C ASP B 255 -25.28 -13.77 -13.73
N GLU B 256 -25.01 -13.88 -15.03
CA GLU B 256 -25.97 -13.54 -16.07
C GLU B 256 -26.77 -12.31 -15.69
N GLY B 257 -26.08 -11.17 -15.63
CA GLY B 257 -26.64 -9.91 -15.18
C GLY B 257 -27.16 -9.07 -16.32
N GLU B 258 -26.75 -9.40 -17.55
CA GLU B 258 -27.23 -8.67 -18.71
C GLU B 258 -28.75 -8.71 -18.76
N PRO B 259 -29.41 -7.57 -19.06
CA PRO B 259 -30.86 -7.50 -18.86
C PRO B 259 -31.65 -8.58 -19.58
N GLY B 260 -31.56 -8.64 -20.90
CA GLY B 260 -32.35 -9.61 -21.63
C GLY B 260 -31.77 -11.01 -21.62
N THR B 261 -31.46 -11.52 -20.43
CA THR B 261 -30.84 -12.83 -20.28
C THR B 261 -31.47 -13.52 -19.08
N PHE B 262 -32.32 -14.52 -19.34
CA PHE B 262 -32.97 -15.28 -18.28
C PHE B 262 -32.94 -16.77 -18.60
N LYS B 263 -31.79 -17.26 -19.07
CA LYS B 263 -31.66 -18.68 -19.39
C LYS B 263 -31.25 -19.50 -18.17
N ASP B 264 -30.15 -19.11 -17.52
CA ASP B 264 -29.59 -19.91 -16.44
C ASP B 264 -30.65 -20.33 -15.43
N GLN B 265 -31.61 -19.46 -15.17
CA GLN B 265 -32.65 -19.80 -14.20
C GLN B 265 -33.54 -20.92 -14.70
N LEU B 266 -33.88 -20.91 -15.99
CA LEU B 266 -34.76 -21.94 -16.53
C LEU B 266 -34.09 -23.30 -16.63
N TYR B 267 -32.79 -23.39 -16.36
CA TYR B 267 -32.07 -24.65 -16.38
C TYR B 267 -31.64 -25.11 -14.98
N LEU B 268 -31.01 -24.23 -14.21
CA LEU B 268 -30.68 -24.58 -12.83
C LEU B 268 -31.92 -24.93 -12.03
N ASN B 269 -33.11 -24.56 -12.51
CA ASN B 269 -34.36 -24.85 -11.81
C ASN B 269 -35.11 -26.03 -12.40
N THR B 270 -34.56 -26.69 -13.41
CA THR B 270 -35.21 -27.84 -14.03
C THR B 270 -34.35 -29.10 -14.01
N ASP B 271 -33.05 -28.99 -14.27
CA ASP B 271 -32.17 -30.15 -14.29
C ASP B 271 -30.73 -29.71 -14.08
N PRO B 272 -30.30 -29.49 -12.84
CA PRO B 272 -28.92 -29.03 -12.59
C PRO B 272 -27.89 -30.15 -12.69
N HIS B 273 -28.30 -31.36 -12.34
CA HIS B 273 -27.36 -32.48 -12.32
C HIS B 273 -26.64 -32.64 -13.65
N ARG B 274 -27.28 -32.25 -14.75
CA ARG B 274 -26.60 -32.25 -16.04
C ARG B 274 -25.45 -31.25 -16.03
N PHE B 275 -25.69 -30.07 -15.46
CA PHE B 275 -24.64 -29.06 -15.38
C PHE B 275 -23.51 -29.52 -14.47
N LEU B 276 -23.84 -30.24 -13.39
CA LEU B 276 -22.81 -30.74 -12.50
C LEU B 276 -21.98 -31.84 -13.17
N GLU B 277 -22.65 -32.74 -13.89
CA GLU B 277 -21.96 -33.70 -14.74
C GLU B 277 -20.95 -33.00 -15.63
N GLY B 278 -21.43 -32.02 -16.40
CA GLY B 278 -20.53 -31.30 -17.31
C GLY B 278 -19.36 -30.67 -16.59
N MET B 279 -19.62 -30.08 -15.41
CA MET B 279 -18.57 -29.39 -14.69
C MET B 279 -17.51 -30.36 -14.20
N LEU B 280 -17.93 -31.47 -13.59
CA LEU B 280 -16.97 -32.47 -13.14
C LEU B 280 -16.16 -33.00 -14.31
N ILE B 281 -16.81 -33.20 -15.46
CA ILE B 281 -16.09 -33.65 -16.65
C ILE B 281 -15.01 -32.64 -17.02
N GLY B 282 -15.42 -31.38 -17.22
CA GLY B 282 -14.46 -30.35 -17.58
C GLY B 282 -13.39 -30.12 -16.55
N ALA B 283 -13.61 -30.59 -15.32
CA ALA B 283 -12.61 -30.43 -14.27
C ALA B 283 -11.58 -31.56 -14.30
N HIS B 284 -12.05 -32.80 -14.23
CA HIS B 284 -11.12 -33.93 -14.18
C HIS B 284 -10.16 -33.92 -15.36
N VAL B 285 -10.59 -33.40 -16.51
CA VAL B 285 -9.72 -33.36 -17.68
C VAL B 285 -8.54 -32.41 -17.43
N VAL B 286 -8.81 -31.23 -16.87
CA VAL B 286 -7.75 -30.27 -16.57
C VAL B 286 -7.02 -30.60 -15.29
N GLU B 287 -7.48 -31.59 -14.53
CA GLU B 287 -6.90 -31.96 -13.25
C GLU B 287 -6.90 -30.76 -12.29
N ALA B 288 -8.12 -30.35 -11.94
CA ALA B 288 -8.35 -29.30 -10.97
C ALA B 288 -8.87 -29.95 -9.70
N ALA B 289 -8.11 -29.82 -8.60
CA ALA B 289 -8.49 -30.50 -7.37
C ALA B 289 -9.86 -30.04 -6.89
N ASP B 290 -10.02 -28.73 -6.70
CA ASP B 290 -11.28 -28.13 -6.27
C ASP B 290 -11.76 -27.15 -7.34
N VAL B 291 -13.03 -26.77 -7.23
CA VAL B 291 -13.65 -25.86 -8.16
C VAL B 291 -14.31 -24.74 -7.37
N TYR B 292 -14.97 -23.84 -8.09
CA TYR B 292 -15.68 -22.72 -7.47
C TYR B 292 -16.88 -22.37 -8.32
N ILE B 293 -17.81 -21.63 -7.73
CA ILE B 293 -19.04 -21.22 -8.40
C ILE B 293 -19.40 -19.82 -7.93
N TYR B 294 -20.16 -19.12 -8.75
CA TYR B 294 -20.51 -17.72 -8.47
C TYR B 294 -21.80 -17.39 -9.21
N LEU B 295 -22.86 -17.15 -8.48
CA LEU B 295 -24.13 -16.71 -9.04
C LEU B 295 -24.71 -15.62 -8.16
N ARG B 296 -25.72 -14.92 -8.69
CA ARG B 296 -26.18 -13.70 -8.06
C ARG B 296 -26.78 -13.98 -6.69
N ASP B 297 -27.11 -12.89 -6.00
CA ASP B 297 -28.02 -12.94 -4.85
C ASP B 297 -29.47 -12.93 -5.28
N GLU B 298 -29.75 -12.48 -6.50
CA GLU B 298 -31.11 -12.43 -7.03
C GLU B 298 -31.57 -13.77 -7.58
N TYR B 299 -30.77 -14.83 -7.41
CA TYR B 299 -31.14 -16.18 -7.82
C TYR B 299 -31.15 -17.08 -6.60
N PRO B 300 -32.01 -16.80 -5.62
CA PRO B 300 -32.00 -17.61 -4.39
C PRO B 300 -32.45 -19.04 -4.60
N ILE B 301 -33.55 -19.23 -5.33
CA ILE B 301 -34.10 -20.58 -5.51
C ILE B 301 -33.00 -21.56 -5.85
N SER B 302 -32.15 -21.21 -6.82
CA SER B 302 -31.03 -22.08 -7.17
C SER B 302 -30.04 -22.20 -6.02
N ARG B 303 -29.82 -21.11 -5.29
CA ARG B 303 -28.92 -21.13 -4.15
C ARG B 303 -29.38 -22.13 -3.09
N GLU B 304 -30.63 -22.56 -3.13
CA GLU B 304 -31.13 -23.61 -2.26
C GLU B 304 -31.17 -24.97 -2.94
N ILE B 305 -31.58 -25.01 -4.21
CA ILE B 305 -31.55 -26.25 -4.98
C ILE B 305 -30.17 -26.90 -4.86
N LEU B 306 -29.13 -26.13 -5.19
CA LEU B 306 -27.78 -26.66 -5.12
C LEU B 306 -27.46 -27.17 -3.73
N ALA B 307 -27.52 -26.30 -2.73
CA ALA B 307 -27.20 -26.70 -1.37
C ALA B 307 -28.00 -27.91 -0.92
N ARG B 308 -29.14 -28.18 -1.54
CA ARG B 308 -29.86 -29.42 -1.28
C ARG B 308 -29.22 -30.59 -2.00
N GLU B 309 -28.74 -30.38 -3.22
CA GLU B 309 -28.27 -31.49 -4.04
C GLU B 309 -26.84 -31.88 -3.70
N ILE B 310 -25.94 -30.89 -3.62
CA ILE B 310 -24.52 -31.20 -3.45
C ILE B 310 -24.31 -32.24 -2.36
N ALA B 311 -24.88 -32.00 -1.18
CA ALA B 311 -24.70 -32.91 -0.06
C ALA B 311 -25.07 -34.34 -0.41
N LYS B 312 -25.87 -34.54 -1.46
CA LYS B 312 -26.18 -35.87 -1.94
C LYS B 312 -25.15 -36.40 -2.94
N LEU B 313 -24.36 -35.51 -3.53
CA LEU B 313 -23.31 -35.92 -4.45
C LEU B 313 -22.16 -36.54 -3.67
N PRO B 314 -21.81 -37.80 -3.91
CA PRO B 314 -20.88 -38.50 -3.01
C PRO B 314 -19.52 -37.84 -2.97
N GLU B 315 -18.71 -38.27 -1.99
CA GLU B 315 -17.34 -37.81 -1.82
C GLU B 315 -16.47 -38.58 -2.82
N GLY B 316 -16.43 -38.06 -4.05
CA GLY B 316 -15.75 -38.74 -5.13
C GLY B 316 -14.25 -38.53 -5.13
N GLY B 317 -13.81 -37.32 -4.83
CA GLY B 317 -12.40 -36.99 -4.88
C GLY B 317 -12.16 -35.58 -5.39
N THR B 318 -13.16 -35.02 -6.06
CA THR B 318 -13.16 -33.63 -6.47
C THR B 318 -14.18 -32.89 -5.62
N ARG B 319 -13.70 -31.95 -4.80
CA ARG B 319 -14.58 -31.19 -3.92
C ARG B 319 -15.03 -29.92 -4.63
N ILE B 320 -16.28 -29.54 -4.40
CA ILE B 320 -16.83 -28.34 -5.03
C ILE B 320 -17.11 -27.31 -3.94
N HIS B 321 -17.52 -26.13 -4.36
CA HIS B 321 -17.79 -25.03 -3.44
C HIS B 321 -19.04 -24.31 -3.94
N LEU B 322 -19.31 -23.17 -3.33
CA LEU B 322 -20.43 -22.32 -3.75
C LEU B 322 -20.29 -20.97 -3.07
N ARG B 323 -20.46 -19.89 -3.83
CA ARG B 323 -20.29 -18.55 -3.32
C ARG B 323 -21.51 -17.71 -3.70
N ARG B 324 -21.58 -16.54 -3.10
CA ARG B 324 -22.65 -15.58 -3.36
C ARG B 324 -22.08 -14.41 -4.15
N GLY B 325 -22.98 -13.49 -4.52
CA GLY B 325 -22.57 -12.28 -5.19
C GLY B 325 -23.62 -11.19 -5.04
N ALA B 326 -23.19 -10.01 -4.60
CA ALA B 326 -24.09 -8.90 -4.34
C ALA B 326 -23.90 -7.85 -5.43
N GLY B 327 -24.92 -7.69 -6.27
CA GLY B 327 -24.84 -6.73 -7.35
C GLY B 327 -23.59 -6.92 -8.17
N ALA B 328 -22.96 -5.82 -8.51
CA ALA B 328 -21.67 -5.83 -9.21
C ALA B 328 -21.77 -6.58 -10.54
N TYR B 329 -22.60 -6.04 -11.44
CA TYR B 329 -22.67 -6.59 -12.78
C TYR B 329 -21.29 -6.67 -13.41
N ILE B 330 -20.35 -5.82 -12.96
CA ILE B 330 -18.98 -5.87 -13.42
C ILE B 330 -18.31 -7.18 -13.06
N CYS B 331 -18.95 -7.99 -12.21
CA CYS B 331 -18.42 -9.31 -11.90
C CYS B 331 -18.71 -10.32 -12.99
N GLY B 332 -19.65 -10.03 -13.89
CA GLY B 332 -19.87 -10.86 -15.05
C GLY B 332 -18.57 -11.08 -15.81
N GLU B 333 -17.63 -10.16 -15.60
CA GLU B 333 -16.32 -10.23 -16.22
C GLU B 333 -15.47 -11.26 -15.49
N GLU B 334 -14.40 -11.71 -16.15
CA GLU B 334 -13.58 -12.76 -15.57
C GLU B 334 -12.72 -12.22 -14.43
N SER B 335 -11.85 -11.26 -14.74
CA SER B 335 -10.87 -10.83 -13.74
C SER B 335 -11.56 -10.32 -12.48
N SER B 336 -12.70 -9.66 -12.64
CA SER B 336 -13.44 -9.18 -11.47
C SER B 336 -14.00 -10.35 -10.67
N LEU B 337 -14.48 -11.38 -11.35
CA LEU B 337 -14.92 -12.59 -10.66
C LEU B 337 -13.77 -13.19 -9.87
N ILE B 338 -12.56 -13.20 -10.45
CA ILE B 338 -11.40 -13.72 -9.76
C ILE B 338 -11.13 -12.92 -8.49
N GLU B 339 -11.04 -11.59 -8.64
CA GLU B 339 -10.75 -10.74 -7.49
C GLU B 339 -11.82 -10.88 -6.42
N SER B 340 -13.07 -11.14 -6.82
CA SER B 340 -14.14 -11.32 -5.85
C SER B 340 -13.98 -12.63 -5.10
N LEU B 341 -13.83 -13.74 -5.81
CA LEU B 341 -13.53 -15.01 -5.16
C LEU B 341 -12.32 -14.90 -4.26
N GLU B 342 -11.41 -13.96 -4.56
CA GLU B 342 -10.29 -13.67 -3.67
C GLU B 342 -10.68 -12.74 -2.52
N GLY B 343 -11.98 -12.50 -2.33
CA GLY B 343 -12.42 -11.64 -1.25
C GLY B 343 -12.02 -10.19 -1.40
N LYS B 344 -11.80 -9.72 -2.61
CA LYS B 344 -11.29 -8.37 -2.85
C LYS B 344 -12.35 -7.50 -3.50
N ARG B 345 -11.95 -6.27 -3.80
CA ARG B 345 -12.82 -5.34 -4.51
C ARG B 345 -13.01 -5.77 -5.96
N GLY B 346 -14.22 -5.60 -6.47
CA GLY B 346 -14.55 -6.10 -7.79
C GLY B 346 -14.04 -5.22 -8.91
N LEU B 347 -12.73 -5.23 -9.14
CA LEU B 347 -12.10 -4.46 -10.19
C LEU B 347 -11.39 -5.39 -11.16
N PRO B 348 -11.54 -5.20 -12.47
CA PRO B 348 -10.88 -6.09 -13.42
C PRO B 348 -9.38 -5.85 -13.51
N ARG B 349 -8.72 -6.56 -14.43
CA ARG B 349 -7.28 -6.45 -14.63
C ARG B 349 -6.96 -6.16 -16.08
N HIS B 350 -5.68 -6.02 -16.45
CA HIS B 350 -5.27 -5.75 -17.85
C HIS B 350 -5.29 -7.08 -18.63
N LYS B 351 -5.51 -6.99 -19.95
CA LYS B 351 -5.60 -8.13 -20.90
C LYS B 351 -4.23 -8.60 -21.43
N PRO B 352 -3.12 -7.82 -21.54
CA PRO B 352 -1.87 -8.39 -22.06
C PRO B 352 -1.44 -9.57 -21.17
N PRO B 353 -1.50 -9.53 -19.81
CA PRO B 353 -1.25 -10.72 -19.01
C PRO B 353 -2.63 -11.38 -19.05
N PHE B 354 -2.72 -12.64 -19.51
CA PHE B 354 -3.99 -13.40 -19.78
C PHE B 354 -4.54 -14.12 -18.53
N PRO B 355 -5.88 -14.37 -18.45
CA PRO B 355 -6.51 -15.06 -17.31
C PRO B 355 -6.22 -16.56 -17.15
N PHE B 356 -5.96 -17.27 -18.24
CA PHE B 356 -5.68 -18.74 -18.27
C PHE B 356 -4.24 -19.05 -17.79
N GLN B 357 -3.35 -18.05 -17.81
CA GLN B 357 -1.98 -18.14 -17.32
C GLN B 357 -1.86 -17.77 -15.85
N VAL B 358 -2.67 -16.82 -15.39
CA VAL B 358 -2.62 -16.33 -14.02
C VAL B 358 -4.05 -16.01 -13.60
N GLY B 359 -4.53 -16.67 -12.55
CA GLY B 359 -5.95 -16.62 -12.25
C GLY B 359 -6.33 -16.55 -10.78
N LEU B 360 -7.28 -17.40 -10.39
CA LEU B 360 -7.97 -17.27 -9.11
C LEU B 360 -7.03 -16.94 -7.96
N PHE B 361 -5.92 -17.66 -7.86
CA PHE B 361 -4.89 -17.41 -6.84
C PHE B 361 -3.52 -17.36 -7.49
N ASN B 362 -3.42 -16.57 -8.56
CA ASN B 362 -2.20 -16.49 -9.34
C ASN B 362 -1.81 -17.86 -9.89
N ARG B 363 -2.80 -18.56 -10.43
CA ARG B 363 -2.60 -19.88 -11.00
C ARG B 363 -3.62 -20.06 -12.12
N PRO B 364 -3.34 -20.95 -13.08
CA PRO B 364 -4.27 -21.15 -14.19
C PRO B 364 -5.65 -21.57 -13.71
N THR B 365 -6.65 -21.26 -14.54
CA THR B 365 -8.04 -21.60 -14.28
C THR B 365 -8.85 -21.30 -15.51
N LEU B 366 -9.82 -22.18 -15.84
CA LEU B 366 -10.64 -22.08 -17.06
C LEU B 366 -12.09 -21.76 -16.65
N ILE B 367 -12.65 -20.63 -17.12
CA ILE B 367 -14.02 -20.23 -16.85
C ILE B 367 -14.91 -20.81 -17.94
N ASN B 368 -16.16 -21.08 -17.58
CA ASN B 368 -17.14 -21.61 -18.52
C ASN B 368 -18.53 -21.38 -17.97
N ASN B 369 -19.40 -20.76 -18.77
CA ASN B 369 -20.76 -20.53 -18.36
C ASN B 369 -21.51 -21.85 -18.24
N ILE B 370 -22.51 -21.86 -17.36
CA ILE B 370 -23.21 -23.11 -17.05
C ILE B 370 -23.80 -23.74 -18.30
N GLU B 371 -24.23 -22.90 -19.25
CA GLU B 371 -24.79 -23.42 -20.49
C GLU B 371 -23.80 -24.29 -21.23
N THR B 372 -22.60 -23.76 -21.49
CA THR B 372 -21.58 -24.52 -22.20
C THR B 372 -21.35 -25.89 -21.58
N LEU B 373 -21.57 -26.01 -20.27
CA LEU B 373 -21.45 -27.31 -19.62
C LEU B 373 -22.68 -28.16 -19.85
N PHE B 374 -23.86 -27.53 -19.87
CA PHE B 374 -25.12 -28.25 -19.91
C PHE B 374 -25.25 -29.13 -21.15
N TRP B 375 -24.47 -28.87 -22.19
CA TRP B 375 -24.63 -29.56 -23.47
C TRP B 375 -23.63 -30.68 -23.69
N VAL B 376 -22.53 -30.70 -22.94
CA VAL B 376 -21.45 -31.64 -23.23
C VAL B 376 -21.96 -33.08 -23.27
N ARG B 377 -22.83 -33.44 -22.32
CA ARG B 377 -23.34 -34.80 -22.26
C ARG B 377 -23.96 -35.21 -23.59
N ASP B 378 -24.77 -34.32 -24.18
CA ASP B 378 -25.39 -34.63 -25.46
C ASP B 378 -24.37 -34.62 -26.59
N LEU B 379 -23.25 -33.92 -26.41
CA LEU B 379 -22.16 -34.00 -27.38
C LEU B 379 -21.55 -35.40 -27.38
N ILE B 380 -21.20 -35.90 -26.19
CA ILE B 380 -20.50 -37.18 -26.11
C ILE B 380 -21.44 -38.33 -26.43
N GLU B 381 -22.50 -38.47 -25.62
CA GLU B 381 -23.42 -39.60 -25.78
C GLU B 381 -23.90 -39.78 -27.21
N ARG B 382 -23.92 -38.72 -28.00
CA ARG B 382 -24.42 -38.78 -29.37
C ARG B 382 -23.36 -38.48 -30.40
N GLY B 383 -22.51 -37.48 -30.18
CA GLY B 383 -21.40 -37.19 -31.06
C GLY B 383 -21.38 -35.73 -31.46
N ALA B 384 -20.75 -35.48 -32.60
CA ALA B 384 -20.68 -34.15 -33.19
C ALA B 384 -21.69 -33.94 -34.31
N GLU B 385 -21.92 -34.98 -35.13
CA GLU B 385 -22.85 -34.86 -36.24
C GLU B 385 -24.21 -34.34 -35.77
N TRP B 386 -24.64 -34.77 -34.58
CA TRP B 386 -25.86 -34.24 -33.98
C TRP B 386 -25.77 -32.74 -33.71
N TRP B 387 -24.57 -32.16 -33.82
CA TRP B 387 -24.36 -30.73 -33.67
C TRP B 387 -24.02 -30.06 -35.00
N LYS B 388 -24.32 -30.73 -36.12
CA LYS B 388 -24.04 -30.19 -37.44
C LYS B 388 -25.20 -30.31 -38.42
N SER B 389 -26.19 -31.15 -38.12
CA SER B 389 -27.38 -31.29 -38.95
C SER B 389 -28.49 -30.31 -38.55
N HIS B 390 -28.14 -29.22 -37.89
CA HIS B 390 -29.12 -28.34 -37.26
C HIS B 390 -29.21 -26.98 -37.91
N GLY B 391 -28.10 -26.29 -38.11
CA GLY B 391 -28.12 -24.94 -38.65
C GLY B 391 -29.03 -24.79 -39.84
N ARG B 392 -29.74 -23.66 -39.93
CA ARG B 392 -30.69 -23.44 -41.01
C ARG B 392 -30.04 -22.67 -42.15
N ASN B 393 -29.53 -21.49 -41.87
CA ASN B 393 -28.83 -20.70 -42.88
C ASN B 393 -27.41 -21.25 -43.02
N GLY B 394 -26.56 -20.53 -43.76
CA GLY B 394 -25.20 -21.02 -43.97
C GLY B 394 -24.50 -21.40 -42.67
N ARG B 395 -24.73 -20.63 -41.61
CA ARG B 395 -24.11 -20.92 -40.34
C ARG B 395 -24.56 -22.28 -39.82
N VAL B 396 -23.84 -22.79 -38.83
CA VAL B 396 -24.08 -24.11 -38.26
C VAL B 396 -23.98 -24.02 -36.75
N GLY B 397 -24.82 -24.78 -36.06
CA GLY B 397 -24.77 -24.87 -34.62
C GLY B 397 -26.14 -25.13 -34.04
N LEU B 398 -26.28 -24.77 -32.77
CA LEU B 398 -27.54 -24.88 -32.06
C LEU B 398 -27.46 -24.07 -30.77
N ARG B 399 -28.46 -23.22 -30.51
CA ARG B 399 -28.35 -22.21 -29.48
C ARG B 399 -29.67 -22.11 -28.73
N SER B 400 -29.64 -21.42 -27.60
CA SER B 400 -30.81 -21.22 -26.76
C SER B 400 -31.02 -19.72 -26.60
N TYR B 401 -31.95 -19.17 -27.38
CA TYR B 401 -32.23 -17.75 -27.35
C TYR B 401 -33.03 -17.39 -26.11
N SER B 402 -33.18 -16.09 -25.87
CA SER B 402 -34.00 -15.57 -24.78
C SER B 402 -34.79 -14.39 -25.33
N VAL B 403 -35.98 -14.67 -25.82
CA VAL B 403 -36.85 -13.63 -26.37
C VAL B 403 -37.58 -12.95 -25.22
N SER B 404 -37.94 -11.70 -25.43
CA SER B 404 -38.64 -10.91 -24.43
C SER B 404 -39.35 -9.76 -25.13
N GLY B 405 -39.97 -8.90 -24.34
CA GLY B 405 -40.65 -7.76 -24.89
C GLY B 405 -42.04 -8.12 -25.40
N ARG B 406 -42.51 -7.28 -26.33
CA ARG B 406 -43.88 -7.37 -26.82
C ARG B 406 -43.97 -8.46 -27.88
N VAL B 407 -44.05 -9.71 -27.40
CA VAL B 407 -44.32 -10.87 -28.24
C VAL B 407 -45.57 -11.53 -27.69
N LYS B 408 -45.98 -12.65 -28.29
CA LYS B 408 -47.20 -13.33 -27.89
C LYS B 408 -46.95 -14.51 -26.97
N GLU B 409 -45.80 -15.18 -27.10
CA GLU B 409 -45.46 -16.34 -26.26
C GLU B 409 -44.00 -16.23 -25.86
N PRO B 410 -43.64 -15.21 -25.11
CA PRO B 410 -42.23 -15.01 -24.76
C PRO B 410 -41.68 -16.17 -23.96
N GLY B 411 -40.38 -16.10 -23.70
CA GLY B 411 -39.66 -17.14 -22.98
C GLY B 411 -38.45 -17.64 -23.74
N VAL B 412 -37.68 -18.48 -23.06
CA VAL B 412 -36.49 -19.04 -23.67
C VAL B 412 -36.87 -19.85 -24.90
N LYS B 413 -35.91 -20.03 -25.79
CA LYS B 413 -36.15 -20.72 -27.05
C LYS B 413 -34.89 -21.42 -27.51
N LEU B 414 -35.03 -22.67 -27.94
CA LEU B 414 -33.97 -23.39 -28.63
C LEU B 414 -34.26 -23.39 -30.12
N ALA B 415 -33.22 -23.11 -30.91
CA ALA B 415 -33.40 -23.03 -32.35
C ALA B 415 -32.05 -23.04 -33.04
N PRO B 416 -31.98 -23.56 -34.27
CA PRO B 416 -30.70 -23.56 -34.99
C PRO B 416 -30.15 -22.15 -35.13
N ALA B 417 -28.87 -22.00 -34.85
CA ALA B 417 -28.22 -20.71 -35.00
C ALA B 417 -28.22 -20.30 -36.48
N GLY B 418 -27.81 -19.06 -36.73
CA GLY B 418 -27.89 -18.52 -38.06
C GLY B 418 -29.30 -18.20 -38.50
N LEU B 419 -30.21 -18.04 -37.55
CA LEU B 419 -31.62 -17.80 -37.86
C LEU B 419 -31.91 -16.31 -37.88
N THR B 420 -32.70 -15.90 -38.85
CA THR B 420 -33.15 -14.51 -38.90
C THR B 420 -34.08 -14.23 -37.73
N ILE B 421 -34.52 -12.98 -37.63
CA ILE B 421 -35.36 -12.56 -36.51
C ILE B 421 -36.83 -12.68 -36.85
N GLN B 422 -37.22 -12.38 -38.09
CA GLN B 422 -38.62 -12.53 -38.46
C GLN B 422 -39.08 -13.97 -38.32
N GLU B 423 -38.22 -14.91 -38.71
CA GLU B 423 -38.55 -16.32 -38.53
C GLU B 423 -38.57 -16.71 -37.07
N LEU B 424 -37.73 -16.08 -36.25
CA LEU B 424 -37.76 -16.31 -34.82
C LEU B 424 -39.02 -15.76 -34.18
N ILE B 425 -39.65 -14.76 -34.79
CA ILE B 425 -40.87 -14.18 -34.27
C ILE B 425 -42.10 -14.95 -34.71
N ASP B 426 -42.21 -15.24 -36.00
CA ASP B 426 -43.42 -15.83 -36.56
C ASP B 426 -43.37 -17.35 -36.65
N GLU B 427 -42.34 -17.98 -36.08
CA GLU B 427 -42.25 -19.44 -36.05
C GLU B 427 -42.23 -20.00 -34.64
N TYR B 428 -41.41 -19.45 -33.75
CA TYR B 428 -41.26 -19.94 -32.40
C TYR B 428 -42.04 -19.14 -31.38
N CYS B 429 -41.89 -17.81 -31.39
CA CYS B 429 -42.51 -16.94 -30.40
C CYS B 429 -44.00 -16.71 -30.62
N GLY B 430 -44.62 -17.41 -31.58
CA GLY B 430 -46.04 -17.28 -31.79
C GLY B 430 -46.43 -16.11 -32.66
N GLY B 431 -45.76 -14.98 -32.47
CA GLY B 431 -46.09 -13.77 -33.19
C GLY B 431 -45.47 -12.57 -32.50
N ILE B 432 -46.19 -11.45 -32.56
CA ILE B 432 -45.74 -10.22 -31.92
C ILE B 432 -46.76 -9.72 -30.90
N SER B 433 -47.97 -9.38 -31.36
CA SER B 433 -49.04 -8.99 -30.46
C SER B 433 -50.27 -8.68 -31.31
N ASP B 434 -51.39 -8.44 -30.62
CA ASP B 434 -52.62 -8.00 -31.24
C ASP B 434 -52.90 -6.58 -30.75
N GLY B 435 -52.42 -5.59 -31.50
CA GLY B 435 -52.62 -4.20 -31.13
C GLY B 435 -51.40 -3.34 -31.41
N HIS B 436 -50.25 -3.97 -31.60
CA HIS B 436 -48.99 -3.28 -31.79
C HIS B 436 -48.45 -3.57 -33.20
N SER B 437 -47.22 -3.13 -33.45
CA SER B 437 -46.54 -3.38 -34.71
C SER B 437 -45.05 -3.57 -34.40
N PHE B 438 -44.25 -3.68 -35.45
CA PHE B 438 -42.82 -3.97 -35.33
C PHE B 438 -42.04 -2.81 -35.92
N ALA B 439 -41.27 -2.13 -35.07
CA ALA B 439 -40.47 -0.99 -35.50
C ALA B 439 -38.98 -1.20 -35.26
N ALA B 440 -38.59 -1.62 -34.07
CA ALA B 440 -37.19 -1.79 -33.72
C ALA B 440 -37.01 -3.09 -32.97
N TYR B 441 -35.75 -3.37 -32.60
CA TYR B 441 -35.37 -4.56 -31.85
C TYR B 441 -33.88 -4.42 -31.56
N LEU B 442 -33.40 -5.25 -30.63
CA LEU B 442 -32.01 -5.17 -30.23
C LEU B 442 -31.51 -6.52 -29.73
N PRO B 443 -30.51 -7.10 -30.37
CA PRO B 443 -29.86 -8.28 -29.81
C PRO B 443 -28.79 -7.87 -28.80
N GLY B 444 -28.10 -8.88 -28.26
CA GLY B 444 -26.99 -8.64 -27.36
C GLY B 444 -27.38 -7.83 -26.15
N GLY B 445 -28.68 -7.70 -25.90
CA GLY B 445 -29.13 -6.92 -24.77
C GLY B 445 -28.62 -5.50 -24.84
N ALA B 446 -28.16 -5.00 -23.69
CA ALA B 446 -27.70 -3.62 -23.61
C ALA B 446 -26.39 -3.44 -24.37
N SER B 447 -25.43 -4.36 -24.17
CA SER B 447 -24.14 -4.23 -24.84
C SER B 447 -24.31 -4.08 -26.34
N GLY B 448 -25.31 -4.75 -26.92
CA GLY B 448 -25.59 -4.64 -28.33
C GLY B 448 -26.36 -3.38 -28.65
N GLY B 449 -26.56 -3.17 -29.95
CA GLY B 449 -27.26 -2.00 -30.44
C GLY B 449 -28.74 -2.28 -30.70
N ILE B 450 -29.45 -1.22 -31.07
CA ILE B 450 -30.87 -1.27 -31.36
C ILE B 450 -31.05 -0.96 -32.84
N LEU B 451 -31.63 -1.90 -33.58
CA LEU B 451 -31.76 -1.80 -35.02
C LEU B 451 -33.22 -1.69 -35.44
N PRO B 452 -33.47 -1.22 -36.66
CA PRO B 452 -34.85 -1.12 -37.14
C PRO B 452 -35.34 -2.40 -37.80
N ALA B 453 -36.56 -2.35 -38.32
CA ALA B 453 -37.14 -3.49 -39.02
C ALA B 453 -36.29 -3.89 -40.21
N SER B 454 -36.08 -2.97 -41.14
CA SER B 454 -35.41 -3.24 -42.40
C SER B 454 -34.22 -4.18 -42.25
N MET B 455 -33.50 -4.06 -41.13
CA MET B 455 -32.45 -5.02 -40.78
C MET B 455 -33.11 -6.31 -40.30
N ASN B 456 -33.78 -6.98 -41.23
CA ASN B 456 -34.57 -8.17 -40.93
C ASN B 456 -34.00 -9.44 -41.56
N ASP B 457 -33.24 -9.32 -42.65
CA ASP B 457 -32.73 -10.48 -43.38
C ASP B 457 -31.29 -10.79 -43.01
N ILE B 458 -30.95 -10.59 -41.75
CA ILE B 458 -29.58 -10.77 -41.25
C ILE B 458 -29.58 -11.98 -40.32
N PRO B 459 -28.67 -12.94 -40.48
CA PRO B 459 -28.62 -14.07 -39.57
C PRO B 459 -27.96 -13.70 -38.25
N LEU B 460 -28.42 -14.35 -37.19
CA LEU B 460 -28.01 -14.04 -35.82
C LEU B 460 -27.01 -15.09 -35.36
N ASP B 461 -25.74 -14.84 -35.66
CA ASP B 461 -24.66 -15.68 -35.14
C ASP B 461 -23.57 -14.79 -34.55
N PHE B 462 -22.44 -15.39 -34.18
CA PHE B 462 -21.42 -14.62 -33.46
C PHE B 462 -20.70 -13.65 -34.38
N GLY B 463 -19.98 -14.17 -35.37
CA GLY B 463 -19.21 -13.33 -36.26
C GLY B 463 -19.96 -12.92 -37.51
N THR B 464 -21.08 -12.23 -37.35
CA THR B 464 -21.87 -11.79 -38.51
C THR B 464 -22.29 -10.34 -38.38
N LEU B 465 -22.42 -9.84 -37.16
CA LEU B 465 -22.97 -8.52 -36.91
C LEU B 465 -21.90 -7.48 -36.61
N GLU B 466 -20.63 -7.87 -36.54
CA GLU B 466 -19.57 -6.91 -36.23
C GLU B 466 -19.38 -5.90 -37.34
N LYS B 467 -19.80 -6.21 -38.57
CA LYS B 467 -19.78 -5.25 -39.66
C LYS B 467 -21.01 -4.35 -39.69
N TYR B 468 -21.75 -4.28 -38.58
CA TYR B 468 -22.90 -3.39 -38.47
C TYR B 468 -22.84 -2.53 -37.21
N GLY B 469 -21.84 -2.70 -36.36
CA GLY B 469 -21.72 -1.92 -35.15
C GLY B 469 -22.04 -2.70 -33.88
N CYS B 470 -23.06 -3.55 -33.96
CA CYS B 470 -23.50 -4.33 -32.81
C CYS B 470 -23.02 -5.78 -32.95
N PHE B 471 -23.41 -6.61 -31.99
CA PHE B 471 -23.12 -8.03 -32.04
C PHE B 471 -24.17 -8.76 -31.19
N ILE B 472 -23.95 -10.06 -30.98
CA ILE B 472 -24.83 -10.90 -30.18
C ILE B 472 -23.94 -11.74 -29.27
N GLY B 473 -23.95 -11.45 -27.98
CA GLY B 473 -23.07 -12.12 -27.05
C GLY B 473 -23.76 -13.06 -26.08
N SER B 474 -24.98 -12.68 -25.65
CA SER B 474 -25.71 -13.43 -24.64
C SER B 474 -27.03 -13.98 -25.17
N ALA B 475 -27.25 -13.94 -26.48
CA ALA B 475 -28.49 -14.37 -27.11
C ALA B 475 -29.69 -13.52 -26.70
N ALA B 476 -29.45 -12.45 -25.94
CA ALA B 476 -30.54 -11.57 -25.54
C ALA B 476 -31.22 -10.98 -26.75
N VAL B 477 -32.56 -10.96 -26.72
CA VAL B 477 -33.35 -10.37 -27.78
C VAL B 477 -34.51 -9.62 -27.15
N VAL B 478 -34.90 -8.51 -27.80
CA VAL B 478 -36.03 -7.70 -27.35
C VAL B 478 -36.71 -7.15 -28.59
N ILE B 479 -37.98 -6.79 -28.44
CA ILE B 479 -38.79 -6.29 -29.54
C ILE B 479 -39.58 -5.09 -29.04
N LEU B 480 -39.43 -3.96 -29.70
CA LEU B 480 -40.13 -2.73 -29.35
C LEU B 480 -41.06 -2.35 -30.49
N SER B 481 -42.21 -1.80 -30.14
CA SER B 481 -43.25 -1.46 -31.10
C SER B 481 -43.24 0.04 -31.37
N ASP B 482 -44.20 0.48 -32.19
CA ASP B 482 -44.33 1.90 -32.48
C ASP B 482 -44.68 2.68 -31.22
N GLN B 483 -45.56 2.14 -30.39
CA GLN B 483 -45.97 2.80 -29.16
C GLN B 483 -44.80 3.07 -28.22
N ASP B 484 -43.64 2.48 -28.47
CA ASP B 484 -42.46 2.67 -27.63
C ASP B 484 -41.48 3.63 -28.30
N ASP B 485 -40.77 4.39 -27.47
CA ASP B 485 -39.81 5.38 -27.93
C ASP B 485 -38.40 4.87 -27.70
N VAL B 486 -37.51 5.18 -28.63
CA VAL B 486 -36.16 4.61 -28.61
C VAL B 486 -35.21 5.44 -27.76
N ARG B 487 -35.24 6.76 -27.91
CA ARG B 487 -34.29 7.60 -27.18
C ARG B 487 -34.39 7.38 -25.67
N GLY B 488 -35.61 7.23 -25.17
CA GLY B 488 -35.77 6.90 -23.75
C GLY B 488 -35.14 5.57 -23.40
N ALA B 489 -35.21 4.60 -24.31
CA ALA B 489 -34.58 3.31 -24.07
C ALA B 489 -33.06 3.44 -23.99
N ALA B 490 -32.48 4.21 -24.92
CA ALA B 490 -31.05 4.46 -24.88
C ALA B 490 -30.67 5.17 -23.59
N LEU B 491 -31.51 6.10 -23.14
CA LEU B 491 -31.23 6.80 -21.89
C LEU B 491 -31.23 5.85 -20.72
N ASN B 492 -32.19 4.93 -20.68
CA ASN B 492 -32.22 3.93 -19.61
C ASN B 492 -30.99 3.05 -19.65
N LEU B 493 -30.58 2.63 -20.86
CA LEU B 493 -29.39 1.80 -20.97
C LEU B 493 -28.16 2.54 -20.48
N MET B 494 -28.07 3.84 -20.79
CA MET B 494 -26.92 4.62 -20.35
C MET B 494 -26.95 4.80 -18.84
N LYS B 495 -28.12 4.98 -18.25
CA LYS B 495 -28.23 5.02 -16.80
C LYS B 495 -27.71 3.71 -16.19
N PHE B 496 -28.15 2.59 -16.76
CA PHE B 496 -27.68 1.29 -16.30
C PHE B 496 -26.16 1.22 -16.34
N PHE B 497 -25.58 1.50 -17.50
CA PHE B 497 -24.12 1.47 -17.64
C PHE B 497 -23.44 2.48 -16.72
N GLU B 498 -24.16 3.51 -16.29
CA GLU B 498 -23.57 4.49 -15.38
C GLU B 498 -23.55 3.95 -13.96
N ASP B 499 -24.56 3.19 -13.58
CA ASP B 499 -24.63 2.64 -12.23
C ASP B 499 -23.88 1.33 -12.08
N GLU B 500 -23.63 0.61 -13.17
CA GLU B 500 -22.91 -0.65 -13.12
C GLU B 500 -21.42 -0.50 -13.38
N SER B 501 -20.94 0.73 -13.65
CA SER B 501 -19.53 0.95 -13.91
C SER B 501 -18.68 0.61 -12.69
N CYS B 502 -17.55 -0.05 -12.93
CA CYS B 502 -16.64 -0.39 -11.84
C CYS B 502 -16.10 0.87 -11.16
N GLY B 503 -15.57 1.81 -11.95
CA GLY B 503 -15.07 3.06 -11.42
C GLY B 503 -13.59 3.30 -11.54
N GLN B 504 -12.87 2.49 -12.32
CA GLN B 504 -11.42 2.61 -12.41
C GLN B 504 -11.01 3.48 -13.59
N CYS B 505 -11.40 3.09 -14.79
CA CYS B 505 -10.99 3.78 -16.00
C CYS B 505 -11.82 5.04 -16.20
N THR B 506 -11.14 6.13 -16.56
CA THR B 506 -11.82 7.41 -16.72
C THR B 506 -12.90 7.39 -17.79
N PRO B 507 -12.65 6.89 -19.00
CA PRO B 507 -13.68 6.96 -20.04
C PRO B 507 -15.06 6.52 -19.58
N CYS B 508 -15.17 5.36 -18.93
CA CYS B 508 -16.48 4.94 -18.42
C CYS B 508 -16.96 5.92 -17.36
N ARG B 509 -16.15 6.11 -16.31
CA ARG B 509 -16.60 6.82 -15.12
C ARG B 509 -17.21 8.18 -15.47
N SER B 510 -16.56 8.92 -16.34
CA SER B 510 -17.01 10.27 -16.68
C SER B 510 -17.84 10.32 -17.95
N GLY B 511 -17.52 9.49 -18.94
CA GLY B 511 -18.28 9.47 -20.17
C GLY B 511 -19.72 9.05 -19.96
N THR B 512 -19.94 8.07 -19.08
CA THR B 512 -21.32 7.67 -18.78
C THR B 512 -22.11 8.84 -18.22
N GLN B 513 -21.48 9.63 -17.33
CA GLN B 513 -22.15 10.82 -16.81
C GLN B 513 -22.44 11.82 -17.92
N LYS B 514 -21.42 12.13 -18.73
CA LYS B 514 -21.60 13.13 -19.78
C LYS B 514 -22.65 12.68 -20.79
N ALA B 515 -22.84 11.38 -20.96
CA ALA B 515 -23.84 10.89 -21.89
C ALA B 515 -25.23 10.91 -21.26
N ARG B 516 -25.33 10.47 -20.00
CA ARG B 516 -26.58 10.61 -19.27
C ARG B 516 -27.02 12.06 -19.17
N MET B 517 -26.10 13.00 -19.32
CA MET B 517 -26.44 14.41 -19.33
C MET B 517 -26.79 14.91 -20.74
N LEU B 518 -25.92 14.63 -21.71
CA LEU B 518 -26.18 15.10 -23.07
C LEU B 518 -27.47 14.52 -23.62
N MET B 519 -27.78 13.27 -23.28
CA MET B 519 -28.99 12.63 -23.77
C MET B 519 -30.23 13.10 -23.01
N GLU B 520 -30.07 14.02 -22.06
CA GLU B 520 -31.21 14.52 -21.29
C GLU B 520 -31.92 15.64 -22.03
N ASN B 521 -31.17 16.62 -22.54
CA ASN B 521 -31.78 17.78 -23.17
C ASN B 521 -32.67 17.36 -24.34
N GLY B 522 -33.46 18.33 -24.82
CA GLY B 522 -34.38 18.04 -25.90
C GLY B 522 -33.71 17.48 -27.15
N VAL B 523 -32.47 17.90 -27.40
CA VAL B 523 -31.69 17.43 -28.54
C VAL B 523 -30.23 17.37 -28.15
N TRP B 524 -29.54 16.32 -28.62
CA TRP B 524 -28.10 16.20 -28.43
C TRP B 524 -27.38 16.40 -29.75
N ASP B 525 -26.11 16.79 -29.66
CA ASP B 525 -25.37 17.21 -30.85
C ASP B 525 -25.05 16.02 -31.75
N THR B 526 -24.75 14.87 -31.17
CA THR B 526 -24.36 13.64 -31.84
C THR B 526 -22.92 13.69 -32.35
N ASP B 527 -22.29 14.86 -32.42
CA ASP B 527 -20.92 14.95 -32.91
C ASP B 527 -19.93 14.86 -31.75
N LEU B 528 -20.11 15.69 -30.72
CA LEU B 528 -19.45 15.43 -29.45
C LEU B 528 -19.65 13.99 -29.03
N LEU B 529 -20.84 13.44 -29.32
CA LEU B 529 -21.12 12.06 -28.94
C LEU B 529 -20.31 11.07 -29.77
N GLY B 530 -20.19 11.30 -31.08
CA GLY B 530 -19.34 10.45 -31.89
C GLY B 530 -17.90 10.46 -31.41
N GLU B 531 -17.38 11.65 -31.12
CA GLU B 531 -16.02 11.74 -30.60
C GLU B 531 -15.88 10.97 -29.29
N LEU B 532 -16.81 11.20 -28.36
CA LEU B 532 -16.75 10.53 -27.07
C LEU B 532 -16.85 9.01 -27.23
N ALA B 533 -17.62 8.56 -28.22
CA ALA B 533 -17.78 7.12 -28.42
C ALA B 533 -16.51 6.52 -28.98
N GLN B 534 -15.90 7.17 -29.97
CA GLN B 534 -14.60 6.72 -30.47
C GLN B 534 -13.60 6.61 -29.33
N CYS B 535 -13.55 7.63 -28.48
CA CYS B 535 -12.62 7.62 -27.37
C CYS B 535 -12.89 6.47 -26.42
N MET B 536 -14.14 6.33 -25.97
CA MET B 536 -14.47 5.27 -25.02
C MET B 536 -14.23 3.89 -25.61
N ARG B 537 -14.44 3.71 -26.91
CA ARG B 537 -14.27 2.42 -27.53
C ARG B 537 -12.81 2.08 -27.79
N ASP B 538 -11.95 3.09 -27.92
CA ASP B 538 -10.54 2.85 -28.16
C ASP B 538 -9.69 2.91 -26.91
N ALA B 539 -10.21 3.40 -25.79
CA ALA B 539 -9.38 3.69 -24.62
C ALA B 539 -10.04 3.22 -23.33
N SER B 540 -10.64 2.03 -23.34
CA SER B 540 -11.32 1.50 -22.16
C SER B 540 -10.67 0.18 -21.75
N ILE B 541 -10.39 0.05 -20.45
CA ILE B 541 -9.71 -1.13 -19.95
C ILE B 541 -10.57 -2.37 -20.15
N CYS B 542 -11.79 -2.34 -19.64
CA CYS B 542 -12.68 -3.48 -19.65
C CYS B 542 -13.51 -3.51 -20.92
N GLY B 543 -14.14 -4.66 -21.18
CA GLY B 543 -15.02 -4.83 -22.29
C GLY B 543 -16.39 -4.21 -22.15
N LEU B 544 -16.63 -3.45 -21.08
CA LEU B 544 -17.90 -2.76 -20.91
C LEU B 544 -17.85 -1.38 -21.56
N GLY B 545 -16.90 -0.55 -21.15
CA GLY B 545 -16.72 0.74 -21.79
C GLY B 545 -16.57 0.62 -23.30
N GLN B 546 -16.07 -0.52 -23.78
CA GLN B 546 -15.93 -0.73 -25.21
C GLN B 546 -17.28 -0.87 -25.91
N ALA B 547 -18.37 -0.94 -25.16
CA ALA B 547 -19.69 -1.18 -25.73
C ALA B 547 -20.76 -0.20 -25.26
N ALA B 548 -20.53 0.53 -24.17
CA ALA B 548 -21.55 1.45 -23.66
C ALA B 548 -21.91 2.53 -24.67
N SER B 549 -21.17 2.66 -25.77
CA SER B 549 -21.47 3.64 -26.80
C SER B 549 -22.10 3.01 -28.03
N ASN B 550 -22.25 1.70 -28.07
CA ASN B 550 -22.89 1.05 -29.22
C ASN B 550 -24.31 1.56 -29.43
N PRO B 551 -25.17 1.66 -28.41
CA PRO B 551 -26.56 2.03 -28.68
C PRO B 551 -26.70 3.40 -29.33
N VAL B 552 -26.09 4.42 -28.73
CA VAL B 552 -26.24 5.78 -29.26
C VAL B 552 -25.71 5.86 -30.68
N SER B 553 -24.59 5.20 -30.96
CA SER B 553 -24.02 5.24 -32.30
C SER B 553 -24.94 4.56 -33.30
N THR B 554 -25.46 3.39 -32.95
CA THR B 554 -26.41 2.71 -33.83
C THR B 554 -27.63 3.58 -34.08
N VAL B 555 -28.08 4.33 -33.07
CA VAL B 555 -29.22 5.22 -33.26
C VAL B 555 -28.86 6.32 -34.24
N ILE B 556 -27.69 6.93 -34.06
CA ILE B 556 -27.25 7.98 -34.97
C ILE B 556 -27.21 7.46 -36.40
N LYS B 557 -26.77 6.21 -36.58
CA LYS B 557 -26.56 5.69 -37.93
C LYS B 557 -27.87 5.26 -38.58
N TYR B 558 -28.56 4.31 -37.98
CA TYR B 558 -29.70 3.66 -38.62
C TYR B 558 -31.02 4.33 -38.34
N PHE B 559 -31.04 5.38 -37.52
CA PHE B 559 -32.26 6.14 -37.23
C PHE B 559 -32.08 7.60 -37.64
N PRO B 560 -31.79 7.85 -38.92
CA PRO B 560 -31.55 9.23 -39.36
C PRO B 560 -32.80 10.08 -39.43
N ASP B 561 -33.96 9.55 -39.05
CA ASP B 561 -35.21 10.29 -39.09
C ASP B 561 -35.62 10.84 -37.72
N LEU B 562 -34.74 10.71 -36.72
CA LEU B 562 -35.02 11.20 -35.37
C LEU B 562 -34.17 12.40 -35.02
N PHE B 563 -33.65 13.12 -36.01
CA PHE B 563 -32.81 14.29 -35.77
C PHE B 563 -33.05 15.37 -36.81
W W C . 18.47 8.39 23.71
PB MGD D . 17.88 17.03 24.23
O1B MGD D . 18.13 16.63 22.82
O2B MGD D . 16.50 16.88 24.80
O3B MGD D . 18.85 16.22 25.18
O3A MGD D . 17.57 14.57 26.53
PA MGD D . 18.46 15.89 26.68
O1A MGD D . 19.67 15.61 27.50
O2A MGD D . 17.56 17.00 27.13
O5' MGD D . 18.38 18.53 24.44
C5' MGD D . 19.55 18.93 23.70
C4' MGD D . 19.82 20.39 23.94
O4' MGD D . 20.60 20.89 22.83
C3' MGD D . 18.59 21.31 24.00
O3' MGD D . 18.89 22.43 24.82
C2' MGD D . 18.53 21.80 22.56
O2' MGD D . 17.75 22.96 22.43
C1' MGD D . 20.01 22.05 22.31
N9 MGD D . 20.35 22.08 20.90
C8 MGD D . 19.53 21.69 19.88
N7 MGD D . 20.10 21.79 18.70
C5 MGD D . 21.38 22.25 18.97
C6 MGD D . 22.45 22.53 18.09
O6 MGD D . 22.48 22.43 16.86
N1 MGD D . 23.58 22.97 18.77
C2 MGD D . 23.65 23.12 20.12
N2 MGD D . 24.83 23.55 20.60
N3 MGD D . 22.65 22.86 20.97
C4 MGD D . 21.54 22.43 20.32
C10 MGD D . 18.04 13.36 25.83
C11 MGD D . 17.93 12.15 26.76
O11 MGD D . 16.79 12.30 27.62
C12 MGD D . 17.92 10.75 26.21
S12 MGD D . 18.26 10.04 24.63
C13 MGD D . 17.58 9.82 27.12
S13 MGD D . 18.02 8.24 26.52
C14 MGD D . 16.74 10.02 28.34
N15 MGD D . 15.36 9.85 27.89
C16 MGD D . 14.35 10.64 28.39
C17 MGD D . 13.02 10.46 28.00
O17 MGD D . 12.64 9.62 27.19
N18 MGD D . 12.08 11.30 28.57
C19 MGD D . 12.43 12.26 29.48
N19 MGD D . 11.46 13.03 29.98
N20 MGD D . 13.68 12.43 29.86
C21 MGD D . 14.65 11.63 29.33
N22 MGD D . 15.93 11.83 29.72
C23 MGD D . 16.93 11.46 28.77
PB MGD E . 11.69 2.78 23.82
O1B MGD E . 11.03 3.92 23.15
O2B MGD E . 11.53 2.67 25.29
O3B MGD E . 13.22 2.84 23.44
O3A MGD E . 13.34 4.98 22.27
PA MGD E . 13.47 3.39 21.98
O1A MGD E . 14.82 3.04 21.46
O2A MGD E . 12.31 2.90 21.20
O5' MGD E . 11.29 1.41 23.10
C5' MGD E . 11.89 0.16 23.54
C4' MGD E . 10.95 -0.98 23.28
O4' MGD E . 11.26 -2.06 24.20
C3' MGD E . 9.47 -0.67 23.53
O3' MGD E . 8.68 -1.64 22.86
C2' MGD E . 9.40 -0.98 25.02
O2' MGD E . 8.10 -1.07 25.57
C1' MGD E . 10.10 -2.32 24.97
N9 MGD E . 10.46 -2.84 26.29
C8 MGD E . 9.93 -2.44 27.48
N7 MGD E . 10.42 -3.10 28.51
C5 MGD E . 11.31 -3.99 27.94
C6 MGD E . 12.13 -4.98 28.55
O6 MGD E . 12.21 -5.25 29.75
N1 MGD E . 12.88 -5.69 27.62
C2 MGD E . 12.85 -5.47 26.26
N2 MGD E . 13.64 -6.25 25.52
N3 MGD E . 12.09 -4.54 25.68
C4 MGD E . 11.34 -3.85 26.56
C10 MGD E . 14.33 5.78 23.01
C11 MGD E . 15.33 6.52 22.09
O11 MGD E . 14.55 7.12 21.04
C12 MGD E . 16.33 7.52 22.67
S12 MGD E . 16.65 8.05 24.33
C13 MGD E . 17.03 8.10 21.68
S13 MGD E . 18.76 8.00 21.43
C14 MGD E . 16.11 8.87 20.76
N15 MGD E . 15.18 9.62 21.60
C16 MGD E . 13.85 9.78 21.22
C17 MGD E . 12.95 10.50 22.00
O17 MGD E . 13.24 11.02 23.08
N18 MGD E . 11.66 10.62 21.52
C19 MGD E . 11.29 10.07 20.32
N19 MGD E . 10.01 10.24 19.95
N20 MGD E . 12.14 9.39 19.57
C21 MGD E . 13.43 9.26 20.00
N22 MGD E . 14.29 8.54 19.26
C23 MGD E . 15.28 7.85 20.04
FE1 FES F . -2.25 6.45 -16.99
FE2 FES F . 0.49 5.47 -17.69
S1 FES F . -1.53 4.66 -18.04
S2 FES F . -0.45 7.45 -17.73
FE1 SF4 G . -6.35 11.89 -7.57
FE2 SF4 G . -7.86 13.28 -5.76
FE3 SF4 G . -5.14 13.17 -5.48
FE4 SF4 G . -6.66 10.94 -5.02
S1 SF4 G . -6.69 12.91 -3.85
S2 SF4 G . -4.72 11.05 -6.22
S3 SF4 G . -8.29 11.22 -6.57
S4 SF4 G . -6.29 14.14 -7.19
FE1 SF4 H . -0.99 10.10 3.86
FE2 SF4 H . -2.01 10.29 6.40
FE3 SF4 H . 0.64 10.80 5.95
FE4 SF4 H . -0.32 8.24 5.75
S1 SF4 H . -0.25 9.54 7.63
S2 SF4 H . 1.09 9.29 4.29
S3 SF4 H . -2.39 8.63 4.89
S4 SF4 H . -1.13 11.98 5.13
FE1 SF4 I . 13.50 13.24 10.32
FE2 SF4 I . 11.86 11.06 10.41
FE3 SF4 I . 13.92 11.30 12.20
FE4 SF4 I . 14.44 10.80 9.56
S1 SF4 I . 13.34 9.44 11.03
S2 SF4 I . 15.49 12.32 10.90
S3 SF4 I . 12.79 11.99 8.55
S4 SF4 I . 12.10 12.66 12.02
N1 FMN J . -20.39 -13.80 -19.18
C2 FMN J . -21.36 -14.44 -18.44
O2 FMN J . -21.57 -15.64 -18.59
N3 FMN J . -22.12 -13.73 -17.53
C4 FMN J . -21.90 -12.38 -17.35
O4 FMN J . -22.58 -11.75 -16.55
C4A FMN J . -20.92 -11.73 -18.09
N5 FMN J . -20.71 -10.39 -17.92
C5A FMN J . -19.74 -9.75 -18.65
C6 FMN J . -19.53 -8.39 -18.47
C7 FMN J . -18.54 -7.74 -19.21
C7M FMN J . -18.31 -6.27 -19.01
C8 FMN J . -17.77 -8.44 -20.12
C8M FMN J . -16.72 -7.74 -20.92
C9 FMN J . -17.99 -9.81 -20.31
C9A FMN J . -18.97 -10.46 -19.56
N10 FMN J . -19.18 -11.81 -19.74
C10 FMN J . -20.16 -12.44 -19.01
C1' FMN J . -18.35 -12.56 -20.74
C2' FMN J . -17.31 -13.43 -20.03
O2' FMN J . -16.09 -13.39 -20.72
C3' FMN J . -17.81 -14.87 -19.96
O3' FMN J . -18.52 -15.03 -18.76
C4' FMN J . -16.69 -15.90 -20.03
O4' FMN J . -15.74 -15.50 -21.00
C5' FMN J . -17.28 -17.24 -20.42
O5' FMN J . -16.38 -17.97 -21.22
P FMN J . -16.93 -19.12 -22.21
O1P FMN J . -17.31 -18.48 -23.51
O2P FMN J . -15.86 -20.16 -22.44
O3P FMN J . -18.14 -19.77 -21.59
FE1 SF4 K . -15.05 -1.04 -16.19
FE2 SF4 K . -15.72 1.36 -17.32
FE3 SF4 K . -13.15 0.42 -17.51
FE4 SF4 K . -14.11 1.28 -15.10
S1 SF4 K . -13.79 2.53 -16.97
S2 SF4 K . -12.92 -0.62 -15.50
S3 SF4 K . -16.29 0.61 -15.23
S4 SF4 K . -15.03 -0.51 -18.41
FE1 FES L . -36.79 -5.96 -16.08
FE2 FES L . -34.99 -8.35 -16.17
S1 FES L . -35.94 -7.13 -17.72
S2 FES L . -36.66 -7.78 -14.85
#